data_3GK2
# 
_entry.id   3GK2 
# 
_audit_conform.dict_name       mmcif_pdbx.dic 
_audit_conform.dict_version    5.378 
_audit_conform.dict_location   http://mmcif.pdb.org/dictionaries/ascii/mmcif_pdbx.dic 
# 
loop_
_database_2.database_id 
_database_2.database_code 
_database_2.pdbx_database_accession 
_database_2.pdbx_DOI 
PDB   3GK2         pdb_00003gk2 10.2210/pdb3gk2/pdb 
RCSB  RCSB051958   ?            ?                   
WWPDB D_1000051958 ?            ?                   
# 
loop_
_pdbx_database_related.db_name 
_pdbx_database_related.db_id 
_pdbx_database_related.details 
_pdbx_database_related.content_type 
PDB 1MHO 'THE 2.0 A STRUCTURE OF HOLO S100B FROM BOVINE BRAIN'                                                           
unspecified 
PDB 3CR2 'X-ray structure of bovine Zn(2+),Ca(2+)-S100B'                                                                 
unspecified 
PDB 3CR4 'X-ray structure of bovine Pnt,Ca(2+)-S100B'                                                                    
unspecified 
PDB 3CR5 'X-ray structure of bovine Pnt-Zn(2+),Ca(2+)-S100B'                                                             
unspecified 
PDB 1DT7 'SOLUTION STRUCTURE OF THE C-TERMINAL NEGATIVE REGULATORY DOMAIN OF P53 IN A COMPLEX WITH CA2+-BOUND S100B(BB)' 
unspecified 
PDB 3GK1 .                                                                                                               
unspecified 
PDB 3GK4 .                                                                                                               
unspecified 
# 
_pdbx_database_status.entry_id                        3GK2 
_pdbx_database_status.deposit_site                    RCSB 
_pdbx_database_status.process_site                    RCSB 
_pdbx_database_status.recvd_initial_deposition_date   2009-03-09 
_pdbx_database_status.status_code                     REL 
_pdbx_database_status.status_code_sf                  REL 
_pdbx_database_status.status_code_mr                  ? 
_pdbx_database_status.SG_entry                        ? 
_pdbx_database_status.pdb_format_compatible           Y 
_pdbx_database_status.status_code_cs                  ? 
_pdbx_database_status.methods_development_category    ? 
_pdbx_database_status.status_code_nmr_data            ? 
# 
loop_
_audit_author.name 
_audit_author.pdbx_ordinal 
_audit_author.identifier_ORCID 
'Charpentier, T.H.' 1 ? 
'Weber, D.J.'       2 ? 
'Toth, E.A.'        3 ? 
# 
_citation.id                        primary 
_citation.title                     
;Small molecules bound to unique sites in the target protein binding cleft of calcium-bound S100B as characterized by nuclear magnetic resonance and X-ray crystallography.
;
_citation.journal_abbrev            Biochemistry 
_citation.journal_volume            48 
_citation.page_first                6202 
_citation.page_last                 6212 
_citation.year                      2009 
_citation.journal_id_ASTM           BICHAW 
_citation.country                   US 
_citation.journal_id_ISSN           0006-2960 
_citation.journal_id_CSD            0033 
_citation.book_publisher            ? 
_citation.pdbx_database_id_PubMed   19469484 
_citation.pdbx_database_id_DOI      10.1021/bi9005754 
# 
loop_
_citation_author.citation_id 
_citation_author.name 
_citation_author.ordinal 
_citation_author.identifier_ORCID 
primary 'Charpentier, T.H.' 1  ? 
primary 'Wilder, P.T.'      2  ? 
primary 'Liriano, M.A.'     3  ? 
primary 'Varney, K.M.'      4  ? 
primary 'Zhong, S.'         5  ? 
primary 'Coop, A.'          6  ? 
primary 'Pozharski, E.'     7  ? 
primary 'MacKerell, A.D.'   8  ? 
primary 'Toth, E.A.'        9  ? 
primary 'Weber, D.J.'       10 ? 
# 
_cell.length_a           34.224 
_cell.length_b           91.158 
_cell.length_c           58.649 
_cell.angle_alpha        90.000 
_cell.angle_beta         90.000 
_cell.angle_gamma        90.000 
_cell.entry_id           3GK2 
_cell.pdbx_unique_axis   ? 
_cell.Z_PDB              8 
_cell.length_a_esd       ? 
_cell.length_b_esd       ? 
_cell.length_c_esd       ? 
_cell.angle_alpha_esd    ? 
_cell.angle_beta_esd     ? 
_cell.angle_gamma_esd    ? 
# 
_symmetry.space_group_name_H-M             'C 2 2 21' 
_symmetry.entry_id                         3GK2 
_symmetry.Int_Tables_number                20 
_symmetry.pdbx_full_space_group_name_H-M   ? 
_symmetry.cell_setting                     ? 
_symmetry.space_group_name_Hall            ? 
# 
loop_
_entity.id 
_entity.type 
_entity.src_method 
_entity.pdbx_description 
_entity.formula_weight 
_entity.pdbx_number_of_molecules 
_entity.pdbx_ec 
_entity.pdbx_mutation 
_entity.pdbx_fragment 
_entity.details 
1 polymer     man 'Protein S100-B'                                                10681.974 1  ? ? ? ? 
2 non-polymer syn 'CALCIUM ION'                                                   40.078    2  ? ? ? ? 
3 non-polymer syn '(Z)-2-[2-(4-methylpiperazin-1-yl)benzyl]diazenecarbothioamide' 277.388   1  ? ? ? ? 
4 non-polymer syn 'CACODYLATE ION'                                                136.989   1  ? ? ? ? 
5 water       nat water                                                           18.015    33 ? ? ? ? 
# 
_entity_name_com.entity_id   1 
_entity_name_com.name        'S100 calcium-binding protein B, S-100 protein subunit beta, S-100 protein beta chain' 
# 
_entity_poly.entity_id                      1 
_entity_poly.type                           'polypeptide(L)' 
_entity_poly.nstd_linkage                   no 
_entity_poly.nstd_monomer                   no 
_entity_poly.pdbx_seq_one_letter_code       
;MSELEKAVVALIDVFHQYSGREGDKHKLKKSELKELINNELSHFLEEIKEQEVVDKVMETLDSDGDGECDFQEFMAFVAM
ITTACHEFFEHE
;
_entity_poly.pdbx_seq_one_letter_code_can   
;MSELEKAVVALIDVFHQYSGREGDKHKLKKSELKELINNELSHFLEEIKEQEVVDKVMETLDSDGDGECDFQEFMAFVAM
ITTACHEFFEHE
;
_entity_poly.pdbx_strand_id                 A 
_entity_poly.pdbx_target_identifier         ? 
# 
loop_
_entity_poly_seq.entity_id 
_entity_poly_seq.num 
_entity_poly_seq.mon_id 
_entity_poly_seq.hetero 
1 1  MET n 
1 2  SER n 
1 3  GLU n 
1 4  LEU n 
1 5  GLU n 
1 6  LYS n 
1 7  ALA n 
1 8  VAL n 
1 9  VAL n 
1 10 ALA n 
1 11 LEU n 
1 12 ILE n 
1 13 ASP n 
1 14 VAL n 
1 15 PHE n 
1 16 HIS n 
1 17 GLN n 
1 18 TYR n 
1 19 SER n 
1 20 GLY n 
1 21 ARG n 
1 22 GLU n 
1 23 GLY n 
1 24 ASP n 
1 25 LYS n 
1 26 HIS n 
1 27 LYS n 
1 28 LEU n 
1 29 LYS n 
1 30 LYS n 
1 31 SER n 
1 32 GLU n 
1 33 LEU n 
1 34 LYS n 
1 35 GLU n 
1 36 LEU n 
1 37 ILE n 
1 38 ASN n 
1 39 ASN n 
1 40 GLU n 
1 41 LEU n 
1 42 SER n 
1 43 HIS n 
1 44 PHE n 
1 45 LEU n 
1 46 GLU n 
1 47 GLU n 
1 48 ILE n 
1 49 LYS n 
1 50 GLU n 
1 51 GLN n 
1 52 GLU n 
1 53 VAL n 
1 54 VAL n 
1 55 ASP n 
1 56 LYS n 
1 57 VAL n 
1 58 MET n 
1 59 GLU n 
1 60 THR n 
1 61 LEU n 
1 62 ASP n 
1 63 SER n 
1 64 ASP n 
1 65 GLY n 
1 66 ASP n 
1 67 GLY n 
1 68 GLU n 
1 69 CYS n 
1 70 ASP n 
1 71 PHE n 
1 72 GLN n 
1 73 GLU n 
1 74 PHE n 
1 75 MET n 
1 76 ALA n 
1 77 PHE n 
1 78 VAL n 
1 79 ALA n 
1 80 MET n 
1 81 ILE n 
1 82 THR n 
1 83 THR n 
1 84 ALA n 
1 85 CYS n 
1 86 HIS n 
1 87 GLU n 
1 88 PHE n 
1 89 PHE n 
1 90 GLU n 
1 91 HIS n 
1 92 GLU n 
# 
_entity_src_gen.entity_id                          1 
_entity_src_gen.pdbx_src_id                        1 
_entity_src_gen.pdbx_alt_source_flag               sample 
_entity_src_gen.pdbx_seq_type                      ? 
_entity_src_gen.pdbx_beg_seq_num                   ? 
_entity_src_gen.pdbx_end_seq_num                   ? 
_entity_src_gen.gene_src_common_name               'bovine,cow,domestic cattle,domestic cow' 
_entity_src_gen.gene_src_genus                     ? 
_entity_src_gen.pdbx_gene_src_gene                 S100B 
_entity_src_gen.gene_src_species                   ? 
_entity_src_gen.gene_src_strain                    ? 
_entity_src_gen.gene_src_tissue                    ? 
_entity_src_gen.gene_src_tissue_fraction           ? 
_entity_src_gen.gene_src_details                   ? 
_entity_src_gen.pdbx_gene_src_fragment             ? 
_entity_src_gen.pdbx_gene_src_scientific_name      'Bos taurus' 
_entity_src_gen.pdbx_gene_src_ncbi_taxonomy_id     9913 
_entity_src_gen.pdbx_gene_src_variant              ? 
_entity_src_gen.pdbx_gene_src_cell_line            ? 
_entity_src_gen.pdbx_gene_src_atcc                 ? 
_entity_src_gen.pdbx_gene_src_organ                ? 
_entity_src_gen.pdbx_gene_src_organelle            ? 
_entity_src_gen.pdbx_gene_src_cell                 ? 
_entity_src_gen.pdbx_gene_src_cellular_location    ? 
_entity_src_gen.host_org_common_name               ? 
_entity_src_gen.pdbx_host_org_scientific_name      'Escherichia coli' 
_entity_src_gen.pdbx_host_org_ncbi_taxonomy_id     562 
_entity_src_gen.host_org_genus                     ? 
_entity_src_gen.pdbx_host_org_gene                 ? 
_entity_src_gen.pdbx_host_org_organ                ? 
_entity_src_gen.host_org_species                   ? 
_entity_src_gen.pdbx_host_org_tissue               ? 
_entity_src_gen.pdbx_host_org_tissue_fraction      ? 
_entity_src_gen.pdbx_host_org_strain               'BL21(DE3)' 
_entity_src_gen.pdbx_host_org_variant              ? 
_entity_src_gen.pdbx_host_org_cell_line            ? 
_entity_src_gen.pdbx_host_org_atcc                 ? 
_entity_src_gen.pdbx_host_org_culture_collection   ? 
_entity_src_gen.pdbx_host_org_cell                 ? 
_entity_src_gen.pdbx_host_org_organelle            ? 
_entity_src_gen.pdbx_host_org_cellular_location    ? 
_entity_src_gen.pdbx_host_org_vector_type          plasmid 
_entity_src_gen.pdbx_host_org_vector               ? 
_entity_src_gen.host_org_details                   ? 
_entity_src_gen.expression_system_id               ? 
_entity_src_gen.plasmid_name                       pET11b 
_entity_src_gen.plasmid_details                    ? 
_entity_src_gen.pdbx_description                   ? 
# 
_struct_ref.id                         1 
_struct_ref.db_name                    UNP 
_struct_ref.db_code                    S100B_BOVIN 
_struct_ref.pdbx_db_accession          P02638 
_struct_ref.entity_id                  1 
_struct_ref.pdbx_seq_one_letter_code   
;MSELEKAVVALIDVFHQYSGREGDKHKLKKSELKELINNELSHFLEEIKEQEVVDKVMETLDSDGDGECDFQEFMAFVAM
ITTACHEFFEHE
;
_struct_ref.pdbx_align_begin           1 
_struct_ref.pdbx_db_isoform            ? 
# 
_struct_ref_seq.align_id                      1 
_struct_ref_seq.ref_id                        1 
_struct_ref_seq.pdbx_PDB_id_code              3GK2 
_struct_ref_seq.pdbx_strand_id                A 
_struct_ref_seq.seq_align_beg                 1 
_struct_ref_seq.pdbx_seq_align_beg_ins_code   ? 
_struct_ref_seq.seq_align_end                 92 
_struct_ref_seq.pdbx_seq_align_end_ins_code   ? 
_struct_ref_seq.pdbx_db_accession             P02638 
_struct_ref_seq.db_align_beg                  1 
_struct_ref_seq.pdbx_db_align_beg_ins_code    ? 
_struct_ref_seq.db_align_end                  92 
_struct_ref_seq.pdbx_db_align_end_ins_code    ? 
_struct_ref_seq.pdbx_auth_seq_align_beg       0 
_struct_ref_seq.pdbx_auth_seq_align_end       91 
# 
loop_
_chem_comp.id 
_chem_comp.type 
_chem_comp.mon_nstd_flag 
_chem_comp.name 
_chem_comp.pdbx_synonyms 
_chem_comp.formula 
_chem_comp.formula_weight 
27A non-polymer         . '(Z)-2-[2-(4-methylpiperazin-1-yl)benzyl]diazenecarbothioamide' ?                'C13 H19 N5 S'   
277.388 
ALA 'L-peptide linking' y ALANINE                                                         ?                'C3 H7 N O2'     89.093 
ARG 'L-peptide linking' y ARGININE                                                        ?                'C6 H15 N4 O2 1' 
175.209 
ASN 'L-peptide linking' y ASPARAGINE                                                      ?                'C4 H8 N2 O3'    
132.118 
ASP 'L-peptide linking' y 'ASPARTIC ACID'                                                 ?                'C4 H7 N O4'     
133.103 
CA  non-polymer         . 'CALCIUM ION'                                                   ?                'Ca 2'           40.078 
CAC non-polymer         . 'CACODYLATE ION'                                                dimethylarsinate 'C2 H6 As O2 -1' 
136.989 
CYS 'L-peptide linking' y CYSTEINE                                                        ?                'C3 H7 N O2 S'   
121.158 
GLN 'L-peptide linking' y GLUTAMINE                                                       ?                'C5 H10 N2 O3'   
146.144 
GLU 'L-peptide linking' y 'GLUTAMIC ACID'                                                 ?                'C5 H9 N O4'     
147.129 
GLY 'peptide linking'   y GLYCINE                                                         ?                'C2 H5 N O2'     75.067 
HIS 'L-peptide linking' y HISTIDINE                                                       ?                'C6 H10 N3 O2 1' 
156.162 
HOH non-polymer         . WATER                                                           ?                'H2 O'           18.015 
ILE 'L-peptide linking' y ISOLEUCINE                                                      ?                'C6 H13 N O2'    
131.173 
LEU 'L-peptide linking' y LEUCINE                                                         ?                'C6 H13 N O2'    
131.173 
LYS 'L-peptide linking' y LYSINE                                                          ?                'C6 H15 N2 O2 1' 
147.195 
MET 'L-peptide linking' y METHIONINE                                                      ?                'C5 H11 N O2 S'  
149.211 
PHE 'L-peptide linking' y PHENYLALANINE                                                   ?                'C9 H11 N O2'    
165.189 
SER 'L-peptide linking' y SERINE                                                          ?                'C3 H7 N O3'     
105.093 
THR 'L-peptide linking' y THREONINE                                                       ?                'C4 H9 N O3'     
119.119 
TYR 'L-peptide linking' y TYROSINE                                                        ?                'C9 H11 N O3'    
181.189 
VAL 'L-peptide linking' y VALINE                                                          ?                'C5 H11 N O2'    
117.146 
# 
_exptl.crystals_number   1 
_exptl.entry_id          3GK2 
_exptl.method            'X-RAY DIFFRACTION' 
# 
_exptl_crystal.id                    1 
_exptl_crystal.density_Matthews      2.14 
_exptl_crystal.density_meas          ? 
_exptl_crystal.density_percent_sol   42.55 
_exptl_crystal.description           ? 
_exptl_crystal.F_000                 ? 
_exptl_crystal.preparation           ? 
# 
_exptl_crystal_grow.crystal_id      1 
_exptl_crystal_grow.method          'VAPOR DIFFUSION, SITTING DROP' 
_exptl_crystal_grow.pH              6.5 
_exptl_crystal_grow.temp            295 
_exptl_crystal_grow.pdbx_details    
'28% PEG3350, 7.5mM CaCl2, 100mM Cacodylate buffer, pH 6.5, VAPOR DIFFUSION, SITTING DROP, temperature 295K' 
_exptl_crystal_grow.temp_details    ? 
_exptl_crystal_grow.pdbx_pH_range   ? 
# 
_diffrn.id                     1 
_diffrn.ambient_temp           100 
_diffrn.ambient_temp_details   ? 
_diffrn.crystal_id             1 
# 
_diffrn_detector.diffrn_id              1 
_diffrn_detector.detector               CCD 
_diffrn_detector.type                   'ADSC QUANTUM 315r' 
_diffrn_detector.pdbx_collection_date   2007-07-18 
_diffrn_detector.details                ? 
# 
_diffrn_radiation.diffrn_id                        1 
_diffrn_radiation.pdbx_diffrn_protocol             'SINGLE WAVELENGTH' 
_diffrn_radiation.monochromator                    ? 
_diffrn_radiation.wavelength_id                    1 
_diffrn_radiation.pdbx_monochromatic_or_laue_m_l   M 
_diffrn_radiation.pdbx_scattering_type             x-ray 
# 
_diffrn_radiation_wavelength.id           1 
_diffrn_radiation_wavelength.wavelength   0.97 
_diffrn_radiation_wavelength.wt           1.0 
# 
_diffrn_source.diffrn_id                   1 
_diffrn_source.source                      SYNCHROTRON 
_diffrn_source.type                        'SSRL BEAMLINE BL7-1' 
_diffrn_source.pdbx_wavelength_list        0.97 
_diffrn_source.pdbx_wavelength             ? 
_diffrn_source.pdbx_synchrotron_site       SSRL 
_diffrn_source.pdbx_synchrotron_beamline   BL7-1 
# 
_reflns.entry_id                     3GK2 
_reflns.d_resolution_high            1.984 
_reflns.d_resolution_low             45.600 
_reflns.number_obs                   6299 
_reflns.pdbx_Rmerge_I_obs            0.049 
_reflns.pdbx_netI_over_sigmaI        27.849 
_reflns.pdbx_chi_squared             1.101 
_reflns.pdbx_redundancy              6.300 
_reflns.percent_possible_obs         95.400 
_reflns.observed_criterion_sigma_F   ? 
_reflns.observed_criterion_sigma_I   ? 
_reflns.number_all                   ? 
_reflns.pdbx_Rsym_value              ? 
_reflns.B_iso_Wilson_estimate        ? 
_reflns.R_free_details               ? 
_reflns.limit_h_max                  ? 
_reflns.limit_h_min                  ? 
_reflns.limit_k_max                  ? 
_reflns.limit_k_min                  ? 
_reflns.limit_l_max                  ? 
_reflns.limit_l_min                  ? 
_reflns.observed_criterion_F_max     ? 
_reflns.observed_criterion_F_min     ? 
_reflns.pdbx_scaling_rejects         ? 
_reflns.pdbx_ordinal                 1 
_reflns.pdbx_diffrn_id               1 
# 
loop_
_reflns_shell.d_res_high 
_reflns_shell.d_res_low 
_reflns_shell.number_measured_obs 
_reflns_shell.number_measured_all 
_reflns_shell.number_unique_obs 
_reflns_shell.Rmerge_I_obs 
_reflns_shell.meanI_over_sigI_obs 
_reflns_shell.pdbx_Rsym_value 
_reflns_shell.pdbx_chi_squared 
_reflns_shell.pdbx_redundancy 
_reflns_shell.percent_possible_obs 
_reflns_shell.number_unique_all 
_reflns_shell.percent_possible_all 
_reflns_shell.pdbx_ordinal 
_reflns_shell.pdbx_diffrn_id 
1.984 2.07  ? ? ? 0.233 ? ? 1.011 3.80 ? 487 77.20  1  1 
2.07  2.15  ? ? ? 0.244 ? ? 1.245 4.70 ? 610 91.90  2  1 
2.15  2.25  ? ? ? 0.142 ? ? 1.163 5.70 ? 611 97.30  3  1 
2.25  2.37  ? ? ? 0.155 ? ? 1.163 6.50 ? 648 99.50  4  1 
2.37  2.52  ? ? ? 0.094 ? ? 1.088 6.90 ? 657 100.00 5  1 
2.52  2.71  ? ? ? 0.073 ? ? 1.118 7.10 ? 656 100.00 6  1 
2.71  2.99  ? ? ? 0.061 ? ? 1.042 7.10 ? 650 100.00 7  1 
2.99  3.42  ? ? ? 0.060 ? ? 1.064 7.00 ? 665 100.00 8  1 
3.42  4.31  ? ? ? 0.047 ? ? 1.073 6.90 ? 678 99.70  9  1 
4.31  45.00 ? ? ? 0.032 ? ? 1.068 6.40 ? 637 88.30  10 1 
# 
_refine.entry_id                                 3GK2 
_refine.ls_d_res_high                            1.984 
_refine.ls_d_res_low                             45.600 
_refine.pdbx_ls_sigma_F                          0.00 
_refine.ls_percent_reflns_obs                    94.210 
_refine.ls_number_reflns_obs                     6284 
_refine.pdbx_ls_cross_valid_method               THROUGHOUT 
_refine.pdbx_R_Free_selection_details            RANDOM 
_refine.details                                  'HYDROGENS HAVE BEEN ADDED IN THE RIDING POSITIONS' 
_refine.ls_R_factor_obs                          0.229 
_refine.ls_R_factor_R_work                       0.227 
_refine.ls_wR_factor_R_work                      0.271 
_refine.ls_R_factor_R_free                       0.281 
_refine.ls_wR_factor_R_free                      0.303 
_refine.ls_percent_reflns_R_free                 4.600 
_refine.ls_number_reflns_R_free                  291 
_refine.ls_number_reflns_R_work                  5993 
_refine.B_iso_mean                               50.578 
_refine.aniso_B[1][1]                            2.540 
_refine.aniso_B[2][2]                            -2.170 
_refine.aniso_B[3][3]                            -0.370 
_refine.aniso_B[1][2]                            0.000 
_refine.aniso_B[1][3]                            0.000 
_refine.aniso_B[2][3]                            0.000 
_refine.correlation_coeff_Fo_to_Fc               0.947 
_refine.correlation_coeff_Fo_to_Fc_free          0.929 
_refine.overall_SU_R_Cruickshank_DPI             0.249 
_refine.overall_SU_R_free                        0.207 
_refine.pdbx_overall_ESU_R                       0.239 
_refine.pdbx_overall_ESU_R_Free                  0.207 
_refine.overall_SU_ML                            0.176 
_refine.overall_SU_B                             15.929 
_refine.solvent_model_details                    MASK 
_refine.pdbx_solvent_vdw_probe_radii             1.200 
_refine.pdbx_solvent_ion_probe_radii             0.800 
_refine.pdbx_solvent_shrinkage_radii             0.800 
_refine.pdbx_method_to_determine_struct          'MOLECULAR REPLACEMENT' 
_refine.pdbx_stereochemistry_target_values       'MAXIMUM LIKELIHOOD' 
_refine.overall_FOM_work_R_set                   0.740 
_refine.B_iso_max                                100.74 
_refine.B_iso_min                                41.15 
_refine.occupancy_max                            1.00 
_refine.occupancy_min                            0.30 
_refine.pdbx_refine_id                           'X-RAY DIFFRACTION' 
_refine.pdbx_starting_model                      'PDB ENTRY 1MHO' 
_refine.ls_R_factor_all                          ? 
_refine.ls_number_reflns_all                     ? 
_refine.pdbx_ls_sigma_I                          ? 
_refine.ls_redundancy_reflns_obs                 ? 
_refine.pdbx_data_cutoff_high_absF               ? 
_refine.pdbx_data_cutoff_low_absF                ? 
_refine.ls_number_parameters                     ? 
_refine.ls_number_restraints                     ? 
_refine.ls_R_factor_R_free_error                 ? 
_refine.ls_R_factor_R_free_error_details         ? 
_refine.pdbx_isotropic_thermal_model             ? 
_refine.pdbx_stereochem_target_val_spec_case     ? 
_refine.solvent_model_param_bsol                 ? 
_refine.solvent_model_param_ksol                 ? 
_refine.pdbx_data_cutoff_high_rms_absF           ? 
_refine.pdbx_overall_phase_error                 ? 
_refine.overall_FOM_free_R_set                   ? 
_refine.pdbx_TLS_residual_ADP_flag               'LIKELY RESIDUAL' 
_refine.pdbx_diffrn_id                           1 
_refine.pdbx_overall_SU_R_free_Cruickshank_DPI   ? 
_refine.pdbx_overall_SU_R_Blow_DPI               ? 
_refine.pdbx_overall_SU_R_free_Blow_DPI          ? 
# 
_refine_hist.pdbx_refine_id                   'X-RAY DIFFRACTION' 
_refine_hist.cycle_id                         LAST 
_refine_hist.pdbx_number_atoms_protein        710 
_refine_hist.pdbx_number_atoms_nucleic_acid   0 
_refine_hist.pdbx_number_atoms_ligand         26 
_refine_hist.number_atoms_solvent             33 
_refine_hist.number_atoms_total               769 
_refine_hist.d_res_high                       1.984 
_refine_hist.d_res_low                        45.600 
# 
loop_
_refine_ls_restr.type 
_refine_ls_restr.number 
_refine_ls_restr.dev_ideal 
_refine_ls_restr.dev_ideal_target 
_refine_ls_restr.weight 
_refine_ls_restr.pdbx_refine_id 
_refine_ls_restr.pdbx_restraint_function 
r_bond_refined_d         745 0.006  0.022  ? 'X-RAY DIFFRACTION' ? 
r_angle_refined_deg      997 1.525  1.986  ? 'X-RAY DIFFRACTION' ? 
r_dihedral_angle_1_deg   87  3.813  5.000  ? 'X-RAY DIFFRACTION' ? 
r_dihedral_angle_2_deg   39  34.278 26.410 ? 'X-RAY DIFFRACTION' ? 
r_dihedral_angle_3_deg   140 12.547 15.000 ? 'X-RAY DIFFRACTION' ? 
r_dihedral_angle_4_deg   1   10.855 15.000 ? 'X-RAY DIFFRACTION' ? 
r_chiral_restr           107 0.058  0.200  ? 'X-RAY DIFFRACTION' ? 
r_gen_planes_refined     561 0.003  0.020  ? 'X-RAY DIFFRACTION' ? 
r_nbd_refined            305 0.193  0.200  ? 'X-RAY DIFFRACTION' ? 
r_nbtor_refined          509 0.293  0.200  ? 'X-RAY DIFFRACTION' ? 
r_xyhbond_nbd_refined    29  0.110  0.200  ? 'X-RAY DIFFRACTION' ? 
r_metal_ion_refined      7   0.092  0.200  ? 'X-RAY DIFFRACTION' ? 
r_symmetry_vdw_refined   41  0.195  0.200  ? 'X-RAY DIFFRACTION' ? 
r_symmetry_hbond_refined 7   0.070  0.200  ? 'X-RAY DIFFRACTION' ? 
r_mcbond_it              450 0.100  1.500  ? 'X-RAY DIFFRACTION' ? 
r_mcangle_it             698 0.159  2.000  ? 'X-RAY DIFFRACTION' ? 
r_scbond_it              326 0.316  3.000  ? 'X-RAY DIFFRACTION' ? 
r_scangle_it             299 0.518  4.500  ? 'X-RAY DIFFRACTION' ? 
# 
_refine_ls_shell.d_res_high                       1.984 
_refine_ls_shell.d_res_low                        2.035 
_refine_ls_shell.pdbx_total_number_of_bins_used   20 
_refine_ls_shell.percent_reflns_obs               59.880 
_refine_ls_shell.number_reflns_R_work             285 
_refine_ls_shell.R_factor_all                     ? 
_refine_ls_shell.R_factor_R_work                  0.321 
_refine_ls_shell.R_factor_R_free                  0.486 
_refine_ls_shell.percent_reflns_R_free            ? 
_refine_ls_shell.number_reflns_R_free             9 
_refine_ls_shell.R_factor_R_free_error            ? 
_refine_ls_shell.number_reflns_all                294 
_refine_ls_shell.number_reflns_obs                ? 
_refine_ls_shell.pdbx_refine_id                   'X-RAY DIFFRACTION' 
_refine_ls_shell.redundancy_reflns_obs            ? 
# 
_struct.entry_id                  3GK2 
_struct.title                     'X-ray structure of bovine SBi279,Ca(2+)-S100B' 
_struct.pdbx_model_details        ? 
_struct.pdbx_CASP_flag            ? 
_struct.pdbx_model_type_details   ? 
# 
_struct_keywords.entry_id        3GK2 
_struct_keywords.text            'EF hand, Alpha helical, Metal-binding, Nucleus, METAL BINDING PROTEIN' 
_struct_keywords.pdbx_keywords   'METAL BINDING PROTEIN' 
# 
loop_
_struct_asym.id 
_struct_asym.pdbx_blank_PDB_chainid_flag 
_struct_asym.pdbx_modified 
_struct_asym.entity_id 
_struct_asym.details 
A N N 1 ? 
B N N 2 ? 
C N N 2 ? 
D N N 3 ? 
E N N 4 ? 
F N N 5 ? 
# 
loop_
_struct_conf.conf_type_id 
_struct_conf.id 
_struct_conf.pdbx_PDB_helix_id 
_struct_conf.beg_label_comp_id 
_struct_conf.beg_label_asym_id 
_struct_conf.beg_label_seq_id 
_struct_conf.pdbx_beg_PDB_ins_code 
_struct_conf.end_label_comp_id 
_struct_conf.end_label_asym_id 
_struct_conf.end_label_seq_id 
_struct_conf.pdbx_end_PDB_ins_code 
_struct_conf.beg_auth_comp_id 
_struct_conf.beg_auth_asym_id 
_struct_conf.beg_auth_seq_id 
_struct_conf.end_auth_comp_id 
_struct_conf.end_auth_asym_id 
_struct_conf.end_auth_seq_id 
_struct_conf.pdbx_PDB_helix_class 
_struct_conf.details 
_struct_conf.pdbx_PDB_helix_length 
HELX_P HELX_P1 1 SER A 2  ? GLY A 20 ? SER A 1  GLY A 19 1 ? 19 
HELX_P HELX_P2 2 LYS A 29 ? LEU A 41 ? LYS A 28 LEU A 40 1 ? 13 
HELX_P HELX_P3 3 GLU A 50 ? ASP A 62 ? GLU A 49 ASP A 61 1 ? 13 
HELX_P HELX_P4 4 ASP A 70 ? PHE A 89 ? ASP A 69 PHE A 88 1 ? 20 
# 
_struct_conf_type.id          HELX_P 
_struct_conf_type.criteria    ? 
_struct_conf_type.reference   ? 
# 
loop_
_struct_conn.id 
_struct_conn.conn_type_id 
_struct_conn.pdbx_leaving_atom_flag 
_struct_conn.pdbx_PDB_id 
_struct_conn.ptnr1_label_asym_id 
_struct_conn.ptnr1_label_comp_id 
_struct_conn.ptnr1_label_seq_id 
_struct_conn.ptnr1_label_atom_id 
_struct_conn.pdbx_ptnr1_label_alt_id 
_struct_conn.pdbx_ptnr1_PDB_ins_code 
_struct_conn.pdbx_ptnr1_standard_comp_id 
_struct_conn.ptnr1_symmetry 
_struct_conn.ptnr2_label_asym_id 
_struct_conn.ptnr2_label_comp_id 
_struct_conn.ptnr2_label_seq_id 
_struct_conn.ptnr2_label_atom_id 
_struct_conn.pdbx_ptnr2_label_alt_id 
_struct_conn.pdbx_ptnr2_PDB_ins_code 
_struct_conn.ptnr1_auth_asym_id 
_struct_conn.ptnr1_auth_comp_id 
_struct_conn.ptnr1_auth_seq_id 
_struct_conn.ptnr2_auth_asym_id 
_struct_conn.ptnr2_auth_comp_id 
_struct_conn.ptnr2_auth_seq_id 
_struct_conn.ptnr2_symmetry 
_struct_conn.pdbx_ptnr3_label_atom_id 
_struct_conn.pdbx_ptnr3_label_seq_id 
_struct_conn.pdbx_ptnr3_label_comp_id 
_struct_conn.pdbx_ptnr3_label_asym_id 
_struct_conn.pdbx_ptnr3_label_alt_id 
_struct_conn.pdbx_ptnr3_PDB_ins_code 
_struct_conn.details 
_struct_conn.pdbx_dist_value 
_struct_conn.pdbx_value_order 
_struct_conn.pdbx_role 
metalc1  metalc ? ? A SER 19 O   ? ? ? 1_555 B CA  . CA ? ? A SER 18 A CA  92  1_555 ? ? ? ? ? ? ? 2.405 ? ? 
metalc2  metalc ? ? A GLU 22 O   ? ? ? 1_555 B CA  . CA ? ? A GLU 21 A CA  92  1_555 ? ? ? ? ? ? ? 2.386 ? ? 
metalc3  metalc ? ? A ASP 24 O   ? ? ? 1_555 B CA  . CA ? ? A ASP 23 A CA  92  1_555 ? ? ? ? ? ? ? 2.346 ? ? 
metalc4  metalc ? ? A LYS 27 O   ? ? ? 1_555 B CA  . CA ? ? A LYS 26 A CA  92  1_555 ? ? ? ? ? ? ? 2.465 ? ? 
metalc5  metalc ? ? A GLU 32 OE1 ? ? ? 1_555 B CA  . CA ? ? A GLU 31 A CA  92  1_555 ? ? ? ? ? ? ? 2.555 ? ? 
metalc6  metalc ? ? A GLU 32 OE2 ? ? ? 1_555 B CA  . CA ? ? A GLU 31 A CA  92  1_555 ? ? ? ? ? ? ? 2.989 ? ? 
metalc7  metalc ? ? A ASP 62 OD1 ? ? ? 1_555 C CA  . CA ? ? A ASP 61 A CA  93  1_555 ? ? ? ? ? ? ? 2.363 ? ? 
metalc8  metalc ? ? A ASP 64 OD1 ? ? ? 1_555 C CA  . CA ? ? A ASP 63 A CA  93  1_555 ? ? ? ? ? ? ? 2.483 ? ? 
metalc9  metalc ? ? A ASP 66 OD1 ? ? ? 1_555 C CA  . CA ? ? A ASP 65 A CA  93  1_555 ? ? ? ? ? ? ? 2.248 ? ? 
metalc10 metalc ? ? A GLU 68 O   ? ? ? 1_555 C CA  . CA ? ? A GLU 67 A CA  93  1_555 ? ? ? ? ? ? ? 2.311 ? ? 
metalc11 metalc ? ? A GLU 73 OE1 ? ? ? 1_555 C CA  . CA ? ? A GLU 72 A CA  93  1_555 ? ? ? ? ? ? ? 2.554 ? ? 
metalc12 metalc ? ? A GLU 73 OE2 ? ? ? 1_555 C CA  . CA ? ? A GLU 72 A CA  93  1_555 ? ? ? ? ? ? ? 2.766 ? ? 
metalc13 metalc ? ? B CA  .  CA  ? ? ? 1_555 F HOH . O  ? ? A CA  92 A HOH 121 1_555 ? ? ? ? ? ? ? 2.331 ? ? 
# 
_struct_conn_type.id          metalc 
_struct_conn_type.criteria    ? 
_struct_conn_type.reference   ? 
# 
loop_
_struct_site.id 
_struct_site.pdbx_evidence_code 
_struct_site.pdbx_auth_asym_id 
_struct_site.pdbx_auth_comp_id 
_struct_site.pdbx_auth_seq_id 
_struct_site.pdbx_auth_ins_code 
_struct_site.pdbx_num_residues 
_struct_site.details 
AC1 Software A CA  92 ? 6 'BINDING SITE FOR RESIDUE CA A 92'  
AC2 Software A CA  93 ? 5 'BINDING SITE FOR RESIDUE CA A 93'  
AC3 Software A 27A 94 ? 3 'BINDING SITE FOR RESIDUE 27A A 94' 
AC4 Software A CAC 95 ? 8 'BINDING SITE FOR RESIDUE CAC A 95' 
# 
loop_
_struct_site_gen.id 
_struct_site_gen.site_id 
_struct_site_gen.pdbx_num_res 
_struct_site_gen.label_comp_id 
_struct_site_gen.label_asym_id 
_struct_site_gen.label_seq_id 
_struct_site_gen.pdbx_auth_ins_code 
_struct_site_gen.auth_comp_id 
_struct_site_gen.auth_asym_id 
_struct_site_gen.auth_seq_id 
_struct_site_gen.label_atom_id 
_struct_site_gen.label_alt_id 
_struct_site_gen.symmetry 
_struct_site_gen.details 
1  AC1 6 SER A 19 ? SER A 18  . ? 1_555 ? 
2  AC1 6 GLU A 22 ? GLU A 21  . ? 1_555 ? 
3  AC1 6 ASP A 24 ? ASP A 23  . ? 1_555 ? 
4  AC1 6 LYS A 27 ? LYS A 26  . ? 1_555 ? 
5  AC1 6 GLU A 32 ? GLU A 31  . ? 1_555 ? 
6  AC1 6 HOH F .  ? HOH A 121 . ? 1_555 ? 
7  AC2 5 ASP A 62 ? ASP A 61  . ? 1_555 ? 
8  AC2 5 ASP A 64 ? ASP A 63  . ? 1_555 ? 
9  AC2 5 ASP A 66 ? ASP A 65  . ? 1_555 ? 
10 AC2 5 GLU A 68 ? GLU A 67  . ? 1_555 ? 
11 AC2 5 GLU A 73 ? GLU A 72  . ? 1_555 ? 
12 AC3 3 HIS A 43 ? HIS A 42  . ? 3_555 ? 
13 AC3 3 HIS A 43 ? HIS A 42  . ? 1_555 ? 
14 AC3 3 PHE A 44 ? PHE A 43  . ? 1_555 ? 
15 AC4 8 GLY A 20 ? GLY A 19  . ? 3_554 ? 
16 AC4 8 GLY A 20 ? GLY A 19  . ? 1_555 ? 
17 AC4 8 ARG A 21 ? ARG A 20  . ? 1_555 ? 
18 AC4 8 ARG A 21 ? ARG A 20  . ? 3_554 ? 
19 AC4 8 LYS A 25 ? LYS A 24  . ? 1_555 ? 
20 AC4 8 LYS A 25 ? LYS A 24  . ? 3_554 ? 
21 AC4 8 GLU A 52 ? GLU A 51  . ? 6_554 ? 
22 AC4 8 GLU A 52 ? GLU A 51  . ? 8_455 ? 
# 
_atom_sites.entry_id                    3GK2 
_atom_sites.fract_transf_matrix[1][1]   0.02814076 
_atom_sites.fract_transf_matrix[1][2]   0.00094190 
_atom_sites.fract_transf_matrix[1][3]   -0.00780771 
_atom_sites.fract_transf_matrix[2][1]   0.00274184 
_atom_sites.fract_transf_matrix[2][2]   -0.00521584 
_atom_sites.fract_transf_matrix[2][3]   0.00925301 
_atom_sites.fract_transf_matrix[3][1]   -0.00170272 
_atom_sites.fract_transf_matrix[3][2]   -0.01499029 
_atom_sites.fract_transf_matrix[3][3]   -0.00794535 
_atom_sites.fract_transf_vector[1]      0.224147 
_atom_sites.fract_transf_vector[2]      0.122374 
_atom_sites.fract_transf_vector[3]      -0.002384 
# 
loop_
_atom_type.symbol 
AS 
C  
CA 
N  
O  
S  
# 
loop_
_atom_site.group_PDB 
_atom_site.id 
_atom_site.type_symbol 
_atom_site.label_atom_id 
_atom_site.label_alt_id 
_atom_site.label_comp_id 
_atom_site.label_asym_id 
_atom_site.label_entity_id 
_atom_site.label_seq_id 
_atom_site.pdbx_PDB_ins_code 
_atom_site.Cartn_x 
_atom_site.Cartn_y 
_atom_site.Cartn_z 
_atom_site.occupancy 
_atom_site.B_iso_or_equiv 
_atom_site.pdbx_formal_charge 
_atom_site.auth_seq_id 
_atom_site.auth_comp_id 
_atom_site.auth_asym_id 
_atom_site.auth_atom_id 
_atom_site.pdbx_PDB_model_num 
ATOM   1   N  N   . SER A 1 2  ? -17.109 12.513  -10.991 1.00 50.38  ? 1   SER A N   1 
ATOM   2   C  CA  . SER A 1 2  ? -16.954 11.288  -11.829 1.00 50.44  ? 1   SER A CA  1 
ATOM   3   C  C   . SER A 1 2  ? -16.320 10.159  -11.025 1.00 50.44  ? 1   SER A C   1 
ATOM   4   O  O   . SER A 1 2  ? -15.786 10.386  -9.938  1.00 50.43  ? 1   SER A O   1 
ATOM   5   C  CB  . SER A 1 2  ? -16.096 11.588  -13.060 1.00 50.48  ? 1   SER A CB  1 
ATOM   6   O  OG  . SER A 1 2  ? -14.720 11.651  -12.716 1.00 50.56  ? 1   SER A OG  1 
ATOM   7   N  N   . GLU A 1 3  ? -16.371 8.948   -11.577 1.00 50.48  ? 2   GLU A N   1 
ATOM   8   C  CA  . GLU A 1 3  ? -15.770 7.769   -10.952 1.00 50.50  ? 2   GLU A CA  1 
ATOM   9   C  C   . GLU A 1 3  ? -14.249 7.871   -10.838 1.00 50.45  ? 2   GLU A C   1 
ATOM   10  O  O   . GLU A 1 3  ? -13.662 7.352   -9.887  1.00 50.52  ? 2   GLU A O   1 
ATOM   11  C  CB  . GLU A 1 3  ? -16.152 6.497   -11.716 1.00 50.55  ? 2   GLU A CB  1 
ATOM   12  C  CG  . GLU A 1 3  ? -17.619 6.082   -11.576 1.00 50.82  ? 2   GLU A CG  1 
ATOM   13  C  CD  . GLU A 1 3  ? -17.968 5.553   -10.190 1.00 51.24  ? 2   GLU A CD  1 
ATOM   14  O  OE1 . GLU A 1 3  ? -17.066 5.051   -9.482  1.00 51.50  ? 2   GLU A OE1 1 
ATOM   15  O  OE2 . GLU A 1 3  ? -19.156 5.632   -9.809  1.00 51.40  ? 2   GLU A OE2 1 
ATOM   16  N  N   . LEU A 1 4  ? -13.623 8.539   -11.808 1.00 50.36  ? 3   LEU A N   1 
ATOM   17  C  CA  . LEU A 1 4  ? -12.173 8.734   -11.825 1.00 50.32  ? 3   LEU A CA  1 
ATOM   18  C  C   . LEU A 1 4  ? -11.727 9.660   -10.693 1.00 50.27  ? 3   LEU A C   1 
ATOM   19  O  O   . LEU A 1 4  ? -10.760 9.369   -9.990  1.00 50.29  ? 3   LEU A O   1 
ATOM   20  C  CB  . LEU A 1 4  ? -11.727 9.314   -13.172 1.00 50.27  ? 3   LEU A CB  1 
ATOM   21  C  CG  . LEU A 1 4  ? -10.389 8.896   -13.800 1.00 50.34  ? 3   LEU A CG  1 
ATOM   22  C  CD1 . LEU A 1 4  ? -10.181 9.648   -15.104 1.00 50.18  ? 3   LEU A CD1 1 
ATOM   23  C  CD2 . LEU A 1 4  ? -9.185  9.092   -12.882 1.00 50.56  ? 3   LEU A CD2 1 
ATOM   24  N  N   . GLU A 1 5  ? -12.436 10.773  -10.529 1.00 50.31  ? 4   GLU A N   1 
ATOM   25  C  CA  . GLU A 1 5  ? -12.144 11.742  -9.473  1.00 50.18  ? 4   GLU A CA  1 
ATOM   26  C  C   . GLU A 1 5  ? -12.378 11.147  -8.085  1.00 50.17  ? 4   GLU A C   1 
ATOM   27  O  O   . GLU A 1 5  ? -11.644 11.447  -7.146  1.00 50.13  ? 4   GLU A O   1 
ATOM   28  C  CB  . GLU A 1 5  ? -12.977 13.012  -9.667  1.00 50.18  ? 4   GLU A CB  1 
ATOM   29  C  CG  . GLU A 1 5  ? -12.572 13.825  -10.896 1.00 50.17  ? 4   GLU A CG  1 
ATOM   30  C  CD  . GLU A 1 5  ? -13.572 14.910  -11.261 1.00 50.12  ? 4   GLU A CD  1 
ATOM   31  O  OE1 . GLU A 1 5  ? -14.763 14.785  -10.906 1.00 50.34  ? 4   GLU A OE1 1 
ATOM   32  O  OE2 . GLU A 1 5  ? -13.163 15.889  -11.917 1.00 49.72  ? 4   GLU A OE2 1 
ATOM   33  N  N   . LYS A 1 6  ? -13.396 10.296  -7.974  1.00 50.16  ? 5   LYS A N   1 
ATOM   34  C  CA  . LYS A 1 6  ? -13.668 9.550   -6.744  1.00 50.17  ? 5   LYS A CA  1 
ATOM   35  C  C   . LYS A 1 6  ? -12.560 8.542   -6.435  1.00 50.14  ? 5   LYS A C   1 
ATOM   36  O  O   . LYS A 1 6  ? -12.284 8.259   -5.270  1.00 50.13  ? 5   LYS A O   1 
ATOM   37  C  CB  . LYS A 1 6  ? -15.024 8.843   -6.833  1.00 50.16  ? 5   LYS A CB  1 
ATOM   38  C  CG  . LYS A 1 6  ? -16.221 9.770   -6.622  1.00 50.29  ? 5   LYS A CG  1 
ATOM   39  C  CD  . LYS A 1 6  ? -17.497 9.219   -7.253  1.00 50.50  ? 5   LYS A CD  1 
ATOM   40  C  CE  . LYS A 1 6  ? -18.107 8.093   -6.433  1.00 50.64  ? 5   LYS A CE  1 
ATOM   41  N  NZ  . LYS A 1 6  ? -19.320 7.533   -7.089  1.00 50.83  ? 5   LYS A NZ  1 
ATOM   42  N  N   . ALA A 1 7  ? -11.931 8.012   -7.484  1.00 50.13  ? 6   ALA A N   1 
ATOM   43  C  CA  . ALA A 1 7  ? -10.812 7.079   -7.345  1.00 50.18  ? 6   ALA A CA  1 
ATOM   44  C  C   . ALA A 1 7  ? -9.540  7.786   -6.881  1.00 50.24  ? 6   ALA A C   1 
ATOM   45  O  O   . ALA A 1 7  ? -8.770  7.228   -6.100  1.00 50.44  ? 6   ALA A O   1 
ATOM   46  C  CB  . ALA A 1 7  ? -10.567 6.338   -8.653  1.00 50.12  ? 6   ALA A CB  1 
ATOM   47  N  N   . VAL A 1 8  ? -9.330  9.011   -7.365  1.00 50.30  ? 7   VAL A N   1 
ATOM   48  C  CA  . VAL A 1 8  ? -8.181  9.837   -6.970  1.00 50.32  ? 7   VAL A CA  1 
ATOM   49  C  C   . VAL A 1 8  ? -8.226  10.200  -5.482  1.00 50.34  ? 7   VAL A C   1 
ATOM   50  O  O   . VAL A 1 8  ? -7.209  10.128  -4.790  1.00 50.38  ? 7   VAL A O   1 
ATOM   51  C  CB  . VAL A 1 8  ? -8.072  11.125  -7.838  1.00 50.25  ? 7   VAL A CB  1 
ATOM   52  C  CG1 . VAL A 1 8  ? -7.058  12.103  -7.257  1.00 50.18  ? 7   VAL A CG1 1 
ATOM   53  C  CG2 . VAL A 1 8  ? -7.703  10.777  -9.273  1.00 50.36  ? 7   VAL A CG2 1 
ATOM   54  N  N   . VAL A 1 9  ? -9.407  10.581  -4.997  1.00 50.32  ? 8   VAL A N   1 
ATOM   55  C  CA  . VAL A 1 9  ? -9.570  10.964  -3.591  1.00 50.41  ? 8   VAL A CA  1 
ATOM   56  C  C   . VAL A 1 9  ? -9.557  9.750   -2.659  1.00 50.33  ? 8   VAL A C   1 
ATOM   57  O  O   . VAL A 1 9  ? -9.160  9.863   -1.499  1.00 50.38  ? 8   VAL A O   1 
ATOM   58  C  CB  . VAL A 1 9  ? -10.831 11.858  -3.341  1.00 50.41  ? 8   VAL A CB  1 
ATOM   59  C  CG1 . VAL A 1 9  ? -10.805 13.095  -4.232  1.00 50.30  ? 8   VAL A CG1 1 
ATOM   60  C  CG2 . VAL A 1 9  ? -12.125 11.079  -3.541  1.00 50.75  ? 8   VAL A CG2 1 
ATOM   61  N  N   . ALA A 1 10 ? -9.980  8.597   -3.178  1.00 50.24  ? 9   ALA A N   1 
ATOM   62  C  CA  . ALA A 1 10 ? -9.944  7.336   -2.435  1.00 50.09  ? 9   ALA A CA  1 
ATOM   63  C  C   . ALA A 1 10 ? -8.510  6.879   -2.161  1.00 50.03  ? 9   ALA A C   1 
ATOM   64  O  O   . ALA A 1 10 ? -8.214  6.376   -1.078  1.00 49.97  ? 9   ALA A O   1 
ATOM   65  C  CB  . ALA A 1 10 ? -10.718 6.256   -3.173  1.00 50.07  ? 9   ALA A CB  1 
ATOM   66  N  N   . LEU A 1 11 ? -7.626  7.065   -3.140  1.00 49.90  ? 10  LEU A N   1 
ATOM   67  C  CA  . LEU A 1 11 ? -6.215  6.720   -2.984  1.00 49.89  ? 10  LEU A CA  1 
ATOM   68  C  C   . LEU A 1 11 ? -5.536  7.569   -1.908  1.00 49.95  ? 10  LEU A C   1 
ATOM   69  O  O   . LEU A 1 11 ? -4.762  7.049   -1.100  1.00 50.04  ? 10  LEU A O   1 
ATOM   70  C  CB  . LEU A 1 11 ? -5.469  6.853   -4.317  1.00 49.91  ? 10  LEU A CB  1 
ATOM   71  C  CG  . LEU A 1 11 ? -5.831  5.872   -5.436  1.00 49.78  ? 10  LEU A CG  1 
ATOM   72  C  CD1 . LEU A 1 11 ? -5.208  6.315   -6.750  1.00 49.97  ? 10  LEU A CD1 1 
ATOM   73  C  CD2 . LEU A 1 11 ? -5.419  4.450   -5.093  1.00 49.29  ? 10  LEU A CD2 1 
ATOM   74  N  N   . ILE A 1 12 ? -5.839  8.867   -1.903  1.00 49.97  ? 11  ILE A N   1 
ATOM   75  C  CA  . ILE A 1 12 ? -5.306  9.807   -0.912  1.00 50.05  ? 11  ILE A CA  1 
ATOM   76  C  C   . ILE A 1 12 ? -5.816  9.482   0.495   1.00 50.11  ? 11  ILE A C   1 
ATOM   77  O  O   . ILE A 1 12 ? -5.039  9.463   1.455   1.00 50.19  ? 11  ILE A O   1 
ATOM   78  C  CB  . ILE A 1 12 ? -5.641  11.282  -1.281  1.00 49.92  ? 11  ILE A CB  1 
ATOM   79  C  CG1 . ILE A 1 12 ? -4.951  11.675  -2.590  1.00 49.98  ? 11  ILE A CG1 1 
ATOM   80  C  CG2 . ILE A 1 12 ? -5.228  12.237  -0.156  1.00 49.95  ? 11  ILE A CG2 1 
ATOM   81  C  CD1 . ILE A 1 12 ? -5.587  12.852  -3.315  1.00 49.99  ? 11  ILE A CD1 1 
ATOM   82  N  N   . ASP A 1 13 ? -7.115  9.212   0.603   1.00 50.20  ? 12  ASP A N   1 
ATOM   83  C  CA  . ASP A 1 13 ? -7.752  8.973   1.896   1.00 50.42  ? 12  ASP A CA  1 
ATOM   84  C  C   . ASP A 1 13 ? -7.284  7.677   2.558   1.00 50.38  ? 12  ASP A C   1 
ATOM   85  O  O   . ASP A 1 13 ? -6.980  7.673   3.750   1.00 50.42  ? 12  ASP A O   1 
ATOM   86  C  CB  . ASP A 1 13 ? -9.279  8.990   1.766   1.00 50.42  ? 12  ASP A CB  1 
ATOM   87  C  CG  . ASP A 1 13 ? -9.979  9.047   3.113   1.00 50.98  ? 12  ASP A CG  1 
ATOM   88  O  OD1 . ASP A 1 13 ? -9.804  10.045  3.846   1.00 51.48  ? 12  ASP A OD1 1 
ATOM   89  O  OD2 . ASP A 1 13 ? -10.716 8.091   3.434   1.00 51.46  ? 12  ASP A OD2 1 
ATOM   90  N  N   . VAL A 1 14 ? -7.222  6.592   1.786   1.00 50.38  ? 13  VAL A N   1 
ATOM   91  C  CA  . VAL A 1 14 ? -6.823  5.285   2.323   1.00 50.41  ? 13  VAL A CA  1 
ATOM   92  C  C   . VAL A 1 14 ? -5.355  5.289   2.766   1.00 50.36  ? 13  VAL A C   1 
ATOM   93  O  O   . VAL A 1 14 ? -5.015  4.686   3.784   1.00 50.32  ? 13  VAL A O   1 
ATOM   94  C  CB  . VAL A 1 14 ? -7.117  4.118   1.336   1.00 50.44  ? 13  VAL A CB  1 
ATOM   95  C  CG1 . VAL A 1 14 ? -6.754  2.764   1.956   1.00 50.31  ? 13  VAL A CG1 1 
ATOM   96  C  CG2 . VAL A 1 14 ? -8.587  4.119   0.928   1.00 50.55  ? 13  VAL A CG2 1 
ATOM   97  N  N   . PHE A 1 15 ? -4.496  5.982   2.017   1.00 50.34  ? 14  PHE A N   1 
ATOM   98  C  CA  . PHE A 1 15 ? -3.100  6.151   2.422   1.00 50.35  ? 14  PHE A CA  1 
ATOM   99  C  C   . PHE A 1 15 ? -2.990  6.797   3.807   1.00 50.39  ? 14  PHE A C   1 
ATOM   100 O  O   . PHE A 1 15 ? -2.255  6.308   4.666   1.00 50.50  ? 14  PHE A O   1 
ATOM   101 C  CB  . PHE A 1 15 ? -2.299  6.963   1.395   1.00 50.25  ? 14  PHE A CB  1 
ATOM   102 C  CG  . PHE A 1 15 ? -0.867  7.205   1.803   1.00 50.11  ? 14  PHE A CG  1 
ATOM   103 C  CD1 . PHE A 1 15 ? 0.092   6.207   1.651   1.00 50.10  ? 14  PHE A CD1 1 
ATOM   104 C  CD2 . PHE A 1 15 ? -0.481  8.424   2.355   1.00 50.08  ? 14  PHE A CD2 1 
ATOM   105 C  CE1 . PHE A 1 15 ? 1.414   6.418   2.036   1.00 50.16  ? 14  PHE A CE1 1 
ATOM   106 C  CE2 . PHE A 1 15 ? 0.839   8.646   2.743   1.00 50.14  ? 14  PHE A CE2 1 
ATOM   107 C  CZ  . PHE A 1 15 ? 1.788   7.640   2.582   1.00 50.24  ? 14  PHE A CZ  1 
ATOM   108 N  N   . HIS A 1 16 ? -3.725  7.888   4.012   1.00 50.40  ? 15  HIS A N   1 
ATOM   109 C  CA  . HIS A 1 16 ? -3.689  8.628   5.272   1.00 50.44  ? 15  HIS A CA  1 
ATOM   110 C  C   . HIS A 1 16 ? -4.380  7.919   6.433   1.00 50.38  ? 15  HIS A C   1 
ATOM   111 O  O   . HIS A 1 16 ? -4.006  8.117   7.590   1.00 50.42  ? 15  HIS A O   1 
ATOM   112 C  CB  . HIS A 1 16 ? -4.260  10.035  5.093   1.00 50.53  ? 15  HIS A CB  1 
ATOM   113 C  CG  . HIS A 1 16 ? -3.267  11.020  4.568   1.00 50.77  ? 15  HIS A CG  1 
ATOM   114 N  ND1 . HIS A 1 16 ? -3.286  11.477  3.267   1.00 51.22  ? 15  HIS A ND1 1 
ATOM   115 C  CD2 . HIS A 1 16 ? -2.213  11.626  5.165   1.00 51.03  ? 15  HIS A CD2 1 
ATOM   116 C  CE1 . HIS A 1 16 ? -2.294  12.331  3.091   1.00 51.45  ? 15  HIS A CE1 1 
ATOM   117 N  NE2 . HIS A 1 16 ? -1.626  12.436  4.225   1.00 51.38  ? 15  HIS A NE2 1 
ATOM   118 N  N   . GLN A 1 17 ? -5.385  7.103   6.122   1.00 50.32  ? 16  GLN A N   1 
ATOM   119 C  CA  . GLN A 1 17 ? -6.048  6.265   7.123   1.00 50.38  ? 16  GLN A CA  1 
ATOM   120 C  C   . GLN A 1 17 ? -5.044  5.393   7.869   1.00 50.25  ? 16  GLN A C   1 
ATOM   121 O  O   . GLN A 1 17 ? -5.201  5.133   9.063   1.00 50.22  ? 16  GLN A O   1 
ATOM   122 C  CB  . GLN A 1 17 ? -7.100  5.369   6.466   1.00 50.35  ? 16  GLN A CB  1 
ATOM   123 C  CG  . GLN A 1 17 ? -8.461  6.018   6.271   1.00 50.59  ? 16  GLN A CG  1 
ATOM   124 C  CD  . GLN A 1 17 ? -9.479  5.071   5.655   1.00 50.65  ? 16  GLN A CD  1 
ATOM   125 O  OE1 . GLN A 1 17 ? -10.183 5.429   4.709   1.00 51.12  ? 16  GLN A OE1 1 
ATOM   126 N  NE2 . GLN A 1 17 ? -9.563  3.854   6.189   1.00 50.97  ? 16  GLN A NE2 1 
ATOM   127 N  N   . TYR A 1 18 ? -4.009  4.958   7.152   1.00 50.12  ? 17  TYR A N   1 
ATOM   128 C  CA  . TYR A 1 18 ? -3.025  4.027   7.690   1.00 50.03  ? 17  TYR A CA  1 
ATOM   129 C  C   . TYR A 1 18 ? -1.685  4.673   8.040   1.00 50.01  ? 17  TYR A C   1 
ATOM   130 O  O   . TYR A 1 18 ? -1.108  4.352   9.075   1.00 50.10  ? 17  TYR A O   1 
ATOM   131 C  CB  . TYR A 1 18 ? -2.853  2.827   6.749   1.00 49.96  ? 17  TYR A CB  1 
ATOM   132 C  CG  . TYR A 1 18 ? -4.069  1.924   6.743   1.00 49.84  ? 17  TYR A CG  1 
ATOM   133 C  CD1 . TYR A 1 18 ? -5.159  2.192   5.914   1.00 49.78  ? 17  TYR A CD1 1 
ATOM   134 C  CD2 . TYR A 1 18 ? -4.141  0.820   7.588   1.00 49.60  ? 17  TYR A CD2 1 
ATOM   135 C  CE1 . TYR A 1 18 ? -6.284  1.379   5.918   1.00 49.63  ? 17  TYR A CE1 1 
ATOM   136 C  CE2 . TYR A 1 18 ? -5.262  -0.003  7.599   1.00 49.59  ? 17  TYR A CE2 1 
ATOM   137 C  CZ  . TYR A 1 18 ? -6.329  0.284   6.763   1.00 49.74  ? 17  TYR A CZ  1 
ATOM   138 O  OH  . TYR A 1 18 ? -7.441  -0.524  6.773   1.00 49.76  ? 17  TYR A OH  1 
ATOM   139 N  N   . SER A 1 19 ? -1.207  5.591   7.202   1.00 50.04  ? 18  SER A N   1 
ATOM   140 C  CA  . SER A 1 19 ? 0.084   6.256   7.436   1.00 50.06  ? 18  SER A CA  1 
ATOM   141 C  C   . SER A 1 19 ? 0.118   7.084   8.725   1.00 50.17  ? 18  SER A C   1 
ATOM   142 O  O   . SER A 1 19 ? 1.154   7.164   9.393   1.00 50.10  ? 18  SER A O   1 
ATOM   143 C  CB  . SER A 1 19 ? 0.488   7.121   6.237   1.00 50.01  ? 18  SER A CB  1 
ATOM   144 O  OG  . SER A 1 19 ? -0.348  8.259   6.113   1.00 50.06  ? 18  SER A OG  1 
ATOM   145 N  N   . GLY A 1 20 ? -1.019  7.681   9.071   1.00 50.20  ? 19  GLY A N   1 
ATOM   146 C  CA  . GLY A 1 20 ? -1.114  8.561   10.231  1.00 50.32  ? 19  GLY A CA  1 
ATOM   147 C  C   . GLY A 1 20 ? -1.380  7.875   11.558  1.00 50.43  ? 19  GLY A C   1 
ATOM   148 O  O   . GLY A 1 20 ? -1.627  8.545   12.559  1.00 50.46  ? 19  GLY A O   1 
ATOM   149 N  N   . ARG A 1 21 ? -1.329  6.545   11.572  1.00 50.49  ? 20  ARG A N   1 
ATOM   150 C  CA  . ARG A 1 21 ? -1.542  5.775   12.801  1.00 50.55  ? 20  ARG A CA  1 
ATOM   151 C  C   . ARG A 1 21 ? -0.372  5.906   13.777  1.00 50.55  ? 20  ARG A C   1 
ATOM   152 O  O   . ARG A 1 21 ? -0.570  6.191   14.953  1.00 50.53  ? 20  ARG A O   1 
ATOM   153 C  CB  . ARG A 1 21 ? -1.797  4.299   12.485  1.00 50.56  ? 20  ARG A CB  1 
ATOM   154 C  CG  . ARG A 1 21 ? -3.148  4.007   11.857  1.00 50.56  ? 20  ARG A CG  1 
ATOM   155 C  CD  . ARG A 1 21 ? -3.286  2.527   11.540  1.00 50.74  ? 20  ARG A CD  1 
ATOM   156 N  NE  . ARG A 1 21 ? -4.647  2.186   11.137  1.00 51.15  ? 20  ARG A NE  1 
ATOM   157 C  CZ  . ARG A 1 21 ? -5.110  0.946   11.000  1.00 51.49  ? 20  ARG A CZ  1 
ATOM   158 N  NH1 . ARG A 1 21 ? -4.326  -0.102  11.236  1.00 51.24  ? 20  ARG A NH1 1 
ATOM   159 N  NH2 . ARG A 1 21 ? -6.369  0.755   10.629  1.00 51.51  ? 20  ARG A NH2 1 
ATOM   160 N  N   . GLU A 1 22 ? 0.846   5.698   13.285  1.00 50.63  ? 21  GLU A N   1 
ATOM   161 C  CA  . GLU A 1 22 ? 2.039   5.692   14.135  1.00 50.71  ? 21  GLU A CA  1 
ATOM   162 C  C   . GLU A 1 22 ? 3.237   6.349   13.456  1.00 50.67  ? 21  GLU A C   1 
ATOM   163 O  O   . GLU A 1 22 ? 3.342   6.346   12.225  1.00 50.73  ? 21  GLU A O   1 
ATOM   164 C  CB  . GLU A 1 22 ? 2.398   4.257   14.544  1.00 50.73  ? 21  GLU A CB  1 
ATOM   165 C  CG  . GLU A 1 22 ? 1.471   3.647   15.594  1.00 50.88  ? 21  GLU A CG  1 
ATOM   166 C  CD  . GLU A 1 22 ? 1.707   2.164   15.821  1.00 50.88  ? 21  GLU A CD  1 
ATOM   167 O  OE1 . GLU A 1 22 ? 2.593   1.576   15.162  1.00 51.34  ? 21  GLU A OE1 1 
ATOM   168 O  OE2 . GLU A 1 22 ? 0.995   1.583   16.668  1.00 51.05  ? 21  GLU A OE2 1 
ATOM   169 N  N   . GLY A 1 23 ? 4.133   6.906   14.269  1.00 50.64  ? 22  GLY A N   1 
ATOM   170 C  CA  . GLY A 1 23 ? 5.367   7.526   13.784  1.00 50.58  ? 22  GLY A CA  1 
ATOM   171 C  C   . GLY A 1 23 ? 5.126   8.654   12.801  1.00 50.55  ? 22  GLY A C   1 
ATOM   172 O  O   . GLY A 1 23 ? 4.287   9.527   13.042  1.00 50.55  ? 22  GLY A O   1 
ATOM   173 N  N   . ASP A 1 24 ? 5.869   8.631   11.694  1.00 50.48  ? 23  ASP A N   1 
ATOM   174 C  CA  . ASP A 1 24 ? 5.697   9.597   10.613  1.00 50.42  ? 23  ASP A CA  1 
ATOM   175 C  C   . ASP A 1 24 ? 4.285   9.465   10.059  1.00 50.48  ? 23  ASP A C   1 
ATOM   176 O  O   . ASP A 1 24 ? 3.872   8.378   9.649   1.00 50.50  ? 23  ASP A O   1 
ATOM   177 C  CB  . ASP A 1 24 ? 6.728   9.357   9.505   1.00 50.37  ? 23  ASP A CB  1 
ATOM   178 C  CG  . ASP A 1 24 ? 6.823   10.515  8.518   1.00 50.27  ? 23  ASP A CG  1 
ATOM   179 O  OD1 . ASP A 1 24 ? 5.775   11.026  8.064   1.00 50.07  ? 23  ASP A OD1 1 
ATOM   180 O  OD2 . ASP A 1 24 ? 7.958   10.908  8.180   1.00 50.40  ? 23  ASP A OD2 1 
ATOM   181 N  N   . LYS A 1 25 ? 3.550   10.571  10.058  1.00 50.49  ? 24  LYS A N   1 
ATOM   182 C  CA  . LYS A 1 25 ? 2.148   10.559  9.648   1.00 50.52  ? 24  LYS A CA  1 
ATOM   183 C  C   . LYS A 1 25 ? 1.966   10.591  8.132   1.00 50.53  ? 24  LYS A C   1 
ATOM   184 O  O   . LYS A 1 25 ? 0.842   10.487  7.637   1.00 50.56  ? 24  LYS A O   1 
ATOM   185 C  CB  . LYS A 1 25 ? 1.388   11.708  10.314  1.00 50.56  ? 24  LYS A CB  1 
ATOM   186 C  CG  . LYS A 1 25 ? 1.097   11.475  11.789  1.00 50.63  ? 24  LYS A CG  1 
ATOM   187 C  CD  . LYS A 1 25 ? 0.361   12.652  12.398  1.00 50.91  ? 24  LYS A CD  1 
ATOM   188 C  CE  . LYS A 1 25 ? -0.454  12.225  13.605  1.00 51.21  ? 24  LYS A CE  1 
ATOM   189 N  NZ  . LYS A 1 25 ? -1.640  11.415  13.203  1.00 51.23  ? 24  LYS A NZ  1 
ATOM   190 N  N   . HIS A 1 26 ? 3.073   10.723  7.403   1.00 50.55  ? 25  HIS A N   1 
ATOM   191 C  CA  . HIS A 1 26 ? 3.041   10.772  5.940   1.00 50.57  ? 25  HIS A CA  1 
ATOM   192 C  C   . HIS A 1 26 ? 3.719   9.562   5.288   1.00 50.48  ? 25  HIS A C   1 
ATOM   193 O  O   . HIS A 1 26 ? 3.913   9.530   4.071   1.00 50.54  ? 25  HIS A O   1 
ATOM   194 C  CB  . HIS A 1 26 ? 3.668   12.078  5.438   1.00 50.65  ? 25  HIS A CB  1 
ATOM   195 C  CG  . HIS A 1 26 ? 2.930   13.306  5.871   1.00 50.82  ? 25  HIS A CG  1 
ATOM   196 N  ND1 . HIS A 1 26 ? 1.868   13.826  5.162   1.00 50.98  ? 25  HIS A ND1 1 
ATOM   197 C  CD2 . HIS A 1 26 ? 3.098   14.115  6.943   1.00 50.93  ? 25  HIS A CD2 1 
ATOM   198 C  CE1 . HIS A 1 26 ? 1.417   14.903  5.778   1.00 50.98  ? 25  HIS A CE1 1 
ATOM   199 N  NE2 . HIS A 1 26 ? 2.145   15.100  6.862   1.00 50.99  ? 25  HIS A NE2 1 
ATOM   200 N  N   . LYS A 1 27 ? 4.073   8.571   6.103   1.00 50.37  ? 26  LYS A N   1 
ATOM   201 C  CA  . LYS A 1 27 ? 4.703   7.346   5.617   1.00 50.27  ? 26  LYS A CA  1 
ATOM   202 C  C   . LYS A 1 27 ? 4.087   6.116   6.276   1.00 50.26  ? 26  LYS A C   1 
ATOM   203 O  O   . LYS A 1 27 ? 3.602   6.185   7.410   1.00 50.22  ? 26  LYS A O   1 
ATOM   204 C  CB  . LYS A 1 27 ? 6.211   7.366   5.885   1.00 50.27  ? 26  LYS A CB  1 
ATOM   205 C  CG  . LYS A 1 27 ? 6.981   8.471   5.173   1.00 50.27  ? 26  LYS A CG  1 
ATOM   206 C  CD  . LYS A 1 27 ? 8.451   8.440   5.551   1.00 50.33  ? 26  LYS A CD  1 
ATOM   207 C  CE  . LYS A 1 27 ? 9.206   9.600   4.928   1.00 50.62  ? 26  LYS A CE  1 
ATOM   208 N  NZ  . LYS A 1 27 ? 10.635  9.609   5.346   1.00 51.04  ? 26  LYS A NZ  1 
ATOM   209 N  N   . LEU A 1 28 ? 4.111   4.995   5.556   1.00 50.10  ? 27  LEU A N   1 
ATOM   210 C  CA  . LEU A 1 28 ? 3.632   3.716   6.071   1.00 50.05  ? 27  LEU A CA  1 
ATOM   211 C  C   . LEU A 1 28 ? 4.792   2.890   6.616   1.00 50.08  ? 27  LEU A C   1 
ATOM   212 O  O   . LEU A 1 28 ? 5.727   2.569   5.875   1.00 50.09  ? 27  LEU A O   1 
ATOM   213 C  CB  . LEU A 1 28 ? 2.935   2.914   4.964   1.00 49.97  ? 27  LEU A CB  1 
ATOM   214 C  CG  . LEU A 1 28 ? 1.661   3.447   4.308   1.00 50.01  ? 27  LEU A CG  1 
ATOM   215 C  CD1 . LEU A 1 28 ? 1.456   2.788   2.950   1.00 50.21  ? 27  LEU A CD1 1 
ATOM   216 C  CD2 . LEU A 1 28 ? 0.454   3.223   5.200   1.00 49.47  ? 27  LEU A CD2 1 
ATOM   217 N  N   . LYS A 1 29 ? 4.739   2.554   7.903   1.00 50.05  ? 28  LYS A N   1 
ATOM   218 C  CA  . LYS A 1 29 ? 5.670   1.575   8.468   1.00 50.10  ? 28  LYS A CA  1 
ATOM   219 C  C   . LYS A 1 29 ? 5.153   0.165   8.183   1.00 50.08  ? 28  LYS A C   1 
ATOM   220 O  O   . LYS A 1 29 ? 4.044   0.002   7.666   1.00 50.01  ? 28  LYS A O   1 
ATOM   221 C  CB  . LYS A 1 29 ? 5.903   1.792   9.971   1.00 50.18  ? 28  LYS A CB  1 
ATOM   222 C  CG  . LYS A 1 29 ? 4.646   1.836   10.836  1.00 50.43  ? 28  LYS A CG  1 
ATOM   223 C  CD  . LYS A 1 29 ? 4.893   1.332   12.260  1.00 51.09  ? 28  LYS A CD  1 
ATOM   224 C  CE  . LYS A 1 29 ? 5.957   2.130   13.006  1.00 51.73  ? 28  LYS A CE  1 
ATOM   225 N  NZ  . LYS A 1 29 ? 5.557   3.541   13.260  1.00 52.51  ? 28  LYS A NZ  1 
ATOM   226 N  N   . LYS A 1 30 ? 5.959   -0.843  8.514   1.00 50.07  ? 29  LYS A N   1 
ATOM   227 C  CA  . LYS A 1 30 ? 5.632   -2.251  8.249   1.00 50.06  ? 29  LYS A CA  1 
ATOM   228 C  C   . LYS A 1 30 ? 4.228   -2.663  8.697   1.00 50.12  ? 29  LYS A C   1 
ATOM   229 O  O   . LYS A 1 30 ? 3.475   -3.253  7.918   1.00 50.08  ? 29  LYS A O   1 
ATOM   230 C  CB  . LYS A 1 30 ? 6.652   -3.174  8.914   1.00 50.03  ? 29  LYS A CB  1 
ATOM   231 C  CG  . LYS A 1 30 ? 7.992   -3.279  8.218   1.00 49.96  ? 29  LYS A CG  1 
ATOM   232 C  CD  . LYS A 1 30 ? 8.856   -4.278  8.964   1.00 50.06  ? 29  LYS A CD  1 
ATOM   233 C  CE  . LYS A 1 30 ? 10.286  -4.269  8.481   1.00 50.14  ? 29  LYS A CE  1 
ATOM   234 N  NZ  . LYS A 1 30 ? 11.105  -5.231  9.267   1.00 50.01  ? 29  LYS A NZ  1 
ATOM   235 N  N   . SER A 1 31 ? 3.888   -2.356  9.949   1.00 50.18  ? 30  SER A N   1 
ATOM   236 C  CA  . SER A 1 31 ? 2.604   -2.759  10.529  1.00 50.23  ? 30  SER A CA  1 
ATOM   237 C  C   . SER A 1 31 ? 1.417   -2.029  9.899   1.00 50.25  ? 30  SER A C   1 
ATOM   238 O  O   . SER A 1 31 ? 0.329   -2.590  9.794   1.00 50.29  ? 30  SER A O   1 
ATOM   239 C  CB  . SER A 1 31 ? 2.606   -2.581  12.051  1.00 50.23  ? 30  SER A CB  1 
ATOM   240 O  OG  . SER A 1 31 ? 2.668   -1.213  12.414  1.00 50.29  ? 30  SER A OG  1 
ATOM   241 N  N   . GLU A 1 32 ? 1.635   -0.789  9.473   1.00 50.24  ? 31  GLU A N   1 
ATOM   242 C  CA  . GLU A 1 32 ? 0.592   -0.003  8.809   1.00 50.25  ? 31  GLU A CA  1 
ATOM   243 C  C   . GLU A 1 32 ? 0.339   -0.470  7.376   1.00 50.29  ? 31  GLU A C   1 
ATOM   244 O  O   . GLU A 1 32 ? -0.809  -0.528  6.933   1.00 50.50  ? 31  GLU A O   1 
ATOM   245 C  CB  . GLU A 1 32 ? 0.946   1.481   8.815   1.00 50.28  ? 31  GLU A CB  1 
ATOM   246 C  CG  . GLU A 1 32 ? 0.956   2.118   10.191  1.00 49.96  ? 31  GLU A CG  1 
ATOM   247 C  CD  . GLU A 1 32 ? 1.560   3.504   10.173  1.00 49.87  ? 31  GLU A CD  1 
ATOM   248 O  OE1 . GLU A 1 32 ? 2.388   3.789   9.280   1.00 49.75  ? 31  GLU A OE1 1 
ATOM   249 O  OE2 . GLU A 1 32 ? 1.210   4.316   11.050  1.00 50.00  ? 31  GLU A OE2 1 
ATOM   250 N  N   . LEU A 1 33 ? 1.416   -0.793  6.660   1.00 50.25  ? 32  LEU A N   1 
ATOM   251 C  CA  . LEU A 1 33 ? 1.332   -1.348  5.309   1.00 50.15  ? 32  LEU A CA  1 
ATOM   252 C  C   . LEU A 1 33 ? 0.587   -2.685  5.332   1.00 50.20  ? 32  LEU A C   1 
ATOM   253 O  O   . LEU A 1 33 ? -0.259  -2.941  4.476   1.00 50.21  ? 32  LEU A O   1 
ATOM   254 C  CB  . LEU A 1 33 ? 2.737   -1.560  4.734   1.00 50.03  ? 32  LEU A CB  1 
ATOM   255 C  CG  . LEU A 1 33 ? 3.079   -1.391  3.246   1.00 50.08  ? 32  LEU A CG  1 
ATOM   256 C  CD1 . LEU A 1 33 ? 4.182   -2.367  2.885   1.00 49.64  ? 32  LEU A CD1 1 
ATOM   257 C  CD2 . LEU A 1 33 ? 1.898   -1.560  2.294   1.00 49.84  ? 32  LEU A CD2 1 
ATOM   258 N  N   . LYS A 1 34 ? 0.908   -3.527  6.315   1.00 50.32  ? 33  LYS A N   1 
ATOM   259 C  CA  . LYS A 1 34 ? 0.274   -4.838  6.472   1.00 50.54  ? 33  LYS A CA  1 
ATOM   260 C  C   . LYS A 1 34 ? -1.243  -4.734  6.645   1.00 50.58  ? 33  LYS A C   1 
ATOM   261 O  O   . LYS A 1 34 ? -2.001  -5.423  5.953   1.00 50.58  ? 33  LYS A O   1 
ATOM   262 C  CB  . LYS A 1 34 ? 0.892   -5.612  7.645   1.00 50.49  ? 33  LYS A CB  1 
ATOM   263 C  CG  . LYS A 1 34 ? 0.115   -6.875  8.034   1.00 50.53  ? 33  LYS A CG  1 
ATOM   264 C  CD  . LYS A 1 34 ? 0.843   -7.732  9.053   1.00 50.95  ? 33  LYS A CD  1 
ATOM   265 C  CE  . LYS A 1 34 ? 0.656   -7.228  10.478  1.00 51.82  ? 33  LYS A CE  1 
ATOM   266 N  NZ  . LYS A 1 34 ? 1.230   -8.184  11.474  1.00 52.29  ? 33  LYS A NZ  1 
ATOM   267 N  N   . GLU A 1 35 ? -1.676  -3.870  7.561   1.00 50.59  ? 34  GLU A N   1 
ATOM   268 C  CA  . GLU A 1 35 ? -3.096  -3.690  7.841   1.00 50.62  ? 34  GLU A CA  1 
ATOM   269 C  C   . GLU A 1 35 ? -3.854  -3.141  6.634   1.00 50.58  ? 34  GLU A C   1 
ATOM   270 O  O   . GLU A 1 35 ? -4.994  -3.532  6.392   1.00 50.61  ? 34  GLU A O   1 
ATOM   271 C  CB  . GLU A 1 35 ? -3.311  -2.798  9.068   1.00 50.66  ? 34  GLU A CB  1 
ATOM   272 C  CG  . GLU A 1 35 ? -2.540  -3.222  10.326  1.00 51.25  ? 34  GLU A CG  1 
ATOM   273 C  CD  . GLU A 1 35 ? -3.052  -4.498  10.986  1.00 51.82  ? 34  GLU A CD  1 
ATOM   274 O  OE1 . GLU A 1 35 ? -3.679  -5.339  10.308  1.00 52.16  ? 34  GLU A OE1 1 
ATOM   275 O  OE2 . GLU A 1 35 ? -2.812  -4.663  12.200  1.00 52.59  ? 34  GLU A OE2 1 
ATOM   276 N  N   . LEU A 1 36 ? -3.213  -2.246  5.878   1.00 50.57  ? 35  LEU A N   1 
ATOM   277 C  CA  . LEU A 1 36 ? -3.790  -1.713  4.641   1.00 50.40  ? 35  LEU A CA  1 
ATOM   278 C  C   . LEU A 1 36 ? -4.037  -2.823  3.618   1.00 50.45  ? 35  LEU A C   1 
ATOM   279 O  O   . LEU A 1 36 ? -5.112  -2.894  3.026   1.00 50.65  ? 35  LEU A O   1 
ATOM   280 C  CB  . LEU A 1 36 ? -2.898  -0.613  4.047   1.00 50.48  ? 35  LEU A CB  1 
ATOM   281 C  CG  . LEU A 1 36 ? -3.416  0.196   2.848   1.00 50.14  ? 35  LEU A CG  1 
ATOM   282 C  CD1 . LEU A 1 36 ? -2.846  1.603   2.868   1.00 50.28  ? 35  LEU A CD1 1 
ATOM   283 C  CD2 . LEU A 1 36 ? -3.106  -0.491  1.515   1.00 49.96  ? 35  LEU A CD2 1 
ATOM   284 N  N   . ILE A 1 37 ? -3.037  -3.678  3.413   1.00 50.33  ? 36  ILE A N   1 
ATOM   285 C  CA  . ILE A 1 37 ? -3.158  -4.815  2.500   1.00 50.15  ? 36  ILE A CA  1 
ATOM   286 C  C   . ILE A 1 37 ? -4.227  -5.806  2.974   1.00 50.10  ? 36  ILE A C   1 
ATOM   287 O  O   . ILE A 1 37 ? -5.077  -6.231  2.186   1.00 50.08  ? 36  ILE A O   1 
ATOM   288 C  CB  . ILE A 1 37 ? -1.789  -5.523  2.278   1.00 50.23  ? 36  ILE A CB  1 
ATOM   289 C  CG1 . ILE A 1 37 ? -0.871  -4.643  1.418   1.00 50.10  ? 36  ILE A CG1 1 
ATOM   290 C  CG2 . ILE A 1 37 ? -1.975  -6.903  1.631   1.00 50.15  ? 36  ILE A CG2 1 
ATOM   291 C  CD1 . ILE A 1 37 ? 0.581   -5.078  1.399   1.00 50.06  ? 36  ILE A CD1 1 
ATOM   292 N  N   . ASN A 1 38 ? -4.191  -6.148  4.261   1.00 49.84  ? 37  ASN A N   1 
ATOM   293 C  CA  . ASN A 1 38 ? -5.113  -7.128  4.836   1.00 49.72  ? 37  ASN A CA  1 
ATOM   294 C  C   . ASN A 1 38 ? -6.570  -6.675  4.896   1.00 49.71  ? 37  ASN A C   1 
ATOM   295 O  O   . ASN A 1 38 ? -7.484  -7.485  4.713   1.00 49.62  ? 37  ASN A O   1 
ATOM   296 C  CB  . ASN A 1 38 ? -4.639  -7.564  6.228   1.00 49.65  ? 37  ASN A CB  1 
ATOM   297 C  CG  . ASN A 1 38 ? -3.432  -8.494  6.177   1.00 49.55  ? 37  ASN A CG  1 
ATOM   298 O  OD1 . ASN A 1 38 ? -2.900  -8.891  7.215   1.00 49.70  ? 37  ASN A OD1 1 
ATOM   299 N  ND2 . ASN A 1 38 ? -3.000  -8.852  4.972   1.00 48.65  ? 37  ASN A ND2 1 
ATOM   300 N  N   . ASN A 1 39 ? -6.784  -5.386  5.150   1.00 49.70  ? 38  ASN A N   1 
ATOM   301 C  CA  . ASN A 1 39 ? -8.134  -4.840  5.287   1.00 49.71  ? 38  ASN A CA  1 
ATOM   302 C  C   . ASN A 1 39 ? -8.717  -4.287  3.991   1.00 49.76  ? 38  ASN A C   1 
ATOM   303 O  O   . ASN A 1 39 ? -9.927  -4.369  3.776   1.00 49.77  ? 38  ASN A O   1 
ATOM   304 C  CB  . ASN A 1 39 ? -8.181  -3.748  6.363   1.00 49.70  ? 38  ASN A CB  1 
ATOM   305 C  CG  . ASN A 1 39 ? -7.757  -4.243  7.739   1.00 49.59  ? 38  ASN A CG  1 
ATOM   306 O  OD1 . ASN A 1 39 ? -7.828  -5.434  8.045   1.00 49.69  ? 38  ASN A OD1 1 
ATOM   307 N  ND2 . ASN A 1 39 ? -7.318  -3.316  8.580   1.00 49.39  ? 38  ASN A ND2 1 
ATOM   308 N  N   . GLU A 1 40 ? -7.864  -3.727  3.135   1.00 49.89  ? 39  GLU A N   1 
ATOM   309 C  CA  . GLU A 1 40 ? -8.333  -2.977  1.963   1.00 50.10  ? 39  GLU A CA  1 
ATOM   310 C  C   . GLU A 1 40 ? -8.048  -3.643  0.613   1.00 50.07  ? 39  GLU A C   1 
ATOM   311 O  O   . GLU A 1 40 ? -8.589  -3.223  -0.414  1.00 50.03  ? 39  GLU A O   1 
ATOM   312 C  CB  . GLU A 1 40 ? -7.772  -1.545  1.969   1.00 50.14  ? 39  GLU A CB  1 
ATOM   313 C  CG  . GLU A 1 40 ? -7.835  -0.816  3.318   1.00 50.60  ? 39  GLU A CG  1 
ATOM   314 C  CD  . GLU A 1 40 ? -9.251  -0.569  3.825   1.00 51.13  ? 39  GLU A CD  1 
ATOM   315 O  OE1 . GLU A 1 40 ? -10.185 -0.426  3.003   1.00 51.26  ? 39  GLU A OE1 1 
ATOM   316 O  OE2 . GLU A 1 40 ? -9.428  -0.505  5.059   1.00 51.29  ? 39  GLU A OE2 1 
ATOM   317 N  N   . LEU A 1 41 ? -7.202  -4.669  0.613   1.00 50.09  ? 40  LEU A N   1 
ATOM   318 C  CA  . LEU A 1 41 ? -6.866  -5.388  -0.618  1.00 50.13  ? 40  LEU A CA  1 
ATOM   319 C  C   . LEU A 1 41 ? -7.128  -6.893  -0.503  1.00 50.15  ? 40  LEU A C   1 
ATOM   320 O  O   . LEU A 1 41 ? -6.451  -7.704  -1.141  1.00 50.17  ? 40  LEU A O   1 
ATOM   321 C  CB  . LEU A 1 41 ? -5.413  -5.114  -1.024  1.00 50.09  ? 40  LEU A CB  1 
ATOM   322 C  CG  . LEU A 1 41 ? -5.059  -3.695  -1.483  1.00 50.10  ? 40  LEU A CG  1 
ATOM   323 C  CD1 . LEU A 1 41 ? -3.557  -3.496  -1.454  1.00 49.87  ? 40  LEU A CD1 1 
ATOM   324 C  CD2 . LEU A 1 41 ? -5.624  -3.389  -2.868  1.00 49.92  ? 40  LEU A CD2 1 
ATOM   325 N  N   . SER A 1 42 ? -8.136  -7.249  0.292   1.00 50.21  ? 41  SER A N   1 
ATOM   326 C  CA  . SER A 1 42 ? -8.430  -8.644  0.627   1.00 50.25  ? 41  SER A CA  1 
ATOM   327 C  C   . SER A 1 42 ? -8.922  -9.483  -0.552  1.00 50.30  ? 41  SER A C   1 
ATOM   328 O  O   . SER A 1 42 ? -8.931  -10.714 -0.481  1.00 50.34  ? 41  SER A O   1 
ATOM   329 C  CB  . SER A 1 42 ? -9.439  -8.716  1.775   1.00 50.26  ? 41  SER A CB  1 
ATOM   330 O  OG  . SER A 1 42 ? -10.697 -8.195  1.382   1.00 50.33  ? 41  SER A OG  1 
ATOM   331 N  N   . HIS A 1 43 ? -9.336  -8.815  -1.628  1.00 50.35  ? 42  HIS A N   1 
ATOM   332 C  CA  . HIS A 1 43 ? -9.759  -9.501  -2.848  1.00 50.39  ? 42  HIS A CA  1 
ATOM   333 C  C   . HIS A 1 43 ? -8.659  -9.596  -3.884  1.00 50.38  ? 42  HIS A C   1 
ATOM   334 O  O   . HIS A 1 43 ? -8.754  -10.405 -4.792  1.00 50.49  ? 42  HIS A O   1 
ATOM   335 C  CB  . HIS A 1 43 ? -10.947 -8.801  -3.504  1.00 50.40  ? 42  HIS A CB  1 
ATOM   336 C  CG  . HIS A 1 43 ? -12.186 -8.807  -2.677  1.00 50.48  ? 42  HIS A CG  1 
ATOM   337 N  ND1 . HIS A 1 43 ? -12.572 -7.723  -1.920  1.00 50.64  ? 42  HIS A ND1 1 
ATOM   338 C  CD2 . HIS A 1 43 ? -13.132 -9.756  -2.486  1.00 50.56  ? 42  HIS A CD2 1 
ATOM   339 C  CE1 . HIS A 1 43 ? -13.701 -8.005  -1.297  1.00 50.51  ? 42  HIS A CE1 1 
ATOM   340 N  NE2 . HIS A 1 43 ? -14.062 -9.232  -1.623  1.00 50.71  ? 42  HIS A NE2 1 
ATOM   341 N  N   . PHE A 1 44 ? -7.644  -8.746  -3.787  1.00 50.36  ? 43  PHE A N   1 
ATOM   342 C  CA  . PHE A 1 44 ? -6.589  -8.737  -4.796  1.00 50.34  ? 43  PHE A CA  1 
ATOM   343 C  C   . PHE A 1 44 ? -5.345  -9.483  -4.333  1.00 50.34  ? 43  PHE A C   1 
ATOM   344 O  O   . PHE A 1 44 ? -4.622  -10.064 -5.145  1.00 50.33  ? 43  PHE A O   1 
ATOM   345 C  CB  . PHE A 1 44 ? -6.227  -7.306  -5.225  1.00 50.30  ? 43  PHE A CB  1 
ATOM   346 C  CG  . PHE A 1 44 ? -7.363  -6.538  -5.868  1.00 50.19  ? 43  PHE A CG  1 
ATOM   347 C  CD1 . PHE A 1 44 ? -8.503  -7.183  -6.345  1.00 50.42  ? 43  PHE A CD1 1 
ATOM   348 C  CD2 . PHE A 1 44 ? -7.271  -5.161  -6.020  1.00 50.25  ? 43  PHE A CD2 1 
ATOM   349 C  CE1 . PHE A 1 44 ? -9.540  -6.463  -6.937  1.00 50.30  ? 43  PHE A CE1 1 
ATOM   350 C  CE2 . PHE A 1 44 ? -8.299  -4.435  -6.616  1.00 50.31  ? 43  PHE A CE2 1 
ATOM   351 C  CZ  . PHE A 1 44 ? -9.434  -5.087  -7.074  1.00 50.23  ? 43  PHE A CZ  1 
ATOM   352 N  N   . LEU A 1 45 ? -5.106  -9.469  -3.023  1.00 50.32  ? 44  LEU A N   1 
ATOM   353 C  CA  . LEU A 1 45 ? -3.903  -10.059 -2.450  1.00 50.35  ? 44  LEU A CA  1 
ATOM   354 C  C   . LEU A 1 45 ? -4.214  -11.035 -1.323  1.00 50.38  ? 44  LEU A C   1 
ATOM   355 O  O   . LEU A 1 45 ? -5.216  -10.888 -0.623  1.00 50.35  ? 44  LEU A O   1 
ATOM   356 C  CB  . LEU A 1 45 ? -2.960  -8.959  -1.946  1.00 50.37  ? 44  LEU A CB  1 
ATOM   357 C  CG  . LEU A 1 45 ? -2.336  -8.011  -2.978  1.00 50.48  ? 44  LEU A CG  1 
ATOM   358 C  CD1 . LEU A 1 45 ? -1.762  -6.781  -2.294  1.00 50.59  ? 44  LEU A CD1 1 
ATOM   359 C  CD2 . LEU A 1 45 ? -1.271  -8.716  -3.812  1.00 50.72  ? 44  LEU A CD2 1 
ATOM   360 N  N   . GLU A 1 46 ? -3.346  -12.035 -1.167  1.00 50.45  ? 45  GLU A N   1 
ATOM   361 C  CA  . GLU A 1 46 ? -3.399  -12.964 -0.039  1.00 50.56  ? 45  GLU A CA  1 
ATOM   362 C  C   . GLU A 1 46 ? -3.161  -12.234 1.271   1.00 50.38  ? 45  GLU A C   1 
ATOM   363 O  O   . GLU A 1 46 ? -2.323  -11.333 1.342   1.00 50.36  ? 45  GLU A O   1 
ATOM   364 C  CB  . GLU A 1 46 ? -2.326  -14.039 -0.183  1.00 50.68  ? 45  GLU A CB  1 
ATOM   365 C  CG  . GLU A 1 46 ? -2.735  -15.236 -1.006  1.00 51.50  ? 45  GLU A CG  1 
ATOM   366 C  CD  . GLU A 1 46 ? -1.546  -16.083 -1.426  1.00 52.51  ? 45  GLU A CD  1 
ATOM   367 O  OE1 . GLU A 1 46 ? -1.554  -16.573 -2.574  1.00 53.25  ? 45  GLU A OE1 1 
ATOM   368 O  OE2 . GLU A 1 46 ? -0.601  -16.252 -0.619  1.00 52.57  ? 45  GLU A OE2 1 
ATOM   369 N  N   . GLU A 1 47 ? -3.894  -12.634 2.303   1.00 50.21  ? 46  GLU A N   1 
ATOM   370 C  CA  . GLU A 1 47 ? -3.699  -12.087 3.638   1.00 50.11  ? 46  GLU A CA  1 
ATOM   371 C  C   . GLU A 1 47 ? -2.277  -12.382 4.112   1.00 50.02  ? 46  GLU A C   1 
ATOM   372 O  O   . GLU A 1 47 ? -1.799  -13.513 3.998   1.00 50.04  ? 46  GLU A O   1 
ATOM   373 C  CB  . GLU A 1 47 ? -4.718  -12.675 4.613   1.00 50.15  ? 46  GLU A CB  1 
ATOM   374 C  CG  . GLU A 1 47 ? -4.943  -11.825 5.854   1.00 50.37  ? 46  GLU A CG  1 
ATOM   375 C  CD  . GLU A 1 47 ? -5.680  -12.562 6.956   1.00 50.95  ? 46  GLU A CD  1 
ATOM   376 O  OE1 . GLU A 1 47 ? -6.575  -13.381 6.649   1.00 51.17  ? 46  GLU A OE1 1 
ATOM   377 O  OE2 . GLU A 1 47 ? -5.364  -12.314 8.139   1.00 51.39  ? 46  GLU A OE2 1 
ATOM   378 N  N   . ILE A 1 48 ? -1.607  -11.350 4.618   1.00 49.85  ? 47  ILE A N   1 
ATOM   379 C  CA  . ILE A 1 48 ? -0.259  -11.477 5.158   1.00 49.78  ? 47  ILE A CA  1 
ATOM   380 C  C   . ILE A 1 48 ? -0.330  -11.960 6.604   1.00 49.82  ? 47  ILE A C   1 
ATOM   381 O  O   . ILE A 1 48 ? -0.880  -11.274 7.468   1.00 49.74  ? 47  ILE A O   1 
ATOM   382 C  CB  . ILE A 1 48 ? 0.523   -10.143 5.078   1.00 49.83  ? 47  ILE A CB  1 
ATOM   383 C  CG1 . ILE A 1 48 ? 0.605   -9.649  3.628   1.00 49.76  ? 47  ILE A CG1 1 
ATOM   384 C  CG2 . ILE A 1 48 ? 1.914   -10.313 5.671   1.00 49.74  ? 47  ILE A CG2 1 
ATOM   385 C  CD1 . ILE A 1 48 ? 1.121   -8.225  3.476   1.00 49.69  ? 47  ILE A CD1 1 
ATOM   386 N  N   . LYS A 1 49 ? 0.231   -13.141 6.854   1.00 49.87  ? 48  LYS A N   1 
ATOM   387 C  CA  . LYS A 1 49 ? 0.166   -13.781 8.168   1.00 50.12  ? 48  LYS A CA  1 
ATOM   388 C  C   . LYS A 1 49 ? 1.543   -14.085 8.762   1.00 50.24  ? 48  LYS A C   1 
ATOM   389 O  O   . LYS A 1 49 ? 1.645   -14.478 9.924   1.00 50.36  ? 48  LYS A O   1 
ATOM   390 C  CB  . LYS A 1 49 ? -0.666  -15.068 8.100   1.00 50.00  ? 48  LYS A CB  1 
ATOM   391 C  CG  . LYS A 1 49 ? -2.163  -14.839 7.985   1.00 50.14  ? 48  LYS A CG  1 
ATOM   392 C  CD  . LYS A 1 49 ? -2.936  -16.145 8.098   1.00 50.18  ? 48  LYS A CD  1 
ATOM   393 C  CE  . LYS A 1 49 ? -4.426  -15.884 8.253   1.00 50.38  ? 48  LYS A CE  1 
ATOM   394 N  NZ  . LYS A 1 49 ? -5.209  -17.141 8.391   1.00 50.20  ? 48  LYS A NZ  1 
ATOM   395 N  N   . GLU A 1 50 ? 2.591   -13.908 7.961   1.00 50.39  ? 49  GLU A N   1 
ATOM   396 C  CA  . GLU A 1 50 ? 3.958   -14.180 8.400   1.00 50.57  ? 49  GLU A CA  1 
ATOM   397 C  C   . GLU A 1 50 ? 4.784   -12.900 8.375   1.00 50.57  ? 49  GLU A C   1 
ATOM   398 O  O   . GLU A 1 50 ? 4.602   -12.058 7.494   1.00 50.65  ? 49  GLU A O   1 
ATOM   399 C  CB  . GLU A 1 50 ? 4.615   -15.246 7.513   1.00 50.66  ? 49  GLU A CB  1 
ATOM   400 C  CG  . GLU A 1 50 ? 3.943   -16.626 7.541   1.00 51.24  ? 49  GLU A CG  1 
ATOM   401 C  CD  . GLU A 1 50 ? 4.231   -17.422 8.811   1.00 52.08  ? 49  GLU A CD  1 
ATOM   402 O  OE1 . GLU A 1 50 ? 5.287   -17.201 9.446   1.00 52.40  ? 49  GLU A OE1 1 
ATOM   403 O  OE2 . GLU A 1 50 ? 3.396   -18.284 9.168   1.00 52.60  ? 49  GLU A OE2 1 
ATOM   404 N  N   . GLN A 1 51 ? 5.692   -12.768 9.340   1.00 50.55  ? 50  GLN A N   1 
ATOM   405 C  CA  . GLN A 1 51 ? 6.556   -11.589 9.458   1.00 50.50  ? 50  GLN A CA  1 
ATOM   406 C  C   . GLN A 1 51 ? 7.476   -11.408 8.249   1.00 50.47  ? 50  GLN A C   1 
ATOM   407 O  O   . GLN A 1 51 ? 7.741   -10.279 7.833   1.00 50.45  ? 50  GLN A O   1 
ATOM   408 C  CB  . GLN A 1 51 ? 7.382   -11.653 10.753  1.00 50.58  ? 50  GLN A CB  1 
ATOM   409 C  CG  . GLN A 1 51 ? 8.320   -10.461 10.994  1.00 50.52  ? 50  GLN A CG  1 
ATOM   410 C  CD  . GLN A 1 51 ? 7.581   -9.143  11.163  1.00 50.80  ? 50  GLN A CD  1 
ATOM   411 O  OE1 . GLN A 1 51 ? 6.707   -9.010  12.022  1.00 51.13  ? 50  GLN A OE1 1 
ATOM   412 N  NE2 . GLN A 1 51 ? 7.938   -8.159  10.347  1.00 50.61  ? 50  GLN A NE2 1 
ATOM   413 N  N   . GLU A 1 52 ? 7.952   -12.516 7.685   1.00 50.40  ? 51  GLU A N   1 
ATOM   414 C  CA  . GLU A 1 52 ? 8.887   -12.444 6.566   1.00 50.40  ? 51  GLU A CA  1 
ATOM   415 C  C   . GLU A 1 52 ? 8.225   -11.987 5.262   1.00 50.30  ? 51  GLU A C   1 
ATOM   416 O  O   . GLU A 1 52 ? 8.902   -11.506 4.353   1.00 50.29  ? 51  GLU A O   1 
ATOM   417 C  CB  . GLU A 1 52 ? 9.653   -13.760 6.393   1.00 50.44  ? 51  GLU A CB  1 
ATOM   418 C  CG  . GLU A 1 52 ? 8.947   -14.852 5.624   1.00 50.80  ? 51  GLU A CG  1 
ATOM   419 C  CD  . GLU A 1 52 ? 9.925   -15.900 5.139   1.00 51.42  ? 51  GLU A CD  1 
ATOM   420 O  OE1 . GLU A 1 52 ? 10.232  -16.836 5.906   1.00 51.24  ? 51  GLU A OE1 1 
ATOM   421 O  OE2 . GLU A 1 52 ? 10.395  -15.774 3.989   1.00 51.82  ? 51  GLU A OE2 1 
ATOM   422 N  N   . VAL A 1 53 ? 6.903   -12.133 5.188   1.00 50.26  ? 52  VAL A N   1 
ATOM   423 C  CA  . VAL A 1 53 ? 6.120   -11.610 4.069   1.00 50.19  ? 52  VAL A CA  1 
ATOM   424 C  C   . VAL A 1 53 ? 5.956   -10.092 4.216   1.00 50.15  ? 52  VAL A C   1 
ATOM   425 O  O   . VAL A 1 53 ? 6.033   -9.361  3.231   1.00 50.19  ? 52  VAL A O   1 
ATOM   426 C  CB  . VAL A 1 53 ? 4.743   -12.319 3.941   1.00 50.18  ? 52  VAL A CB  1 
ATOM   427 C  CG1 . VAL A 1 53 ? 3.955   -11.783 2.747   1.00 50.17  ? 52  VAL A CG1 1 
ATOM   428 C  CG2 . VAL A 1 53 ? 4.929   -13.828 3.815   1.00 49.99  ? 52  VAL A CG2 1 
ATOM   429 N  N   . VAL A 1 54 ? 5.751   -9.631  5.450   1.00 50.21  ? 53  VAL A N   1 
ATOM   430 C  CA  . VAL A 1 54 ? 5.712   -8.197  5.772   1.00 50.32  ? 53  VAL A CA  1 
ATOM   431 C  C   . VAL A 1 54 ? 7.036   -7.532  5.399   1.00 50.23  ? 53  VAL A C   1 
ATOM   432 O  O   . VAL A 1 54 ? 7.050   -6.472  4.768   1.00 50.26  ? 53  VAL A O   1 
ATOM   433 C  CB  . VAL A 1 54 ? 5.444   -7.945  7.284   1.00 50.42  ? 53  VAL A CB  1 
ATOM   434 C  CG1 . VAL A 1 54 ? 5.309   -6.451  7.573   1.00 50.73  ? 53  VAL A CG1 1 
ATOM   435 C  CG2 . VAL A 1 54 ? 4.207   -8.691  7.761   1.00 50.60  ? 53  VAL A CG2 1 
ATOM   436 N  N   . ASP A 1 55 ? 8.138   -8.169  5.792   1.00 50.02  ? 54  ASP A N   1 
ATOM   437 C  CA  . ASP A 1 55 ? 9.486   -7.668  5.529   1.00 49.96  ? 54  ASP A CA  1 
ATOM   438 C  C   . ASP A 1 55 ? 9.833   -7.631  4.039   1.00 49.98  ? 54  ASP A C   1 
ATOM   439 O  O   . ASP A 1 55 ? 10.439  -6.669  3.566   1.00 49.96  ? 54  ASP A O   1 
ATOM   440 C  CB  . ASP A 1 55 ? 10.523  -8.505  6.288   1.00 49.80  ? 54  ASP A CB  1 
ATOM   441 C  CG  . ASP A 1 55 ? 10.391  -8.382  7.800   1.00 49.70  ? 54  ASP A CG  1 
ATOM   442 O  OD1 . ASP A 1 55 ? 9.625   -7.519  8.278   1.00 49.70  ? 54  ASP A OD1 1 
ATOM   443 O  OD2 . ASP A 1 55 ? 11.063  -9.152  8.516   1.00 49.02  ? 54  ASP A OD2 1 
ATOM   444 N  N   . LYS A 1 56 ? 9.446   -8.676  3.307   1.00 50.01  ? 55  LYS A N   1 
ATOM   445 C  CA  . LYS A 1 56 ? 9.732   -8.766  1.876   1.00 50.12  ? 55  LYS A CA  1 
ATOM   446 C  C   . LYS A 1 56 ? 8.938   -7.748  1.058   1.00 50.17  ? 55  LYS A C   1 
ATOM   447 O  O   . LYS A 1 56 ? 9.473   -7.152  0.123   1.00 50.17  ? 55  LYS A O   1 
ATOM   448 C  CB  . LYS A 1 56 ? 9.488   -10.190 1.354   1.00 50.15  ? 55  LYS A CB  1 
ATOM   449 C  CG  . LYS A 1 56 ? 10.024  -10.457 -0.055  1.00 50.30  ? 55  LYS A CG  1 
ATOM   450 C  CD  . LYS A 1 56 ? 11.551  -10.476 -0.092  1.00 50.68  ? 55  LYS A CD  1 
ATOM   451 C  CE  . LYS A 1 56 ? 12.076  -10.427 -1.519  1.00 50.90  ? 55  LYS A CE  1 
ATOM   452 N  NZ  . LYS A 1 56 ? 13.569  -10.404 -1.572  1.00 50.96  ? 55  LYS A NZ  1 
ATOM   453 N  N   . VAL A 1 57 ? 7.669   -7.553  1.418   1.00 50.22  ? 56  VAL A N   1 
ATOM   454 C  CA  . VAL A 1 57 ? 6.792   -6.591  0.739   1.00 50.38  ? 56  VAL A CA  1 
ATOM   455 C  C   . VAL A 1 57 ? 7.307   -5.155  0.892   1.00 50.32  ? 56  VAL A C   1 
ATOM   456 O  O   . VAL A 1 57 ? 7.359   -4.406  -0.087  1.00 50.33  ? 56  VAL A O   1 
ATOM   457 C  CB  . VAL A 1 57 ? 5.309   -6.726  1.209   1.00 50.39  ? 56  VAL A CB  1 
ATOM   458 C  CG1 . VAL A 1 57 ? 4.470   -5.518  0.795   1.00 50.59  ? 56  VAL A CG1 1 
ATOM   459 C  CG2 . VAL A 1 57 ? 4.692   -8.007  0.652   1.00 50.63  ? 56  VAL A CG2 1 
ATOM   460 N  N   . MET A 1 58 ? 7.700   -4.788  2.112   1.00 50.30  ? 57  MET A N   1 
ATOM   461 C  CA  . MET A 1 58 ? 8.302   -3.474  2.368   1.00 50.27  ? 57  MET A CA  1 
ATOM   462 C  C   . MET A 1 58 ? 9.612   -3.290  1.597   1.00 50.21  ? 57  MET A C   1 
ATOM   463 O  O   . MET A 1 58 ? 9.850   -2.223  1.036   1.00 50.21  ? 57  MET A O   1 
ATOM   464 C  CB  . MET A 1 58 ? 8.511   -3.238  3.871   1.00 50.22  ? 57  MET A CB  1 
ATOM   465 C  CG  . MET A 1 58 ? 9.091   -1.860  4.227   1.00 50.43  ? 57  MET A CG  1 
ATOM   466 S  SD  . MET A 1 58 ? 8.074   -0.459  3.699   1.00 50.64  ? 57  MET A SD  1 
ATOM   467 C  CE  . MET A 1 58 ? 6.820   -0.447  4.977   1.00 50.54  ? 57  MET A CE  1 
ATOM   468 N  N   . GLU A 1 59 ? 10.446  -4.331  1.562   1.00 50.22  ? 58  GLU A N   1 
ATOM   469 C  CA  . GLU A 1 59 ? 11.706  -4.304  0.808   1.00 50.22  ? 58  GLU A CA  1 
ATOM   470 C  C   . GLU A 1 59 ? 11.467  -4.001  -0.674  1.00 50.18  ? 58  GLU A C   1 
ATOM   471 O  O   . GLU A 1 59 ? 12.203  -3.225  -1.282  1.00 50.13  ? 58  GLU A O   1 
ATOM   472 C  CB  . GLU A 1 59 ? 12.465  -5.631  0.959   1.00 50.22  ? 58  GLU A CB  1 
ATOM   473 C  CG  . GLU A 1 59 ? 13.911  -5.589  0.449   1.00 50.33  ? 58  GLU A CG  1 
ATOM   474 C  CD  . GLU A 1 59 ? 14.561  -6.963  0.336   1.00 50.43  ? 58  GLU A CD  1 
ATOM   475 O  OE1 . GLU A 1 59 ? 13.864  -7.945  0.003   1.00 50.94  ? 58  GLU A OE1 1 
ATOM   476 O  OE2 . GLU A 1 59 ? 15.785  -7.060  0.564   1.00 51.04  ? 58  GLU A OE2 1 
ATOM   477 N  N   . THR A 1 60 ? 10.427  -4.618  -1.234  1.00 50.20  ? 59  THR A N   1 
ATOM   478 C  CA  . THR A 1 60 ? 10.045  -4.442  -2.638  1.00 50.25  ? 59  THR A CA  1 
ATOM   479 C  C   . THR A 1 60 ? 9.515   -3.031  -2.927  1.00 50.14  ? 59  THR A C   1 
ATOM   480 O  O   . THR A 1 60 ? 9.834   -2.449  -3.965  1.00 50.05  ? 59  THR A O   1 
ATOM   481 C  CB  . THR A 1 60 ? 8.992   -5.501  -3.068  1.00 50.29  ? 59  THR A CB  1 
ATOM   482 O  OG1 . THR A 1 60 ? 9.459   -6.812  -2.721  1.00 50.43  ? 59  THR A OG1 1 
ATOM   483 C  CG2 . THR A 1 60 ? 8.732   -5.447  -4.570  1.00 50.39  ? 59  THR A CG2 1 
ATOM   484 N  N   . LEU A 1 61 ? 8.720   -2.487  -2.007  1.00 50.07  ? 60  LEU A N   1 
ATOM   485 C  CA  . LEU A 1 61 ? 8.089   -1.177  -2.204  1.00 50.10  ? 60  LEU A CA  1 
ATOM   486 C  C   . LEU A 1 61 ? 8.987   0.010   -1.839  1.00 50.16  ? 60  LEU A C   1 
ATOM   487 O  O   . LEU A 1 61 ? 8.813   1.111   -2.366  1.00 50.16  ? 60  LEU A O   1 
ATOM   488 C  CB  . LEU A 1 61 ? 6.763   -1.091  -1.438  1.00 50.07  ? 60  LEU A CB  1 
ATOM   489 C  CG  . LEU A 1 61 ? 5.643   -2.069  -1.808  1.00 49.98  ? 60  LEU A CG  1 
ATOM   490 C  CD1 . LEU A 1 61 ? 4.365   -1.686  -1.089  1.00 50.02  ? 60  LEU A CD1 1 
ATOM   491 C  CD2 . LEU A 1 61 ? 5.418   -2.126  -3.317  1.00 50.44  ? 60  LEU A CD2 1 
ATOM   492 N  N   . ASP A 1 62 ? 9.940   -0.229  -0.941  1.00 50.18  ? 61  ASP A N   1 
ATOM   493 C  CA  . ASP A 1 62 ? 10.844  0.805   -0.439  1.00 50.25  ? 61  ASP A CA  1 
ATOM   494 C  C   . ASP A 1 62 ? 11.936  1.147   -1.461  1.00 50.28  ? 61  ASP A C   1 
ATOM   495 O  O   . ASP A 1 62 ? 13.036  0.582   -1.427  1.00 50.28  ? 61  ASP A O   1 
ATOM   496 C  CB  . ASP A 1 62 ? 11.456  0.347   0.892   1.00 50.29  ? 61  ASP A CB  1 
ATOM   497 C  CG  . ASP A 1 62 ? 12.259  1.431   1.585   1.00 50.48  ? 61  ASP A CG  1 
ATOM   498 O  OD1 . ASP A 1 62 ? 12.062  2.629   1.282   1.00 50.75  ? 61  ASP A OD1 1 
ATOM   499 O  OD2 . ASP A 1 62 ? 13.088  1.078   2.449   1.00 50.43  ? 61  ASP A OD2 1 
ATOM   500 N  N   . SER A 1 63 ? 11.620  2.080   -2.359  1.00 50.23  ? 62  SER A N   1 
ATOM   501 C  CA  . SER A 1 63 ? 12.524  2.469   -3.449  1.00 50.21  ? 62  SER A CA  1 
ATOM   502 C  C   . SER A 1 63 ? 13.739  3.280   -2.998  1.00 50.17  ? 62  SER A C   1 
ATOM   503 O  O   . SER A 1 63 ? 14.866  2.980   -3.396  1.00 50.23  ? 62  SER A O   1 
ATOM   504 C  CB  . SER A 1 63 ? 11.764  3.232   -4.539  1.00 50.17  ? 62  SER A CB  1 
ATOM   505 O  OG  . SER A 1 63 ? 10.886  2.373   -5.239  1.00 50.31  ? 62  SER A OG  1 
ATOM   506 N  N   . ASP A 1 64 ? 13.511  4.307   -2.179  1.00 50.14  ? 63  ASP A N   1 
ATOM   507 C  CA  . ASP A 1 64 ? 14.603  5.165   -1.709  1.00 50.15  ? 63  ASP A CA  1 
ATOM   508 C  C   . ASP A 1 64 ? 15.396  4.556   -0.544  1.00 50.17  ? 63  ASP A C   1 
ATOM   509 O  O   . ASP A 1 64 ? 16.489  5.022   -0.217  1.00 50.25  ? 63  ASP A O   1 
ATOM   510 C  CB  . ASP A 1 64 ? 14.109  6.588   -1.383  1.00 50.14  ? 63  ASP A CB  1 
ATOM   511 C  CG  . ASP A 1 64 ? 12.936  6.612   -0.407  1.00 49.97  ? 63  ASP A CG  1 
ATOM   512 O  OD1 . ASP A 1 64 ? 12.745  5.648   0.366   1.00 49.86  ? 63  ASP A OD1 1 
ATOM   513 O  OD2 . ASP A 1 64 ? 12.201  7.621   -0.407  1.00 49.76  ? 63  ASP A OD2 1 
ATOM   514 N  N   . GLY A 1 65 ? 14.836  3.516   0.070   1.00 50.17  ? 64  GLY A N   1 
ATOM   515 C  CA  . GLY A 1 65 ? 15.534  2.740   1.092   1.00 50.14  ? 64  GLY A CA  1 
ATOM   516 C  C   . GLY A 1 65 ? 15.602  3.372   2.469   1.00 50.12  ? 64  GLY A C   1 
ATOM   517 O  O   . GLY A 1 65 ? 16.654  3.346   3.107   1.00 50.20  ? 64  GLY A O   1 
ATOM   518 N  N   . ASP A 1 66 ? 14.485  3.933   2.929   1.00 50.07  ? 65  ASP A N   1 
ATOM   519 C  CA  . ASP A 1 66 ? 14.412  4.537   4.264   1.00 50.09  ? 65  ASP A CA  1 
ATOM   520 C  C   . ASP A 1 66 ? 13.601  3.688   5.252   1.00 50.10  ? 65  ASP A C   1 
ATOM   521 O  O   . ASP A 1 66 ? 13.315  4.121   6.370   1.00 50.09  ? 65  ASP A O   1 
ATOM   522 C  CB  . ASP A 1 66 ? 13.872  5.977   4.192   1.00 50.10  ? 65  ASP A CB  1 
ATOM   523 C  CG  . ASP A 1 66 ? 12.394  6.043   3.821   1.00 50.15  ? 65  ASP A CG  1 
ATOM   524 O  OD1 . ASP A 1 66 ? 11.840  5.037   3.330   1.00 49.99  ? 65  ASP A OD1 1 
ATOM   525 O  OD2 . ASP A 1 66 ? 11.779  7.113   4.015   1.00 50.37  ? 65  ASP A OD2 1 
ATOM   526 N  N   . GLY A 1 67 ? 13.225  2.485   4.825   1.00 50.14  ? 66  GLY A N   1 
ATOM   527 C  CA  . GLY A 1 67 ? 12.544  1.530   5.695   1.00 50.21  ? 66  GLY A CA  1 
ATOM   528 C  C   . GLY A 1 67 ? 11.031  1.626   5.712   1.00 50.27  ? 66  GLY A C   1 
ATOM   529 O  O   . GLY A 1 67 ? 10.361  0.737   6.240   1.00 50.25  ? 66  GLY A O   1 
ATOM   530 N  N   . GLU A 1 68 ? 10.493  2.700   5.135   1.00 50.30  ? 67  GLU A N   1 
ATOM   531 C  CA  . GLU A 1 68 ? 9.049   2.940   5.114   1.00 50.36  ? 67  GLU A CA  1 
ATOM   532 C  C   . GLU A 1 68 ? 8.533   3.199   3.700   1.00 50.34  ? 67  GLU A C   1 
ATOM   533 O  O   . GLU A 1 68 ? 9.321   3.394   2.770   1.00 50.28  ? 67  GLU A O   1 
ATOM   534 C  CB  . GLU A 1 68 ? 8.688   4.114   6.030   1.00 50.31  ? 67  GLU A CB  1 
ATOM   535 C  CG  . GLU A 1 68 ? 8.939   3.855   7.510   1.00 50.55  ? 67  GLU A CG  1 
ATOM   536 C  CD  . GLU A 1 68 ? 8.352   4.926   8.407   1.00 50.56  ? 67  GLU A CD  1 
ATOM   537 O  OE1 . GLU A 1 68 ? 7.130   5.174   8.326   1.00 50.69  ? 67  GLU A OE1 1 
ATOM   538 O  OE2 . GLU A 1 68 ? 9.113   5.511   9.205   1.00 51.28  ? 67  GLU A OE2 1 
ATOM   539 N  N   . CYS A 1 69 ? 7.209   3.197   3.548   1.00 50.40  ? 68  CYS A N   1 
ATOM   540 C  CA  . CYS A 1 69 ? 6.562   3.459   2.262   1.00 50.34  ? 68  CYS A CA  1 
ATOM   541 C  C   . CYS A 1 69 ? 5.894   4.835   2.260   1.00 50.26  ? 68  CYS A C   1 
ATOM   542 O  O   . CYS A 1 69 ? 4.890   5.043   2.943   1.00 50.19  ? 68  CYS A O   1 
ATOM   543 C  CB  . CYS A 1 69 ? 5.538   2.359   1.948   1.00 50.36  ? 68  CYS A CB  1 
ATOM   544 S  SG  . CYS A 1 69 ? 4.638   2.545   0.381   1.00 50.61  ? 68  CYS A SG  1 
ATOM   545 N  N   . ASP A 1 70 ? 6.462   5.772   1.500   1.00 50.23  ? 69  ASP A N   1 
ATOM   546 C  CA  . ASP A 1 70 ? 5.862   7.104   1.352   1.00 50.28  ? 69  ASP A CA  1 
ATOM   547 C  C   . ASP A 1 70 ? 4.757   7.108   0.287   1.00 50.21  ? 69  ASP A C   1 
ATOM   548 O  O   . ASP A 1 70 ? 4.431   6.058   -0.272  1.00 50.23  ? 69  ASP A O   1 
ATOM   549 C  CB  . ASP A 1 70 ? 6.926   8.191   1.100   1.00 50.33  ? 69  ASP A CB  1 
ATOM   550 C  CG  . ASP A 1 70 ? 7.740   7.963   -0.171  1.00 50.63  ? 69  ASP A CG  1 
ATOM   551 O  OD1 . ASP A 1 70 ? 7.234   7.355   -1.140  1.00 51.08  ? 69  ASP A OD1 1 
ATOM   552 O  OD2 . ASP A 1 70 ? 8.900   8.425   -0.207  1.00 51.05  ? 69  ASP A OD2 1 
ATOM   553 N  N   . PHE A 1 71 ? 4.182   8.280   0.018   1.00 50.09  ? 70  PHE A N   1 
ATOM   554 C  CA  . PHE A 1 71 ? 3.049   8.389   -0.906  1.00 50.09  ? 70  PHE A CA  1 
ATOM   555 C  C   . PHE A 1 71 ? 3.405   8.040   -2.352  1.00 50.22  ? 70  PHE A C   1 
ATOM   556 O  O   . PHE A 1 71 ? 2.622   7.387   -3.041  1.00 50.29  ? 70  PHE A O   1 
ATOM   557 C  CB  . PHE A 1 71 ? 2.397   9.774   -0.831  1.00 49.98  ? 70  PHE A CB  1 
ATOM   558 C  CG  . PHE A 1 71 ? 1.089   9.867   -1.569  1.00 49.76  ? 70  PHE A CG  1 
ATOM   559 C  CD1 . PHE A 1 71 ? -0.053  9.249   -1.066  1.00 49.64  ? 70  PHE A CD1 1 
ATOM   560 C  CD2 . PHE A 1 71 ? 0.998   10.563  -2.768  1.00 49.60  ? 70  PHE A CD2 1 
ATOM   561 C  CE1 . PHE A 1 71 ? -1.265  9.324   -1.745  1.00 49.47  ? 70  PHE A CE1 1 
ATOM   562 C  CE2 . PHE A 1 71 ? -0.210  10.643  -3.454  1.00 49.36  ? 70  PHE A CE2 1 
ATOM   563 C  CZ  . PHE A 1 71 ? -1.343  10.023  -2.940  1.00 49.43  ? 70  PHE A CZ  1 
ATOM   564 N  N   . GLN A 1 72 ? 4.581   8.478   -2.798  1.00 50.37  ? 71  GLN A N   1 
ATOM   565 C  CA  . GLN A 1 72 ? 5.083   8.163   -4.137  1.00 50.57  ? 71  GLN A CA  1 
ATOM   566 C  C   . GLN A 1 72 ? 5.239   6.651   -4.322  1.00 50.37  ? 71  GLN A C   1 
ATOM   567 O  O   . GLN A 1 72 ? 4.859   6.100   -5.357  1.00 50.28  ? 71  GLN A O   1 
ATOM   568 C  CB  . GLN A 1 72 ? 6.417   8.879   -4.387  1.00 50.64  ? 71  GLN A CB  1 
ATOM   569 C  CG  . GLN A 1 72 ? 6.957   8.750   -5.812  1.00 51.10  ? 71  GLN A CG  1 
ATOM   570 C  CD  . GLN A 1 72 ? 8.372   9.292   -5.959  1.00 51.14  ? 71  GLN A CD  1 
ATOM   571 O  OE1 . GLN A 1 72 ? 8.627   10.477  -5.733  1.00 51.78  ? 71  GLN A OE1 1 
ATOM   572 N  NE2 . GLN A 1 72 ? 9.297   8.423   -6.350  1.00 52.00  ? 71  GLN A NE2 1 
ATOM   573 N  N   . GLU A 1 73 ? 5.792   5.991   -3.307  1.00 50.24  ? 72  GLU A N   1 
ATOM   574 C  CA  . GLU A 1 73 ? 5.974   4.543   -3.327  1.00 50.13  ? 72  GLU A CA  1 
ATOM   575 C  C   . GLU A 1 73 ? 4.641   3.804   -3.239  1.00 50.12  ? 72  GLU A C   1 
ATOM   576 O  O   . GLU A 1 73 ? 4.481   2.741   -3.844  1.00 50.27  ? 72  GLU A O   1 
ATOM   577 C  CB  . GLU A 1 73 ? 6.925   4.104   -2.212  1.00 50.10  ? 72  GLU A CB  1 
ATOM   578 C  CG  . GLU A 1 73 ? 8.370   4.530   -2.456  1.00 49.83  ? 72  GLU A CG  1 
ATOM   579 C  CD  . GLU A 1 73 ? 9.226   4.529   -1.201  1.00 49.73  ? 72  GLU A CD  1 
ATOM   580 O  OE1 . GLU A 1 73 ? 8.679   4.575   -0.076  1.00 49.16  ? 72  GLU A OE1 1 
ATOM   581 O  OE2 . GLU A 1 73 ? 10.467  4.491   -1.337  1.00 49.23  ? 72  GLU A OE2 1 
ATOM   582 N  N   . PHE A 1 74 ? 3.690   4.371   -2.501  1.00 50.06  ? 73  PHE A N   1 
ATOM   583 C  CA  . PHE A 1 74 ? 2.334   3.826   -2.436  1.00 50.18  ? 73  PHE A CA  1 
ATOM   584 C  C   . PHE A 1 74 ? 1.653   3.888   -3.801  1.00 50.29  ? 73  PHE A C   1 
ATOM   585 O  O   . PHE A 1 74 ? 0.971   2.945   -4.198  1.00 50.34  ? 73  PHE A O   1 
ATOM   586 C  CB  . PHE A 1 74 ? 1.493   4.543   -1.370  1.00 50.13  ? 73  PHE A CB  1 
ATOM   587 C  CG  . PHE A 1 74 ? 0.053   4.092   -1.319  1.00 50.05  ? 73  PHE A CG  1 
ATOM   588 C  CD1 . PHE A 1 74 ? -0.286  2.843   -0.803  1.00 50.09  ? 73  PHE A CD1 1 
ATOM   589 C  CD2 . PHE A 1 74 ? -0.965  4.919   -1.788  1.00 49.88  ? 73  PHE A CD2 1 
ATOM   590 C  CE1 . PHE A 1 74 ? -1.617  2.425   -0.756  1.00 49.73  ? 73  PHE A CE1 1 
ATOM   591 C  CE2 . PHE A 1 74 ? -2.298  4.510   -1.746  1.00 49.59  ? 73  PHE A CE2 1 
ATOM   592 C  CZ  . PHE A 1 74 ? -2.624  3.261   -1.229  1.00 49.70  ? 73  PHE A CZ  1 
ATOM   593 N  N   . MET A 1 75 ? 1.852   4.997   -4.516  1.00 50.51  ? 74  MET A N   1 
ATOM   594 C  CA  . MET A 1 75 ? 1.308   5.167   -5.868  1.00 50.69  ? 74  MET A CA  1 
ATOM   595 C  C   . MET A 1 75 ? 1.894   4.158   -6.857  1.00 50.58  ? 74  MET A C   1 
ATOM   596 O  O   . MET A 1 75 ? 1.188   3.677   -7.745  1.00 50.57  ? 74  MET A O   1 
ATOM   597 C  CB  . MET A 1 75 ? 1.528   6.598   -6.380  1.00 50.89  ? 74  MET A CB  1 
ATOM   598 C  CG  . MET A 1 75 ? 0.616   7.663   -5.766  1.00 51.65  ? 74  MET A CG  1 
ATOM   599 S  SD  . MET A 1 75 ? -1.165  7.349   -5.886  1.00 53.54  ? 74  MET A SD  1 
ATOM   600 C  CE  . MET A 1 75 ? -1.434  7.323   -7.653  1.00 53.30  ? 74  MET A CE  1 
ATOM   601 N  N   . ALA A 1 76 ? 3.181   3.844   -6.697  1.00 50.48  ? 75  ALA A N   1 
ATOM   602 C  CA  . ALA A 1 76 ? 3.846   2.827   -7.514  1.00 50.34  ? 75  ALA A CA  1 
ATOM   603 C  C   . ALA A 1 76 ? 3.306   1.428   -7.215  1.00 50.32  ? 75  ALA A C   1 
ATOM   604 O  O   . ALA A 1 76 ? 3.198   0.595   -8.116  1.00 50.21  ? 75  ALA A O   1 
ATOM   605 C  CB  . ALA A 1 76 ? 5.351   2.876   -7.309  1.00 50.42  ? 75  ALA A CB  1 
ATOM   606 N  N   . PHE A 1 77 ? 2.974   1.187   -5.945  1.00 50.33  ? 76  PHE A N   1 
ATOM   607 C  CA  . PHE A 1 77 ? 2.345   -0.059  -5.496  1.00 50.29  ? 76  PHE A CA  1 
ATOM   608 C  C   . PHE A 1 77 ? 0.956   -0.214  -6.116  1.00 50.22  ? 76  PHE A C   1 
ATOM   609 O  O   . PHE A 1 77 ? 0.617   -1.281  -6.632  1.00 50.33  ? 76  PHE A O   1 
ATOM   610 C  CB  . PHE A 1 77 ? 2.279   -0.085  -3.961  1.00 50.27  ? 76  PHE A CB  1 
ATOM   611 C  CG  . PHE A 1 77 ? 1.608   -1.306  -3.378  1.00 50.53  ? 76  PHE A CG  1 
ATOM   612 C  CD1 . PHE A 1 77 ? 1.947   -2.590  -3.800  1.00 50.71  ? 76  PHE A CD1 1 
ATOM   613 C  CD2 . PHE A 1 77 ? 0.664   -1.166  -2.364  1.00 50.65  ? 76  PHE A CD2 1 
ATOM   614 C  CE1 . PHE A 1 77 ? 1.332   -3.711  -3.241  1.00 50.76  ? 76  PHE A CE1 1 
ATOM   615 C  CE2 . PHE A 1 77 ? 0.045   -2.281  -1.797  1.00 50.64  ? 76  PHE A CE2 1 
ATOM   616 C  CZ  . PHE A 1 77 ? 0.380   -3.555  -2.235  1.00 50.65  ? 76  PHE A CZ  1 
ATOM   617 N  N   . VAL A 1 78 ? 0.166   0.858   -6.076  1.00 50.13  ? 77  VAL A N   1 
ATOM   618 C  CA  . VAL A 1 78 ? -1.156  0.883   -6.704  1.00 50.06  ? 77  VAL A CA  1 
ATOM   619 C  C   . VAL A 1 78 ? -1.046  0.612   -8.209  1.00 50.14  ? 77  VAL A C   1 
ATOM   620 O  O   . VAL A 1 78 ? -1.817  -0.181  -8.758  1.00 50.14  ? 77  VAL A O   1 
ATOM   621 C  CB  . VAL A 1 78 ? -1.906  2.219   -6.421  1.00 50.07  ? 77  VAL A CB  1 
ATOM   622 C  CG1 . VAL A 1 78 ? -3.208  2.304   -7.215  1.00 49.84  ? 77  VAL A CG1 1 
ATOM   623 C  CG2 . VAL A 1 78 ? -2.182  2.375   -4.929  1.00 49.80  ? 77  VAL A CG2 1 
ATOM   624 N  N   . ALA A 1 79 ? -0.078  1.253   -8.862  1.00 50.14  ? 78  ALA A N   1 
ATOM   625 C  CA  . ALA A 1 79 ? 0.183   1.030   -10.286 1.00 50.28  ? 78  ALA A CA  1 
ATOM   626 C  C   . ALA A 1 79 ? 0.485   -0.435  -10.615 1.00 50.37  ? 78  ALA A C   1 
ATOM   627 O  O   . ALA A 1 79 ? 0.042   -0.941  -11.645 1.00 50.44  ? 78  ALA A O   1 
ATOM   628 C  CB  . ALA A 1 79 ? 1.308   1.934   -10.776 1.00 50.22  ? 78  ALA A CB  1 
ATOM   629 N  N   . MET A 1 80 ? 1.234   -1.103  -9.735  1.00 50.50  ? 79  MET A N   1 
ATOM   630 C  CA  . MET A 1 80 ? 1.564   -2.527  -9.888  1.00 50.73  ? 79  MET A CA  1 
ATOM   631 C  C   . MET A 1 80 ? 0.322   -3.416  -9.861  1.00 50.50  ? 79  MET A C   1 
ATOM   632 O  O   . MET A 1 80 ? 0.169   -4.305  -10.702 1.00 50.50  ? 79  MET A O   1 
ATOM   633 C  CB  . MET A 1 80 ? 2.536   -2.987  -8.795  1.00 50.74  ? 79  MET A CB  1 
ATOM   634 C  CG  . MET A 1 80 ? 3.973   -2.534  -8.964  1.00 51.01  ? 79  MET A CG  1 
ATOM   635 S  SD  . MET A 1 80 ? 4.994   -2.983  -7.540  1.00 51.61  ? 79  MET A SD  1 
ATOM   636 C  CE  . MET A 1 80 ? 6.525   -2.141  -7.940  1.00 51.23  ? 79  MET A CE  1 
ATOM   637 N  N   . ILE A 1 81 ? -0.552  -3.169  -8.886  1.00 50.41  ? 80  ILE A N   1 
ATOM   638 C  CA  . ILE A 1 81 ? -1.774  -3.952  -8.696  1.00 50.30  ? 80  ILE A CA  1 
ATOM   639 C  C   . ILE A 1 81 ? -2.745  -3.742  -9.856  1.00 50.10  ? 80  ILE A C   1 
ATOM   640 O  O   . ILE A 1 81 ? -3.353  -4.696  -10.348 1.00 50.04  ? 80  ILE A O   1 
ATOM   641 C  CB  . ILE A 1 81 ? -2.473  -3.605  -7.354  1.00 50.32  ? 80  ILE A CB  1 
ATOM   642 C  CG1 . ILE A 1 81 ? -1.532  -3.859  -6.175  1.00 50.40  ? 80  ILE A CG1 1 
ATOM   643 C  CG2 . ILE A 1 81 ? -3.765  -4.405  -7.187  1.00 50.12  ? 80  ILE A CG2 1 
ATOM   644 C  CD1 . ILE A 1 81 ? -2.059  -3.344  -4.852  1.00 50.55  ? 80  ILE A CD1 1 
ATOM   645 N  N   . THR A 1 82 ? -2.878  -2.488  -10.282 1.00 49.90  ? 81  THR A N   1 
ATOM   646 C  CA  . THR A 1 82 ? -3.759  -2.116  -11.388 1.00 49.83  ? 81  THR A CA  1 
ATOM   647 C  C   . THR A 1 82 ? -3.309  -2.766  -12.700 1.00 49.77  ? 81  THR A C   1 
ATOM   648 O  O   . THR A 1 82 ? -4.142  -3.226  -13.482 1.00 49.81  ? 81  THR A O   1 
ATOM   649 C  CB  . THR A 1 82 ? -3.838  -0.578  -11.548 1.00 49.75  ? 81  THR A CB  1 
ATOM   650 O  OG1 . THR A 1 82 ? -3.951  0.033   -10.258 1.00 49.70  ? 81  THR A OG1 1 
ATOM   651 C  CG2 . THR A 1 82 ? -5.041  -0.175  -12.386 1.00 49.72  ? 81  THR A CG2 1 
ATOM   652 N  N   . THR A 1 83 ? -1.995  -2.806  -12.923 1.00 49.74  ? 82  THR A N   1 
ATOM   653 C  CA  . THR A 1 83 ? -1.413  -3.435  -14.112 1.00 49.67  ? 82  THR A CA  1 
ATOM   654 C  C   . THR A 1 83 ? -1.579  -4.959  -14.080 1.00 49.75  ? 82  THR A C   1 
ATOM   655 O  O   . THR A 1 83 ? -1.856  -5.578  -15.110 1.00 49.73  ? 82  THR A O   1 
ATOM   656 C  CB  . THR A 1 83 ? 0.084   -3.060  -14.284 1.00 49.66  ? 82  THR A CB  1 
ATOM   657 O  OG1 . THR A 1 83 ? 0.233   -1.637  -14.216 1.00 49.46  ? 82  THR A OG1 1 
ATOM   658 C  CG2 . THR A 1 83 ? 0.627   -3.549  -15.625 1.00 49.56  ? 82  THR A CG2 1 
ATOM   659 N  N   . ALA A 1 84 ? -1.419  -5.552  -12.897 1.00 49.77  ? 83  ALA A N   1 
ATOM   660 C  CA  . ALA A 1 84 ? -1.589  -6.995  -12.712 1.00 49.91  ? 83  ALA A CA  1 
ATOM   661 C  C   . ALA A 1 84 ? -3.039  -7.425  -12.947 1.00 50.04  ? 83  ALA A C   1 
ATOM   662 O  O   . ALA A 1 84 ? -3.299  -8.497  -13.496 1.00 50.06  ? 83  ALA A O   1 
ATOM   663 C  CB  . ALA A 1 84 ? -1.126  -7.410  -11.321 1.00 49.83  ? 83  ALA A CB  1 
ATOM   664 N  N   . CYS A 1 85 ? -3.971  -6.574  -12.527 1.00 50.30  ? 84  CYS A N   1 
ATOM   665 C  CA  . CYS A 1 85 ? -5.402  -6.809  -12.703 1.00 50.41  ? 84  CYS A CA  1 
ATOM   666 C  C   . CYS A 1 85 ? -5.827  -6.566  -14.152 1.00 50.46  ? 84  CYS A C   1 
ATOM   667 O  O   . CYS A 1 85 ? -6.690  -7.269  -14.680 1.00 50.42  ? 84  CYS A O   1 
ATOM   668 C  CB  . CYS A 1 85 ? -6.199  -5.910  -11.751 1.00 50.38  ? 84  CYS A CB  1 
ATOM   669 S  SG  . CYS A 1 85 ? -7.969  -6.252  -11.679 1.00 50.64  ? 84  CYS A SG  1 
ATOM   670 N  N   . HIS A 1 86 ? -5.214  -5.563  -14.777 1.00 50.52  ? 85  HIS A N   1 
ATOM   671 C  CA  . HIS A 1 86 ? -5.433  -5.244  -16.183 1.00 50.62  ? 85  HIS A CA  1 
ATOM   672 C  C   . HIS A 1 86 ? -5.087  -6.433  -17.079 1.00 50.73  ? 85  HIS A C   1 
ATOM   673 O  O   . HIS A 1 86 ? -5.893  -6.846  -17.917 1.00 50.75  ? 85  HIS A O   1 
ATOM   674 C  CB  . HIS A 1 86 ? -4.584  -4.032  -16.571 1.00 50.56  ? 85  HIS A CB  1 
ATOM   675 C  CG  . HIS A 1 86 ? -4.897  -3.476  -17.925 1.00 50.48  ? 85  HIS A CG  1 
ATOM   676 N  ND1 . HIS A 1 86 ? -3.950  -3.360  -18.920 1.00 50.42  ? 85  HIS A ND1 1 
ATOM   677 C  CD2 . HIS A 1 86 ? -6.051  -2.998  -18.444 1.00 50.44  ? 85  HIS A CD2 1 
ATOM   678 C  CE1 . HIS A 1 86 ? -4.509  -2.835  -19.996 1.00 50.50  ? 85  HIS A CE1 1 
ATOM   679 N  NE2 . HIS A 1 86 ? -5.784  -2.607  -19.733 1.00 50.45  ? 85  HIS A NE2 1 
ATOM   680 N  N   . GLU A 1 87 ? -3.892  -6.982  -16.876 1.00 50.89  ? 86  GLU A N   1 
ATOM   681 C  CA  . GLU A 1 87 ? -3.358  -8.068  -17.702 1.00 51.09  ? 86  GLU A CA  1 
ATOM   682 C  C   . GLU A 1 87 ? -4.052  -9.405  -17.462 1.00 51.07  ? 86  GLU A C   1 
ATOM   683 O  O   . GLU A 1 87 ? -3.954  -10.321 -18.285 1.00 51.06  ? 86  GLU A O   1 
ATOM   684 C  CB  . GLU A 1 87 ? -1.853  -8.209  -17.480 1.00 51.15  ? 86  GLU A CB  1 
ATOM   685 C  CG  . GLU A 1 87 ? -1.035  -7.107  -18.131 1.00 51.86  ? 86  GLU A CG  1 
ATOM   686 C  CD  . GLU A 1 87 ? 0.414   -7.091  -17.677 1.00 52.97  ? 86  GLU A CD  1 
ATOM   687 O  OE1 . GLU A 1 87 ? 1.116   -6.107  -17.993 1.00 53.48  ? 86  GLU A OE1 1 
ATOM   688 O  OE2 . GLU A 1 87 ? 0.856   -8.050  -17.005 1.00 53.51  ? 86  GLU A OE2 1 
ATOM   689 N  N   . PHE A 1 88 ? -4.743  -9.508  -16.330 1.00 51.11  ? 87  PHE A N   1 
ATOM   690 C  CA  . PHE A 1 88 ? -5.535  -10.685 -15.995 1.00 51.16  ? 87  PHE A CA  1 
ATOM   691 C  C   . PHE A 1 88 ? -6.679  -10.876 -16.994 1.00 51.20  ? 87  PHE A C   1 
ATOM   692 O  O   . PHE A 1 88 ? -7.128  -11.999 -17.232 1.00 51.24  ? 87  PHE A O   1 
ATOM   693 C  CB  . PHE A 1 88 ? -6.083  -10.553 -14.571 1.00 51.17  ? 87  PHE A CB  1 
ATOM   694 C  CG  . PHE A 1 88 ? -6.595  -11.838 -13.992 1.00 51.20  ? 87  PHE A CG  1 
ATOM   695 C  CD1 . PHE A 1 88 ? -5.710  -12.813 -13.540 1.00 51.21  ? 87  PHE A CD1 1 
ATOM   696 C  CD2 . PHE A 1 88 ? -7.961  -12.071 -13.888 1.00 51.19  ? 87  PHE A CD2 1 
ATOM   697 C  CE1 . PHE A 1 88 ? -6.179  -14.005 -12.999 1.00 51.28  ? 87  PHE A CE1 1 
ATOM   698 C  CE2 . PHE A 1 88 ? -8.441  -13.259 -13.349 1.00 51.31  ? 87  PHE A CE2 1 
ATOM   699 C  CZ  . PHE A 1 88 ? -7.549  -14.229 -12.903 1.00 51.26  ? 87  PHE A CZ  1 
ATOM   700 N  N   . PHE A 1 89 ? -7.128  -9.768  -17.580 1.00 51.31  ? 88  PHE A N   1 
ATOM   701 C  CA  . PHE A 1 89 ? -8.211  -9.771  -18.558 1.00 51.41  ? 88  PHE A CA  1 
ATOM   702 C  C   . PHE A 1 89 ? -7.709  -9.341  -19.930 1.00 51.49  ? 88  PHE A C   1 
ATOM   703 O  O   . PHE A 1 89 ? -6.924  -10.048 -20.564 1.00 51.63  ? 88  PHE A O   1 
ATOM   704 C  CB  . PHE A 1 89 ? -9.348  -8.856  -18.095 1.00 51.43  ? 88  PHE A CB  1 
ATOM   705 C  CG  . PHE A 1 89 ? -9.915  -9.227  -16.752 1.00 51.45  ? 88  PHE A CG  1 
ATOM   706 C  CD1 . PHE A 1 89 ? -11.007 -10.083 -16.658 1.00 51.56  ? 88  PHE A CD1 1 
ATOM   707 C  CD2 . PHE A 1 89 ? -9.353  -8.726  -15.583 1.00 51.59  ? 88  PHE A CD2 1 
ATOM   708 C  CE1 . PHE A 1 89 ? -11.530 -10.434 -15.416 1.00 51.60  ? 88  PHE A CE1 1 
ATOM   709 C  CE2 . PHE A 1 89 ? -9.866  -9.073  -14.337 1.00 51.60  ? 88  PHE A CE2 1 
ATOM   710 C  CZ  . PHE A 1 89 ? -10.957 -9.930  -14.255 1.00 51.56  ? 88  PHE A CZ  1 
HETATM 711 CA CA  . CA  B 2 .  ? 3.271   6.119   9.851   1.00 47.49  ? 92  CA  A CA  1 
HETATM 712 CA CA  . CA  C 2 .  ? 10.755  4.594   1.412   1.00 47.80  ? 93  CA  A CA  1 
HETATM 713 C  C1  . 27A D 3 .  ? -10.639 -10.851 -8.120  0.50 52.54  ? 94  27A A C1  1 
HETATM 714 C  C2  . 27A D 3 .  ? -9.661  -11.471 -7.345  0.50 52.58  ? 94  27A A C2  1 
HETATM 715 C  C3  . 27A D 3 .  ? -8.362  -11.724 -7.816  0.50 52.46  ? 94  27A A C3  1 
HETATM 716 C  C4  . 27A D 3 .  ? -8.041  -11.261 -9.220  0.50 52.51  ? 94  27A A C4  1 
HETATM 717 C  C5  . 27A D 3 .  ? -9.081  -10.680 -9.957  0.50 52.57  ? 94  27A A C5  1 
HETATM 718 C  C6  . 27A D 3 .  ? -10.356 -10.463 -9.425  0.50 52.62  ? 94  27A A C6  1 
HETATM 719 C  C7  . 27A D 3 .  ? -7.737  -12.210 -5.472  0.50 52.21  ? 94  27A A C7  1 
HETATM 720 C  C8  . 27A D 3 .  ? -7.610  -13.571 -4.803  0.50 52.15  ? 94  27A A C8  1 
HETATM 721 C  C9  . 27A D 3 .  ? -5.424  -13.338 -6.081  0.50 52.09  ? 94  27A A C9  1 
HETATM 722 C  C10 . 27A D 3 .  ? -6.324  -13.152 -7.311  0.50 52.16  ? 94  27A A C10 1 
HETATM 723 C  C11 . 27A D 3 .  ? -5.593  -14.891 -4.100  0.50 52.00  ? 94  27A A C11 1 
HETATM 724 C  C12 . 27A D 3 .  ? -6.772  -11.460 -9.991  0.50 52.60  ? 94  27A A C12 1 
HETATM 725 C  C13 . 27A D 3 .  ? -4.682  -9.446  -8.595  0.50 52.67  ? 94  27A A C13 1 
HETATM 726 N  N5  . 27A D 3 .  ? -5.762  -9.226  -7.864  0.50 52.92  ? 94  27A A N5  1 
HETATM 727 S  S1  . 27A D 3 .  ? -3.240  -8.621  -8.274  0.50 52.65  ? 94  27A A S1  1 
HETATM 728 N  N4  . 27A D 3 .  ? -4.690  -10.311 -9.600  0.50 52.64  ? 94  27A A N4  1 
HETATM 729 N  N3  . 27A D 3 .  ? -5.555  -11.068 -10.107 0.50 52.70  ? 94  27A A N3  1 
HETATM 730 N  N1  . 27A D 3 .  ? -7.476  -12.353 -6.901  0.50 52.30  ? 94  27A A N1  1 
HETATM 731 N  N2  . 27A D 3 .  ? -6.213  -13.931 -5.000  0.50 52.09  ? 94  27A A N2  1 
HETATM 732 AS AS  . CAC E 4 .  ? -3.504  8.425   15.899  0.30 64.96  ? 95  CAC A AS  1 
HETATM 733 O  O1  . CAC E 4 .  ? -3.349  6.699   15.801  0.30 64.39  ? 95  CAC A O1  1 
HETATM 734 O  O2  . CAC E 4 .  ? -4.661  9.000   14.731  0.30 64.36  ? 95  CAC A O2  1 
HETATM 735 C  C1  . CAC E 4 .  ? -4.070  8.885   17.721  0.30 64.37  ? 95  CAC A C1  1 
HETATM 736 C  C2  . CAC E 4 .  ? -1.739  9.219   15.597  0.30 64.36  ? 95  CAC A C2  1 
HETATM 737 O  O   . HOH F 5 .  ? -1.532  -0.564  12.293  1.00 48.12  ? 96  HOH A O   1 
HETATM 738 O  O   . HOH F 5 .  ? -10.475 1.277   1.037   1.00 48.12  ? 97  HOH A O   1 
HETATM 739 O  O   . HOH F 5 .  ? 10.748  8.907   -2.033  1.00 52.94  ? 98  HOH A O   1 
HETATM 740 O  O   . HOH F 5 .  ? 1.542   -0.301  -16.381 1.00 48.88  ? 99  HOH A O   1 
HETATM 741 O  O   . HOH F 5 .  ? 0.603   -13.929 2.223   1.00 50.90  ? 100 HOH A O   1 
HETATM 742 O  O   . HOH F 5 .  ? 14.241  -1.228  2.820   1.00 46.66  ? 101 HOH A O   1 
HETATM 743 O  O   . HOH F 5 .  ? -3.900  -7.970  9.875   1.00 45.30  ? 102 HOH A O   1 
HETATM 744 O  O   . HOH F 5 .  ? 7.731   -15.212 9.133   1.00 49.53  ? 103 HOH A O   1 
HETATM 745 O  O   . HOH F 5 .  ? 8.518   3.180   -6.103  1.00 42.97  ? 104 HOH A O   1 
HETATM 746 O  O   . HOH F 5 .  ? -6.945  -9.978  3.714   1.00 43.26  ? 105 HOH A O   1 
HETATM 747 O  O   . HOH F 5 .  ? 1.594   -14.421 4.900   1.00 41.64  ? 106 HOH A O   1 
HETATM 748 O  O   . HOH F 5 .  ? 5.954   -1.901  12.099  1.00 51.51  ? 107 HOH A O   1 
HETATM 749 O  O   . HOH F 5 .  ? -1.752  11.270  8.282   1.00 47.78  ? 108 HOH A O   1 
HETATM 750 O  O   . HOH F 5 .  ? 11.648  -4.638  5.097   1.00 48.82  ? 109 HOH A O   1 
HETATM 751 O  O   . HOH F 5 .  ? 1.476   -6.533  -6.509  1.00 57.26  ? 110 HOH A O   1 
HETATM 752 O  O   . HOH F 5 .  ? -4.419  -11.097 -20.759 1.00 48.68  ? 111 HOH A O   1 
HETATM 753 O  O   . HOH F 5 .  ? -1.955  -10.721 9.914   1.00 48.44  ? 112 HOH A O   1 
HETATM 754 O  O   . HOH F 5 .  ? -5.112  -9.071  1.652   1.00 43.51  ? 113 HOH A O   1 
HETATM 755 O  O   . HOH F 5 .  ? 7.114   1.327   -4.436  1.00 46.22  ? 114 HOH A O   1 
HETATM 756 O  O   . HOH F 5 .  ? 4.771   10.700  1.837   1.00 41.52  ? 115 HOH A O   1 
HETATM 757 O  O   . HOH F 5 .  ? -0.363  3.224   18.450  1.00 61.22  ? 116 HOH A O   1 
HETATM 758 O  O   . HOH F 5 .  ? 0.128   -10.840 -0.370  1.00 55.37  ? 117 HOH A O   1 
HETATM 759 O  O   . HOH F 5 .  ? -2.319  2.689   16.338  1.00 55.98  ? 118 HOH A O   1 
HETATM 760 O  O   . HOH F 5 .  ? 12.300  6.522   7.108   1.00 64.36  ? 119 HOH A O   1 
HETATM 761 O  O   . HOH F 5 .  ? 1.782   -9.448  -2.022  1.00 65.62  ? 120 HOH A O   1 
HETATM 762 O  O   . HOH F 5 .  ? 5.374   5.202   10.263  1.00 43.73  ? 121 HOH A O   1 
HETATM 763 O  O   . HOH F 5 .  ? -0.994  4.250   -9.043  1.00 100.74 ? 122 HOH A O   1 
HETATM 764 O  O   . HOH F 5 .  ? 6.573   11.201  -1.349  1.00 44.67  ? 123 HOH A O   1 
HETATM 765 O  O   . HOH F 5 .  ? 5.514   -14.227 11.991  1.00 41.15  ? 124 HOH A O   1 
HETATM 766 O  O   . HOH F 5 .  ? -1.389  -2.284  14.061  1.00 52.19  ? 125 HOH A O   1 
HETATM 767 O  O   . HOH F 5 .  ? 3.213   -0.678  -12.595 1.00 44.90  ? 126 HOH A O   1 
HETATM 768 O  O   . HOH F 5 .  ? 2.935   -10.349 11.360  1.00 53.38  ? 127 HOH A O   1 
HETATM 769 O  O   . HOH F 5 .  ? -10.713 -5.649  1.034   1.00 52.07  ? 128 HOH A O   1 
# 
loop_
_pdbx_poly_seq_scheme.asym_id 
_pdbx_poly_seq_scheme.entity_id 
_pdbx_poly_seq_scheme.seq_id 
_pdbx_poly_seq_scheme.mon_id 
_pdbx_poly_seq_scheme.ndb_seq_num 
_pdbx_poly_seq_scheme.pdb_seq_num 
_pdbx_poly_seq_scheme.auth_seq_num 
_pdbx_poly_seq_scheme.pdb_mon_id 
_pdbx_poly_seq_scheme.auth_mon_id 
_pdbx_poly_seq_scheme.pdb_strand_id 
_pdbx_poly_seq_scheme.pdb_ins_code 
_pdbx_poly_seq_scheme.hetero 
A 1 1  MET 1  0  ?  ?   ?   A . n 
A 1 2  SER 2  1  1  SER SER A . n 
A 1 3  GLU 3  2  2  GLU GLU A . n 
A 1 4  LEU 4  3  3  LEU LEU A . n 
A 1 5  GLU 5  4  4  GLU GLU A . n 
A 1 6  LYS 6  5  5  LYS LYS A . n 
A 1 7  ALA 7  6  6  ALA ALA A . n 
A 1 8  VAL 8  7  7  VAL VAL A . n 
A 1 9  VAL 9  8  8  VAL VAL A . n 
A 1 10 ALA 10 9  9  ALA ALA A . n 
A 1 11 LEU 11 10 10 LEU LEU A . n 
A 1 12 ILE 12 11 11 ILE ILE A . n 
A 1 13 ASP 13 12 12 ASP ASP A . n 
A 1 14 VAL 14 13 13 VAL VAL A . n 
A 1 15 PHE 15 14 14 PHE PHE A . n 
A 1 16 HIS 16 15 15 HIS HIS A . n 
A 1 17 GLN 17 16 16 GLN GLN A . n 
A 1 18 TYR 18 17 17 TYR TYR A . n 
A 1 19 SER 19 18 18 SER SER A . n 
A 1 20 GLY 20 19 19 GLY GLY A . n 
A 1 21 ARG 21 20 20 ARG ARG A . n 
A 1 22 GLU 22 21 21 GLU GLU A . n 
A 1 23 GLY 23 22 22 GLY GLY A . n 
A 1 24 ASP 24 23 23 ASP ASP A . n 
A 1 25 LYS 25 24 24 LYS LYS A . n 
A 1 26 HIS 26 25 25 HIS HIS A . n 
A 1 27 LYS 27 26 26 LYS LYS A . n 
A 1 28 LEU 28 27 27 LEU LEU A . n 
A 1 29 LYS 29 28 28 LYS LYS A . n 
A 1 30 LYS 30 29 29 LYS LYS A . n 
A 1 31 SER 31 30 30 SER SER A . n 
A 1 32 GLU 32 31 31 GLU GLU A . n 
A 1 33 LEU 33 32 32 LEU LEU A . n 
A 1 34 LYS 34 33 33 LYS LYS A . n 
A 1 35 GLU 35 34 34 GLU GLU A . n 
A 1 36 LEU 36 35 35 LEU LEU A . n 
A 1 37 ILE 37 36 36 ILE ILE A . n 
A 1 38 ASN 38 37 37 ASN ASN A . n 
A 1 39 ASN 39 38 38 ASN ASN A . n 
A 1 40 GLU 40 39 39 GLU GLU A . n 
A 1 41 LEU 41 40 40 LEU LEU A . n 
A 1 42 SER 42 41 41 SER SER A . n 
A 1 43 HIS 43 42 42 HIS HIS A . n 
A 1 44 PHE 44 43 43 PHE PHE A . n 
A 1 45 LEU 45 44 44 LEU LEU A . n 
A 1 46 GLU 46 45 45 GLU GLU A . n 
A 1 47 GLU 47 46 46 GLU GLU A . n 
A 1 48 ILE 48 47 47 ILE ILE A . n 
A 1 49 LYS 49 48 48 LYS LYS A . n 
A 1 50 GLU 50 49 49 GLU GLU A . n 
A 1 51 GLN 51 50 50 GLN GLN A . n 
A 1 52 GLU 52 51 51 GLU GLU A . n 
A 1 53 VAL 53 52 52 VAL VAL A . n 
A 1 54 VAL 54 53 53 VAL VAL A . n 
A 1 55 ASP 55 54 54 ASP ASP A . n 
A 1 56 LYS 56 55 55 LYS LYS A . n 
A 1 57 VAL 57 56 56 VAL VAL A . n 
A 1 58 MET 58 57 57 MET MET A . n 
A 1 59 GLU 59 58 58 GLU GLU A . n 
A 1 60 THR 60 59 59 THR THR A . n 
A 1 61 LEU 61 60 60 LEU LEU A . n 
A 1 62 ASP 62 61 61 ASP ASP A . n 
A 1 63 SER 63 62 62 SER SER A . n 
A 1 64 ASP 64 63 63 ASP ASP A . n 
A 1 65 GLY 65 64 64 GLY GLY A . n 
A 1 66 ASP 66 65 65 ASP ASP A . n 
A 1 67 GLY 67 66 66 GLY GLY A . n 
A 1 68 GLU 68 67 67 GLU GLU A . n 
A 1 69 CYS 69 68 68 CYS CYS A . n 
A 1 70 ASP 70 69 69 ASP ASP A . n 
A 1 71 PHE 71 70 70 PHE PHE A . n 
A 1 72 GLN 72 71 71 GLN GLN A . n 
A 1 73 GLU 73 72 72 GLU GLU A . n 
A 1 74 PHE 74 73 73 PHE PHE A . n 
A 1 75 MET 75 74 74 MET MET A . n 
A 1 76 ALA 76 75 75 ALA ALA A . n 
A 1 77 PHE 77 76 76 PHE PHE A . n 
A 1 78 VAL 78 77 77 VAL VAL A . n 
A 1 79 ALA 79 78 78 ALA ALA A . n 
A 1 80 MET 80 79 79 MET MET A . n 
A 1 81 ILE 81 80 80 ILE ILE A . n 
A 1 82 THR 82 81 81 THR THR A . n 
A 1 83 THR 83 82 82 THR THR A . n 
A 1 84 ALA 84 83 83 ALA ALA A . n 
A 1 85 CYS 85 84 84 CYS CYS A . n 
A 1 86 HIS 86 85 85 HIS HIS A . n 
A 1 87 GLU 87 86 86 GLU GLU A . n 
A 1 88 PHE 88 87 87 PHE PHE A . n 
A 1 89 PHE 89 88 88 PHE PHE A . n 
A 1 90 GLU 90 89 ?  ?   ?   A . n 
A 1 91 HIS 91 90 ?  ?   ?   A . n 
A 1 92 GLU 92 91 ?  ?   ?   A . n 
# 
loop_
_pdbx_nonpoly_scheme.asym_id 
_pdbx_nonpoly_scheme.entity_id 
_pdbx_nonpoly_scheme.mon_id 
_pdbx_nonpoly_scheme.ndb_seq_num 
_pdbx_nonpoly_scheme.pdb_seq_num 
_pdbx_nonpoly_scheme.auth_seq_num 
_pdbx_nonpoly_scheme.pdb_mon_id 
_pdbx_nonpoly_scheme.auth_mon_id 
_pdbx_nonpoly_scheme.pdb_strand_id 
_pdbx_nonpoly_scheme.pdb_ins_code 
B 2 CA  1  92  90 CA  CA  A . 
C 2 CA  1  93  91 CA  CA  A . 
D 3 27A 1  94  1  27A 27A A . 
E 4 CAC 1  95  1  CAC CAC A . 
F 5 HOH 1  96  1  HOH HOH A . 
F 5 HOH 2  97  2  HOH HOH A . 
F 5 HOH 3  98  3  HOH HOH A . 
F 5 HOH 4  99  4  HOH HOH A . 
F 5 HOH 5  100 5  HOH HOH A . 
F 5 HOH 6  101 6  HOH HOH A . 
F 5 HOH 7  102 7  HOH HOH A . 
F 5 HOH 8  103 8  HOH HOH A . 
F 5 HOH 9  104 9  HOH HOH A . 
F 5 HOH 10 105 10 HOH HOH A . 
F 5 HOH 11 106 11 HOH HOH A . 
F 5 HOH 12 107 12 HOH HOH A . 
F 5 HOH 13 108 13 HOH HOH A . 
F 5 HOH 14 109 14 HOH HOH A . 
F 5 HOH 15 110 15 HOH HOH A . 
F 5 HOH 16 111 16 HOH HOH A . 
F 5 HOH 17 112 17 HOH HOH A . 
F 5 HOH 18 113 18 HOH HOH A . 
F 5 HOH 19 114 19 HOH HOH A . 
F 5 HOH 20 115 20 HOH HOH A . 
F 5 HOH 21 116 21 HOH HOH A . 
F 5 HOH 22 117 22 HOH HOH A . 
F 5 HOH 23 118 23 HOH HOH A . 
F 5 HOH 24 119 24 HOH HOH A . 
F 5 HOH 25 120 25 HOH HOH A . 
F 5 HOH 26 121 26 HOH HOH A . 
F 5 HOH 27 122 27 HOH HOH A . 
F 5 HOH 28 123 28 HOH HOH A . 
F 5 HOH 29 124 29 HOH HOH A . 
F 5 HOH 30 125 30 HOH HOH A . 
F 5 HOH 31 126 31 HOH HOH A . 
F 5 HOH 32 127 32 HOH HOH A . 
F 5 HOH 33 128 33 HOH HOH A . 
# 
_pdbx_struct_assembly.id                   1 
_pdbx_struct_assembly.details              author_and_software_defined_assembly 
_pdbx_struct_assembly.method_details       PISA 
_pdbx_struct_assembly.oligomeric_details   dimeric 
_pdbx_struct_assembly.oligomeric_count     2 
# 
_pdbx_struct_assembly_gen.assembly_id       1 
_pdbx_struct_assembly_gen.oper_expression   1,2 
_pdbx_struct_assembly_gen.asym_id_list      A,B,C,D,E,F 
# 
loop_
_pdbx_struct_assembly_prop.biol_id 
_pdbx_struct_assembly_prop.type 
_pdbx_struct_assembly_prop.value 
_pdbx_struct_assembly_prop.details 
1 'ABSA (A^2)' 2940  ? 
1 MORE         -79   ? 
1 'SSA (A^2)'  10280 ? 
# 
loop_
_pdbx_struct_oper_list.id 
_pdbx_struct_oper_list.type 
_pdbx_struct_oper_list.name 
_pdbx_struct_oper_list.symmetry_operation 
_pdbx_struct_oper_list.matrix[1][1] 
_pdbx_struct_oper_list.matrix[1][2] 
_pdbx_struct_oper_list.matrix[1][3] 
_pdbx_struct_oper_list.vector[1] 
_pdbx_struct_oper_list.matrix[2][1] 
_pdbx_struct_oper_list.matrix[2][2] 
_pdbx_struct_oper_list.matrix[2][3] 
_pdbx_struct_oper_list.vector[2] 
_pdbx_struct_oper_list.matrix[3][1] 
_pdbx_struct_oper_list.matrix[3][2] 
_pdbx_struct_oper_list.matrix[3][3] 
_pdbx_struct_oper_list.vector[3] 
1 'identity operation'         1_555 x,y,z   1.0000000000 0.0000000000 0.0000000000  0.0000000000  0.0000000000 1.0000000000  0.0000000000  0.0000000000  0.0000000000  0.0000000000  1.0000000000  0.0000000000   
2 'crystal symmetry operation' 4_555 x,-y,-z 0.8551156872 0.0620924077 -0.5147054444 -5.6042428529 0.0620924077 -0.9979217107 -0.0172276589 10.3620104237 -0.5147054444 -0.0172276589 -0.8571939765 -18.9489284831 
# 
_pdbx_struct_special_symmetry.id              1 
_pdbx_struct_special_symmetry.PDB_model_num   1 
_pdbx_struct_special_symmetry.auth_asym_id    A 
_pdbx_struct_special_symmetry.auth_comp_id    27A 
_pdbx_struct_special_symmetry.auth_seq_id     94 
_pdbx_struct_special_symmetry.PDB_ins_code    ? 
_pdbx_struct_special_symmetry.label_asym_id   D 
_pdbx_struct_special_symmetry.label_comp_id   27A 
_pdbx_struct_special_symmetry.label_seq_id    . 
# 
loop_
_pdbx_struct_conn_angle.id 
_pdbx_struct_conn_angle.ptnr1_label_atom_id 
_pdbx_struct_conn_angle.ptnr1_label_alt_id 
_pdbx_struct_conn_angle.ptnr1_label_asym_id 
_pdbx_struct_conn_angle.ptnr1_label_comp_id 
_pdbx_struct_conn_angle.ptnr1_label_seq_id 
_pdbx_struct_conn_angle.ptnr1_auth_atom_id 
_pdbx_struct_conn_angle.ptnr1_auth_asym_id 
_pdbx_struct_conn_angle.ptnr1_auth_comp_id 
_pdbx_struct_conn_angle.ptnr1_auth_seq_id 
_pdbx_struct_conn_angle.ptnr1_PDB_ins_code 
_pdbx_struct_conn_angle.ptnr1_symmetry 
_pdbx_struct_conn_angle.ptnr2_label_atom_id 
_pdbx_struct_conn_angle.ptnr2_label_alt_id 
_pdbx_struct_conn_angle.ptnr2_label_asym_id 
_pdbx_struct_conn_angle.ptnr2_label_comp_id 
_pdbx_struct_conn_angle.ptnr2_label_seq_id 
_pdbx_struct_conn_angle.ptnr2_auth_atom_id 
_pdbx_struct_conn_angle.ptnr2_auth_asym_id 
_pdbx_struct_conn_angle.ptnr2_auth_comp_id 
_pdbx_struct_conn_angle.ptnr2_auth_seq_id 
_pdbx_struct_conn_angle.ptnr2_PDB_ins_code 
_pdbx_struct_conn_angle.ptnr2_symmetry 
_pdbx_struct_conn_angle.ptnr3_label_atom_id 
_pdbx_struct_conn_angle.ptnr3_label_alt_id 
_pdbx_struct_conn_angle.ptnr3_label_asym_id 
_pdbx_struct_conn_angle.ptnr3_label_comp_id 
_pdbx_struct_conn_angle.ptnr3_label_seq_id 
_pdbx_struct_conn_angle.ptnr3_auth_atom_id 
_pdbx_struct_conn_angle.ptnr3_auth_asym_id 
_pdbx_struct_conn_angle.ptnr3_auth_comp_id 
_pdbx_struct_conn_angle.ptnr3_auth_seq_id 
_pdbx_struct_conn_angle.ptnr3_PDB_ins_code 
_pdbx_struct_conn_angle.ptnr3_symmetry 
_pdbx_struct_conn_angle.value 
_pdbx_struct_conn_angle.value_esd 
1  O   ? A SER 19 ? A SER 18 ? 1_555 CA ? B CA . ? A CA 92 ? 1_555 O   ? A GLU 22 ? A GLU 21  ? 1_555 100.1 ? 
2  O   ? A SER 19 ? A SER 18 ? 1_555 CA ? B CA . ? A CA 92 ? 1_555 O   ? A ASP 24 ? A ASP 23  ? 1_555 77.9  ? 
3  O   ? A GLU 22 ? A GLU 21 ? 1_555 CA ? B CA . ? A CA 92 ? 1_555 O   ? A ASP 24 ? A ASP 23  ? 1_555 89.2  ? 
4  O   ? A SER 19 ? A SER 18 ? 1_555 CA ? B CA . ? A CA 92 ? 1_555 O   ? A LYS 27 ? A LYS 26  ? 1_555 85.3  ? 
5  O   ? A GLU 22 ? A GLU 21 ? 1_555 CA ? B CA . ? A CA 92 ? 1_555 O   ? A LYS 27 ? A LYS 26  ? 1_555 168.2 ? 
6  O   ? A ASP 24 ? A ASP 23 ? 1_555 CA ? B CA . ? A CA 92 ? 1_555 O   ? A LYS 27 ? A LYS 26  ? 1_555 81.6  ? 
7  O   ? A SER 19 ? A SER 18 ? 1_555 CA ? B CA . ? A CA 92 ? 1_555 OE1 ? A GLU 32 ? A GLU 31  ? 1_555 92.9  ? 
8  O   ? A GLU 22 ? A GLU 21 ? 1_555 CA ? B CA . ? A CA 92 ? 1_555 OE1 ? A GLU 32 ? A GLU 31  ? 1_555 108.6 ? 
9  O   ? A ASP 24 ? A ASP 23 ? 1_555 CA ? B CA . ? A CA 92 ? 1_555 OE1 ? A GLU 32 ? A GLU 31  ? 1_555 161.2 ? 
10 O   ? A LYS 27 ? A LYS 26 ? 1_555 CA ? B CA . ? A CA 92 ? 1_555 OE1 ? A GLU 32 ? A GLU 31  ? 1_555 81.3  ? 
11 O   ? A SER 19 ? A SER 18 ? 1_555 CA ? B CA . ? A CA 92 ? 1_555 OE2 ? A GLU 32 ? A GLU 31  ? 1_555 74.4  ? 
12 O   ? A GLU 22 ? A GLU 21 ? 1_555 CA ? B CA . ? A CA 92 ? 1_555 OE2 ? A GLU 32 ? A GLU 31  ? 1_555 71.3  ? 
13 O   ? A ASP 24 ? A ASP 23 ? 1_555 CA ? B CA . ? A CA 92 ? 1_555 OE2 ? A GLU 32 ? A GLU 31  ? 1_555 142.4 ? 
14 O   ? A LYS 27 ? A LYS 26 ? 1_555 CA ? B CA . ? A CA 92 ? 1_555 OE2 ? A GLU 32 ? A GLU 31  ? 1_555 120.4 ? 
15 OE1 ? A GLU 32 ? A GLU 31 ? 1_555 CA ? B CA . ? A CA 92 ? 1_555 OE2 ? A GLU 32 ? A GLU 31  ? 1_555 45.7  ? 
16 O   ? A SER 19 ? A SER 18 ? 1_555 CA ? B CA . ? A CA 92 ? 1_555 O   ? F HOH .  ? A HOH 121 ? 1_555 177.2 ? 
17 O   ? A GLU 22 ? A GLU 21 ? 1_555 CA ? B CA . ? A CA 92 ? 1_555 O   ? F HOH .  ? A HOH 121 ? 1_555 80.5  ? 
18 O   ? A ASP 24 ? A ASP 23 ? 1_555 CA ? B CA . ? A CA 92 ? 1_555 O   ? F HOH .  ? A HOH 121 ? 1_555 99.4  ? 
19 O   ? A LYS 27 ? A LYS 26 ? 1_555 CA ? B CA . ? A CA 92 ? 1_555 O   ? F HOH .  ? A HOH 121 ? 1_555 93.7  ? 
20 OE1 ? A GLU 32 ? A GLU 31 ? 1_555 CA ? B CA . ? A CA 92 ? 1_555 O   ? F HOH .  ? A HOH 121 ? 1_555 89.6  ? 
21 OE2 ? A GLU 32 ? A GLU 31 ? 1_555 CA ? B CA . ? A CA 92 ? 1_555 O   ? F HOH .  ? A HOH 121 ? 1_555 108.3 ? 
22 OD1 ? A ASP 62 ? A ASP 61 ? 1_555 CA ? C CA . ? A CA 93 ? 1_555 OD1 ? A ASP 64 ? A ASP 63  ? 1_555 83.5  ? 
23 OD1 ? A ASP 62 ? A ASP 61 ? 1_555 CA ? C CA . ? A CA 93 ? 1_555 OD1 ? A ASP 66 ? A ASP 65  ? 1_555 86.8  ? 
24 OD1 ? A ASP 64 ? A ASP 63 ? 1_555 CA ? C CA . ? A CA 93 ? 1_555 OD1 ? A ASP 66 ? A ASP 65  ? 1_555 83.6  ? 
25 OD1 ? A ASP 62 ? A ASP 61 ? 1_555 CA ? C CA . ? A CA 93 ? 1_555 O   ? A GLU 68 ? A GLU 67  ? 1_555 86.8  ? 
26 OD1 ? A ASP 64 ? A ASP 63 ? 1_555 CA ? C CA . ? A CA 93 ? 1_555 O   ? A GLU 68 ? A GLU 67  ? 1_555 164.9 ? 
27 OD1 ? A ASP 66 ? A ASP 65 ? 1_555 CA ? C CA . ? A CA 93 ? 1_555 O   ? A GLU 68 ? A GLU 67  ? 1_555 84.3  ? 
28 OD1 ? A ASP 62 ? A ASP 61 ? 1_555 CA ? C CA . ? A CA 93 ? 1_555 OE1 ? A GLU 73 ? A GLU 72  ? 1_555 114.3 ? 
29 OD1 ? A ASP 64 ? A ASP 63 ? 1_555 CA ? C CA . ? A CA 93 ? 1_555 OE1 ? A GLU 73 ? A GLU 72  ? 1_555 114.2 ? 
30 OD1 ? A ASP 66 ? A ASP 65 ? 1_555 CA ? C CA . ? A CA 93 ? 1_555 OE1 ? A GLU 73 ? A GLU 72  ? 1_555 153.0 ? 
31 O   ? A GLU 68 ? A GLU 67 ? 1_555 CA ? C CA . ? A CA 93 ? 1_555 OE1 ? A GLU 73 ? A GLU 72  ? 1_555 80.5  ? 
32 OD1 ? A ASP 62 ? A ASP 61 ? 1_555 CA ? C CA . ? A CA 93 ? 1_555 OE2 ? A GLU 73 ? A GLU 72  ? 1_555 88.4  ? 
33 OD1 ? A ASP 64 ? A ASP 63 ? 1_555 CA ? C CA . ? A CA 93 ? 1_555 OE2 ? A GLU 73 ? A GLU 72  ? 1_555 71.4  ? 
34 OD1 ? A ASP 66 ? A ASP 65 ? 1_555 CA ? C CA . ? A CA 93 ? 1_555 OE2 ? A GLU 73 ? A GLU 72  ? 1_555 154.9 ? 
35 O   ? A GLU 68 ? A GLU 67 ? 1_555 CA ? C CA . ? A CA 93 ? 1_555 OE2 ? A GLU 73 ? A GLU 72  ? 1_555 120.0 ? 
36 OE1 ? A GLU 73 ? A GLU 72 ? 1_555 CA ? C CA . ? A CA 93 ? 1_555 OE2 ? A GLU 73 ? A GLU 72  ? 1_555 48.4  ? 
# 
loop_
_pdbx_audit_revision_history.ordinal 
_pdbx_audit_revision_history.data_content_type 
_pdbx_audit_revision_history.major_revision 
_pdbx_audit_revision_history.minor_revision 
_pdbx_audit_revision_history.revision_date 
1 'Structure model' 1 0 2009-06-09 
2 'Structure model' 1 1 2011-07-13 
3 'Structure model' 1 2 2017-11-01 
4 'Structure model' 1 3 2023-09-06 
# 
_pdbx_audit_revision_details.ordinal             1 
_pdbx_audit_revision_details.revision_ordinal    1 
_pdbx_audit_revision_details.data_content_type   'Structure model' 
_pdbx_audit_revision_details.provider            repository 
_pdbx_audit_revision_details.type                'Initial release' 
_pdbx_audit_revision_details.description         ? 
_pdbx_audit_revision_details.details             ? 
# 
loop_
_pdbx_audit_revision_group.ordinal 
_pdbx_audit_revision_group.revision_ordinal 
_pdbx_audit_revision_group.data_content_type 
_pdbx_audit_revision_group.group 
1 2 'Structure model' Advisory                    
2 2 'Structure model' 'Refinement description'    
3 2 'Structure model' 'Version format compliance' 
4 3 'Structure model' 'Refinement description'    
5 4 'Structure model' 'Data collection'           
6 4 'Structure model' 'Database references'       
7 4 'Structure model' 'Derived calculations'      
8 4 'Structure model' 'Refinement description'    
# 
loop_
_pdbx_audit_revision_category.ordinal 
_pdbx_audit_revision_category.revision_ordinal 
_pdbx_audit_revision_category.data_content_type 
_pdbx_audit_revision_category.category 
1 3 'Structure model' software                      
2 4 'Structure model' chem_comp_atom                
3 4 'Structure model' chem_comp_bond                
4 4 'Structure model' database_2                    
5 4 'Structure model' pdbx_initial_refinement_model 
6 4 'Structure model' pdbx_struct_special_symmetry  
7 4 'Structure model' struct_site                   
# 
loop_
_pdbx_audit_revision_item.ordinal 
_pdbx_audit_revision_item.revision_ordinal 
_pdbx_audit_revision_item.data_content_type 
_pdbx_audit_revision_item.item 
1 4 'Structure model' '_database_2.pdbx_DOI'                
2 4 'Structure model' '_database_2.pdbx_database_accession' 
3 4 'Structure model' '_struct_site.pdbx_auth_asym_id'      
4 4 'Structure model' '_struct_site.pdbx_auth_comp_id'      
5 4 'Structure model' '_struct_site.pdbx_auth_seq_id'       
# 
loop_
_pdbx_refine_tls.pdbx_refine_id 
_pdbx_refine_tls.id 
_pdbx_refine_tls.details 
_pdbx_refine_tls.method 
_pdbx_refine_tls.origin_x 
_pdbx_refine_tls.origin_y 
_pdbx_refine_tls.origin_z 
_pdbx_refine_tls.T[1][1] 
_pdbx_refine_tls.T[2][2] 
_pdbx_refine_tls.T[3][3] 
_pdbx_refine_tls.T[1][2] 
_pdbx_refine_tls.T[1][3] 
_pdbx_refine_tls.T[2][3] 
_pdbx_refine_tls.L[1][1] 
_pdbx_refine_tls.L[2][2] 
_pdbx_refine_tls.L[3][3] 
_pdbx_refine_tls.L[1][2] 
_pdbx_refine_tls.L[1][3] 
_pdbx_refine_tls.L[2][3] 
_pdbx_refine_tls.S[1][1] 
_pdbx_refine_tls.S[2][2] 
_pdbx_refine_tls.S[3][3] 
_pdbx_refine_tls.S[1][2] 
_pdbx_refine_tls.S[1][3] 
_pdbx_refine_tls.S[2][3] 
_pdbx_refine_tls.S[2][1] 
_pdbx_refine_tls.S[3][1] 
_pdbx_refine_tls.S[3][2] 
'X-RAY DIFFRACTION' 1 ? refined -14.3524 9.7396  -10.1327 -0.0990 -0.0465 -0.0740 0.0534  0.0801  0.0851  11.6539 30.8025 64.5922 -15.5243 15.1661 1.1050   -0.0808 0.0960  -0.0151 -1.0670 -0.6019 1.5011  0.3159  0.4710  -2.4969 
'X-RAY DIFFRACTION' 2 ? refined -6.3811  8.1179  0.1312   0.0942  -0.2025 -0.1777 0.0522  0.0215  -0.0138 13.7073 6.0915  35.9816 -8.9625  22.0760 -14.7488 -0.2102 -0.0612 0.2714  -0.4663 0.4510  0.3000  0.8899  0.0713  -0.8854 
'X-RAY DIFFRACTION' 3 ? refined -0.1885  1.4445  7.4438   -0.0019 -0.2098 -0.2301 -0.0036 0.0036  0.0137  8.2141  9.6485  6.7492  2.8667   0.8508  0.4168   -0.1433 0.0885  0.0548  -0.6134 0.2263  -0.1119 0.7872  -0.5578 -0.0066 
'X-RAY DIFFRACTION' 4 ? refined 3.8452   -7.8473 1.9308   -0.1162 -0.1433 -0.1824 0.0062  0.0166  -0.0273 9.3101  7.0434  4.9915  0.9259   2.4777  -1.7731  0.2000  -0.1661 -0.0339 0.2971  -0.5707 -0.1118 0.2172  0.3341  0.2615  
'X-RAY DIFFRACTION' 5 ? refined 4.8195   4.2463  -1.7946  -0.1146 -0.1866 -0.1399 -0.0399 -0.0436 0.0890  6.4711  6.3810  15.0092 0.8539   4.5505  2.4301   -0.0791 -0.2530 0.3321  0.0640  0.4768  -0.5176 0.1159  -0.7324 0.0324  
'X-RAY DIFFRACTION' 6 ? refined -3.6199  -6.0179 -13.5054 0.0570  -0.1044 -0.0170 -0.0363 0.0662  0.0388  13.6586 17.3018 45.3188 11.7650  24.3938 24.5560  0.3294  -0.7294 0.4001  0.4543  -0.5788 0.3547  -0.0059 1.4197  -0.3627 
'X-RAY DIFFRACTION' 7 ? refined 1.8451   -2.7654 2.8530   -0.0365 -0.0329 -0.0765 -0.0617 0.0176  0.0475  1.8625  2.3725  0.4226  -0.3009  0.3086  -0.1387  0.1155  -0.0951 -0.0203 -0.0004 -0.0761 -0.1130 0.2167  -0.0951 -0.0651  
# 
loop_
_pdbx_refine_tls_group.pdbx_refine_id 
_pdbx_refine_tls_group.id 
_pdbx_refine_tls_group.refine_tls_id 
_pdbx_refine_tls_group.beg_auth_asym_id 
_pdbx_refine_tls_group.beg_auth_seq_id 
_pdbx_refine_tls_group.end_auth_asym_id 
_pdbx_refine_tls_group.end_auth_seq_id 
_pdbx_refine_tls_group.selection_details 
_pdbx_refine_tls_group.beg_label_asym_id 
_pdbx_refine_tls_group.beg_label_seq_id 
_pdbx_refine_tls_group.end_label_asym_id 
_pdbx_refine_tls_group.end_label_seq_id 
_pdbx_refine_tls_group.selection 
'X-RAY DIFFRACTION' 1 1 A 1  A 5   ? . . . . ? 
'X-RAY DIFFRACTION' 2 2 A 6  A 16  ? . . . . ? 
'X-RAY DIFFRACTION' 3 3 A 17 A 40  ? . . . . ? 
'X-RAY DIFFRACTION' 4 4 A 41 A 63  ? . . . . ? 
'X-RAY DIFFRACTION' 5 5 A 64 A 78  ? . . . . ? 
'X-RAY DIFFRACTION' 6 6 A 79 A 88  ? . . . . ? 
'X-RAY DIFFRACTION' 7 7 A 96 A 128 ? . . . . ? 
# 
_pdbx_phasing_MR.entry_id                     3GK2 
_pdbx_phasing_MR.method_rotation              ? 
_pdbx_phasing_MR.method_translation           ? 
_pdbx_phasing_MR.model_details                'Phaser MODE: MR_AUTO' 
_pdbx_phasing_MR.R_factor                     ? 
_pdbx_phasing_MR.R_rigid_body                 ? 
_pdbx_phasing_MR.correlation_coeff_Fo_to_Fc   ? 
_pdbx_phasing_MR.correlation_coeff_Io_to_Ic   ? 
_pdbx_phasing_MR.d_res_high_rotation          2.500 
_pdbx_phasing_MR.d_res_low_rotation           32.040 
_pdbx_phasing_MR.d_res_high_translation       2.500 
_pdbx_phasing_MR.d_res_low_translation        32.040 
_pdbx_phasing_MR.packing                      ? 
_pdbx_phasing_MR.reflns_percent_rotation      ? 
_pdbx_phasing_MR.reflns_percent_translation   ? 
_pdbx_phasing_MR.sigma_F_rotation             ? 
_pdbx_phasing_MR.sigma_F_translation          ? 
_pdbx_phasing_MR.sigma_I_rotation             ? 
_pdbx_phasing_MR.sigma_I_translation          ? 
# 
_phasing.method   MR 
# 
loop_
_software.name 
_software.version 
_software.date 
_software.type 
_software.contact_author 
_software.contact_author_email 
_software.classification 
_software.location 
_software.language 
_software.citation_id 
_software.pdbx_ordinal 
DENZO       .     ?               package 'Zbyszek Otwinowski' hkl@hkl-xray.com            'data reduction'  
http://www.hkl-xray.com/                     ?          ? 1 
SCALEPACK   .     ?               package 'Zbyszek Otwinowski' hkl@hkl-xray.com            'data scaling'    
http://www.hkl-xray.com/                     ?          ? 2 
PHASER      .     ?               program 'Randy J. Read'      cimr-phaser@lists.cam.ac.uk phasing           
http://www-structmed.cimr.cam.ac.uk/phaser/  ?          ? 3 
REFMAC      .     ?               program 'Garib N. Murshudov' garib@ysbl.york.ac.uk       refinement        
http://www.ccp4.ac.uk/dist/html/refmac5.html Fortran_77 ? 4 
PDB_EXTRACT 3.006 'June 11, 2008' package PDB                  help@deposit.rcsb.org       'data extraction' 
http://sw-tools.pdb.org/apps/PDB_EXTRACT/    C++        ? 5 
HKL-2000    .     ?               ?       ?                    ?                           'data reduction'  ? ?          ? 6 
HKL-2000    .     ?               ?       ?                    ?                           'data scaling'    ? ?          ? 7 
# 
_pdbx_validate_close_contact.id               1 
_pdbx_validate_close_contact.PDB_model_num    1 
_pdbx_validate_close_contact.auth_atom_id_1   O 
_pdbx_validate_close_contact.auth_asym_id_1   A 
_pdbx_validate_close_contact.auth_comp_id_1   HIS 
_pdbx_validate_close_contact.auth_seq_id_1    42 
_pdbx_validate_close_contact.PDB_ins_code_1   ? 
_pdbx_validate_close_contact.label_alt_id_1   ? 
_pdbx_validate_close_contact.auth_atom_id_2   C7 
_pdbx_validate_close_contact.auth_asym_id_2   A 
_pdbx_validate_close_contact.auth_comp_id_2   27A 
_pdbx_validate_close_contact.auth_seq_id_2    94 
_pdbx_validate_close_contact.PDB_ins_code_2   ? 
_pdbx_validate_close_contact.label_alt_id_2   ? 
_pdbx_validate_close_contact.dist             2.18 
# 
loop_
_pdbx_unobs_or_zero_occ_residues.id 
_pdbx_unobs_or_zero_occ_residues.PDB_model_num 
_pdbx_unobs_or_zero_occ_residues.polymer_flag 
_pdbx_unobs_or_zero_occ_residues.occupancy_flag 
_pdbx_unobs_or_zero_occ_residues.auth_asym_id 
_pdbx_unobs_or_zero_occ_residues.auth_comp_id 
_pdbx_unobs_or_zero_occ_residues.auth_seq_id 
_pdbx_unobs_or_zero_occ_residues.PDB_ins_code 
_pdbx_unobs_or_zero_occ_residues.label_asym_id 
_pdbx_unobs_or_zero_occ_residues.label_comp_id 
_pdbx_unobs_or_zero_occ_residues.label_seq_id 
1 1 Y 1 A MET 0  ? A MET 1  
2 1 Y 1 A GLU 89 ? A GLU 90 
3 1 Y 1 A HIS 90 ? A HIS 91 
4 1 Y 1 A GLU 91 ? A GLU 92 
# 
loop_
_chem_comp_atom.comp_id 
_chem_comp_atom.atom_id 
_chem_comp_atom.type_symbol 
_chem_comp_atom.pdbx_aromatic_flag 
_chem_comp_atom.pdbx_stereo_config 
_chem_comp_atom.pdbx_ordinal 
27A C1   C  Y N 1   
27A C2   C  Y N 2   
27A C3   C  Y N 3   
27A C4   C  Y N 4   
27A C5   C  Y N 5   
27A C6   C  Y N 6   
27A C7   C  N N 7   
27A C8   C  N N 8   
27A C9   C  N N 9   
27A C10  C  N N 10  
27A C11  C  N N 11  
27A C12  C  N N 12  
27A C13  C  N N 13  
27A N5   N  N N 14  
27A S1   S  N N 15  
27A N4   N  N N 16  
27A N3   N  N N 17  
27A N1   N  N N 18  
27A N2   N  N N 19  
27A H1   H  N N 20  
27A H2   H  N N 21  
27A H5   H  N N 22  
27A H6   H  N N 23  
27A H7   H  N N 24  
27A H7A  H  N N 25  
27A H8   H  N N 26  
27A H8A  H  N N 27  
27A H9   H  N N 28  
27A H9A  H  N N 29  
27A H10  H  N N 30  
27A H10A H  N N 31  
27A H11  H  N N 32  
27A H11A H  N N 33  
27A H11B H  N N 34  
27A H12  H  N N 35  
27A H12A H  N N 36  
27A HN5  H  N N 37  
27A HN5A H  N N 38  
ALA N    N  N N 39  
ALA CA   C  N S 40  
ALA C    C  N N 41  
ALA O    O  N N 42  
ALA CB   C  N N 43  
ALA OXT  O  N N 44  
ALA H    H  N N 45  
ALA H2   H  N N 46  
ALA HA   H  N N 47  
ALA HB1  H  N N 48  
ALA HB2  H  N N 49  
ALA HB3  H  N N 50  
ALA HXT  H  N N 51  
ARG N    N  N N 52  
ARG CA   C  N S 53  
ARG C    C  N N 54  
ARG O    O  N N 55  
ARG CB   C  N N 56  
ARG CG   C  N N 57  
ARG CD   C  N N 58  
ARG NE   N  N N 59  
ARG CZ   C  N N 60  
ARG NH1  N  N N 61  
ARG NH2  N  N N 62  
ARG OXT  O  N N 63  
ARG H    H  N N 64  
ARG H2   H  N N 65  
ARG HA   H  N N 66  
ARG HB2  H  N N 67  
ARG HB3  H  N N 68  
ARG HG2  H  N N 69  
ARG HG3  H  N N 70  
ARG HD2  H  N N 71  
ARG HD3  H  N N 72  
ARG HE   H  N N 73  
ARG HH11 H  N N 74  
ARG HH12 H  N N 75  
ARG HH21 H  N N 76  
ARG HH22 H  N N 77  
ARG HXT  H  N N 78  
ASN N    N  N N 79  
ASN CA   C  N S 80  
ASN C    C  N N 81  
ASN O    O  N N 82  
ASN CB   C  N N 83  
ASN CG   C  N N 84  
ASN OD1  O  N N 85  
ASN ND2  N  N N 86  
ASN OXT  O  N N 87  
ASN H    H  N N 88  
ASN H2   H  N N 89  
ASN HA   H  N N 90  
ASN HB2  H  N N 91  
ASN HB3  H  N N 92  
ASN HD21 H  N N 93  
ASN HD22 H  N N 94  
ASN HXT  H  N N 95  
ASP N    N  N N 96  
ASP CA   C  N S 97  
ASP C    C  N N 98  
ASP O    O  N N 99  
ASP CB   C  N N 100 
ASP CG   C  N N 101 
ASP OD1  O  N N 102 
ASP OD2  O  N N 103 
ASP OXT  O  N N 104 
ASP H    H  N N 105 
ASP H2   H  N N 106 
ASP HA   H  N N 107 
ASP HB2  H  N N 108 
ASP HB3  H  N N 109 
ASP HD2  H  N N 110 
ASP HXT  H  N N 111 
CA  CA   CA N N 112 
CAC AS   AS N N 113 
CAC O1   O  N N 114 
CAC O2   O  N N 115 
CAC C1   C  N N 116 
CAC C2   C  N N 117 
CAC H11  H  N N 118 
CAC H12  H  N N 119 
CAC H13  H  N N 120 
CAC H21  H  N N 121 
CAC H22  H  N N 122 
CAC H23  H  N N 123 
CYS N    N  N N 124 
CYS CA   C  N R 125 
CYS C    C  N N 126 
CYS O    O  N N 127 
CYS CB   C  N N 128 
CYS SG   S  N N 129 
CYS OXT  O  N N 130 
CYS H    H  N N 131 
CYS H2   H  N N 132 
CYS HA   H  N N 133 
CYS HB2  H  N N 134 
CYS HB3  H  N N 135 
CYS HG   H  N N 136 
CYS HXT  H  N N 137 
GLN N    N  N N 138 
GLN CA   C  N S 139 
GLN C    C  N N 140 
GLN O    O  N N 141 
GLN CB   C  N N 142 
GLN CG   C  N N 143 
GLN CD   C  N N 144 
GLN OE1  O  N N 145 
GLN NE2  N  N N 146 
GLN OXT  O  N N 147 
GLN H    H  N N 148 
GLN H2   H  N N 149 
GLN HA   H  N N 150 
GLN HB2  H  N N 151 
GLN HB3  H  N N 152 
GLN HG2  H  N N 153 
GLN HG3  H  N N 154 
GLN HE21 H  N N 155 
GLN HE22 H  N N 156 
GLN HXT  H  N N 157 
GLU N    N  N N 158 
GLU CA   C  N S 159 
GLU C    C  N N 160 
GLU O    O  N N 161 
GLU CB   C  N N 162 
GLU CG   C  N N 163 
GLU CD   C  N N 164 
GLU OE1  O  N N 165 
GLU OE2  O  N N 166 
GLU OXT  O  N N 167 
GLU H    H  N N 168 
GLU H2   H  N N 169 
GLU HA   H  N N 170 
GLU HB2  H  N N 171 
GLU HB3  H  N N 172 
GLU HG2  H  N N 173 
GLU HG3  H  N N 174 
GLU HE2  H  N N 175 
GLU HXT  H  N N 176 
GLY N    N  N N 177 
GLY CA   C  N N 178 
GLY C    C  N N 179 
GLY O    O  N N 180 
GLY OXT  O  N N 181 
GLY H    H  N N 182 
GLY H2   H  N N 183 
GLY HA2  H  N N 184 
GLY HA3  H  N N 185 
GLY HXT  H  N N 186 
HIS N    N  N N 187 
HIS CA   C  N S 188 
HIS C    C  N N 189 
HIS O    O  N N 190 
HIS CB   C  N N 191 
HIS CG   C  Y N 192 
HIS ND1  N  Y N 193 
HIS CD2  C  Y N 194 
HIS CE1  C  Y N 195 
HIS NE2  N  Y N 196 
HIS OXT  O  N N 197 
HIS H    H  N N 198 
HIS H2   H  N N 199 
HIS HA   H  N N 200 
HIS HB2  H  N N 201 
HIS HB3  H  N N 202 
HIS HD1  H  N N 203 
HIS HD2  H  N N 204 
HIS HE1  H  N N 205 
HIS HE2  H  N N 206 
HIS HXT  H  N N 207 
HOH O    O  N N 208 
HOH H1   H  N N 209 
HOH H2   H  N N 210 
ILE N    N  N N 211 
ILE CA   C  N S 212 
ILE C    C  N N 213 
ILE O    O  N N 214 
ILE CB   C  N S 215 
ILE CG1  C  N N 216 
ILE CG2  C  N N 217 
ILE CD1  C  N N 218 
ILE OXT  O  N N 219 
ILE H    H  N N 220 
ILE H2   H  N N 221 
ILE HA   H  N N 222 
ILE HB   H  N N 223 
ILE HG12 H  N N 224 
ILE HG13 H  N N 225 
ILE HG21 H  N N 226 
ILE HG22 H  N N 227 
ILE HG23 H  N N 228 
ILE HD11 H  N N 229 
ILE HD12 H  N N 230 
ILE HD13 H  N N 231 
ILE HXT  H  N N 232 
LEU N    N  N N 233 
LEU CA   C  N S 234 
LEU C    C  N N 235 
LEU O    O  N N 236 
LEU CB   C  N N 237 
LEU CG   C  N N 238 
LEU CD1  C  N N 239 
LEU CD2  C  N N 240 
LEU OXT  O  N N 241 
LEU H    H  N N 242 
LEU H2   H  N N 243 
LEU HA   H  N N 244 
LEU HB2  H  N N 245 
LEU HB3  H  N N 246 
LEU HG   H  N N 247 
LEU HD11 H  N N 248 
LEU HD12 H  N N 249 
LEU HD13 H  N N 250 
LEU HD21 H  N N 251 
LEU HD22 H  N N 252 
LEU HD23 H  N N 253 
LEU HXT  H  N N 254 
LYS N    N  N N 255 
LYS CA   C  N S 256 
LYS C    C  N N 257 
LYS O    O  N N 258 
LYS CB   C  N N 259 
LYS CG   C  N N 260 
LYS CD   C  N N 261 
LYS CE   C  N N 262 
LYS NZ   N  N N 263 
LYS OXT  O  N N 264 
LYS H    H  N N 265 
LYS H2   H  N N 266 
LYS HA   H  N N 267 
LYS HB2  H  N N 268 
LYS HB3  H  N N 269 
LYS HG2  H  N N 270 
LYS HG3  H  N N 271 
LYS HD2  H  N N 272 
LYS HD3  H  N N 273 
LYS HE2  H  N N 274 
LYS HE3  H  N N 275 
LYS HZ1  H  N N 276 
LYS HZ2  H  N N 277 
LYS HZ3  H  N N 278 
LYS HXT  H  N N 279 
MET N    N  N N 280 
MET CA   C  N S 281 
MET C    C  N N 282 
MET O    O  N N 283 
MET CB   C  N N 284 
MET CG   C  N N 285 
MET SD   S  N N 286 
MET CE   C  N N 287 
MET OXT  O  N N 288 
MET H    H  N N 289 
MET H2   H  N N 290 
MET HA   H  N N 291 
MET HB2  H  N N 292 
MET HB3  H  N N 293 
MET HG2  H  N N 294 
MET HG3  H  N N 295 
MET HE1  H  N N 296 
MET HE2  H  N N 297 
MET HE3  H  N N 298 
MET HXT  H  N N 299 
PHE N    N  N N 300 
PHE CA   C  N S 301 
PHE C    C  N N 302 
PHE O    O  N N 303 
PHE CB   C  N N 304 
PHE CG   C  Y N 305 
PHE CD1  C  Y N 306 
PHE CD2  C  Y N 307 
PHE CE1  C  Y N 308 
PHE CE2  C  Y N 309 
PHE CZ   C  Y N 310 
PHE OXT  O  N N 311 
PHE H    H  N N 312 
PHE H2   H  N N 313 
PHE HA   H  N N 314 
PHE HB2  H  N N 315 
PHE HB3  H  N N 316 
PHE HD1  H  N N 317 
PHE HD2  H  N N 318 
PHE HE1  H  N N 319 
PHE HE2  H  N N 320 
PHE HZ   H  N N 321 
PHE HXT  H  N N 322 
SER N    N  N N 323 
SER CA   C  N S 324 
SER C    C  N N 325 
SER O    O  N N 326 
SER CB   C  N N 327 
SER OG   O  N N 328 
SER OXT  O  N N 329 
SER H    H  N N 330 
SER H2   H  N N 331 
SER HA   H  N N 332 
SER HB2  H  N N 333 
SER HB3  H  N N 334 
SER HG   H  N N 335 
SER HXT  H  N N 336 
THR N    N  N N 337 
THR CA   C  N S 338 
THR C    C  N N 339 
THR O    O  N N 340 
THR CB   C  N R 341 
THR OG1  O  N N 342 
THR CG2  C  N N 343 
THR OXT  O  N N 344 
THR H    H  N N 345 
THR H2   H  N N 346 
THR HA   H  N N 347 
THR HB   H  N N 348 
THR HG1  H  N N 349 
THR HG21 H  N N 350 
THR HG22 H  N N 351 
THR HG23 H  N N 352 
THR HXT  H  N N 353 
TYR N    N  N N 354 
TYR CA   C  N S 355 
TYR C    C  N N 356 
TYR O    O  N N 357 
TYR CB   C  N N 358 
TYR CG   C  Y N 359 
TYR CD1  C  Y N 360 
TYR CD2  C  Y N 361 
TYR CE1  C  Y N 362 
TYR CE2  C  Y N 363 
TYR CZ   C  Y N 364 
TYR OH   O  N N 365 
TYR OXT  O  N N 366 
TYR H    H  N N 367 
TYR H2   H  N N 368 
TYR HA   H  N N 369 
TYR HB2  H  N N 370 
TYR HB3  H  N N 371 
TYR HD1  H  N N 372 
TYR HD2  H  N N 373 
TYR HE1  H  N N 374 
TYR HE2  H  N N 375 
TYR HH   H  N N 376 
TYR HXT  H  N N 377 
VAL N    N  N N 378 
VAL CA   C  N S 379 
VAL C    C  N N 380 
VAL O    O  N N 381 
VAL CB   C  N N 382 
VAL CG1  C  N N 383 
VAL CG2  C  N N 384 
VAL OXT  O  N N 385 
VAL H    H  N N 386 
VAL H2   H  N N 387 
VAL HA   H  N N 388 
VAL HB   H  N N 389 
VAL HG11 H  N N 390 
VAL HG12 H  N N 391 
VAL HG13 H  N N 392 
VAL HG21 H  N N 393 
VAL HG22 H  N N 394 
VAL HG23 H  N N 395 
VAL HXT  H  N N 396 
# 
loop_
_chem_comp_bond.comp_id 
_chem_comp_bond.atom_id_1 
_chem_comp_bond.atom_id_2 
_chem_comp_bond.value_order 
_chem_comp_bond.pdbx_aromatic_flag 
_chem_comp_bond.pdbx_stereo_config 
_chem_comp_bond.pdbx_ordinal 
27A C1  C2   doub Y N 1   
27A C1  C6   sing Y N 2   
27A C2  C3   sing Y N 3   
27A C3  C4   doub Y N 4   
27A C3  N1   sing N N 5   
27A C4  C5   sing Y N 6   
27A C4  C12  sing N N 7   
27A C5  C6   doub Y N 8   
27A C7  C8   sing N N 9   
27A C7  N1   sing N N 10  
27A C8  N2   sing N N 11  
27A C9  C10  sing N N 12  
27A C9  N2   sing N N 13  
27A C10 N1   sing N N 14  
27A C11 N2   sing N N 15  
27A C12 N3   sing N N 16  
27A C13 N5   sing N N 17  
27A C13 S1   doub N N 18  
27A C13 N4   sing N N 19  
27A N4  N3   doub N N 20  
27A C1  H1   sing N N 21  
27A C2  H2   sing N N 22  
27A C5  H5   sing N N 23  
27A C6  H6   sing N N 24  
27A C7  H7   sing N N 25  
27A C7  H7A  sing N N 26  
27A C8  H8   sing N N 27  
27A C8  H8A  sing N N 28  
27A C9  H9   sing N N 29  
27A C9  H9A  sing N N 30  
27A C10 H10  sing N N 31  
27A C10 H10A sing N N 32  
27A C11 H11  sing N N 33  
27A C11 H11A sing N N 34  
27A C11 H11B sing N N 35  
27A C12 H12  sing N N 36  
27A C12 H12A sing N N 37  
27A N5  HN5  sing N N 38  
27A N5  HN5A sing N N 39  
ALA N   CA   sing N N 40  
ALA N   H    sing N N 41  
ALA N   H2   sing N N 42  
ALA CA  C    sing N N 43  
ALA CA  CB   sing N N 44  
ALA CA  HA   sing N N 45  
ALA C   O    doub N N 46  
ALA C   OXT  sing N N 47  
ALA CB  HB1  sing N N 48  
ALA CB  HB2  sing N N 49  
ALA CB  HB3  sing N N 50  
ALA OXT HXT  sing N N 51  
ARG N   CA   sing N N 52  
ARG N   H    sing N N 53  
ARG N   H2   sing N N 54  
ARG CA  C    sing N N 55  
ARG CA  CB   sing N N 56  
ARG CA  HA   sing N N 57  
ARG C   O    doub N N 58  
ARG C   OXT  sing N N 59  
ARG CB  CG   sing N N 60  
ARG CB  HB2  sing N N 61  
ARG CB  HB3  sing N N 62  
ARG CG  CD   sing N N 63  
ARG CG  HG2  sing N N 64  
ARG CG  HG3  sing N N 65  
ARG CD  NE   sing N N 66  
ARG CD  HD2  sing N N 67  
ARG CD  HD3  sing N N 68  
ARG NE  CZ   sing N N 69  
ARG NE  HE   sing N N 70  
ARG CZ  NH1  sing N N 71  
ARG CZ  NH2  doub N N 72  
ARG NH1 HH11 sing N N 73  
ARG NH1 HH12 sing N N 74  
ARG NH2 HH21 sing N N 75  
ARG NH2 HH22 sing N N 76  
ARG OXT HXT  sing N N 77  
ASN N   CA   sing N N 78  
ASN N   H    sing N N 79  
ASN N   H2   sing N N 80  
ASN CA  C    sing N N 81  
ASN CA  CB   sing N N 82  
ASN CA  HA   sing N N 83  
ASN C   O    doub N N 84  
ASN C   OXT  sing N N 85  
ASN CB  CG   sing N N 86  
ASN CB  HB2  sing N N 87  
ASN CB  HB3  sing N N 88  
ASN CG  OD1  doub N N 89  
ASN CG  ND2  sing N N 90  
ASN ND2 HD21 sing N N 91  
ASN ND2 HD22 sing N N 92  
ASN OXT HXT  sing N N 93  
ASP N   CA   sing N N 94  
ASP N   H    sing N N 95  
ASP N   H2   sing N N 96  
ASP CA  C    sing N N 97  
ASP CA  CB   sing N N 98  
ASP CA  HA   sing N N 99  
ASP C   O    doub N N 100 
ASP C   OXT  sing N N 101 
ASP CB  CG   sing N N 102 
ASP CB  HB2  sing N N 103 
ASP CB  HB3  sing N N 104 
ASP CG  OD1  doub N N 105 
ASP CG  OD2  sing N N 106 
ASP OD2 HD2  sing N N 107 
ASP OXT HXT  sing N N 108 
CAC AS  O1   doub N N 109 
CAC AS  O2   sing N N 110 
CAC AS  C1   sing N N 111 
CAC AS  C2   sing N N 112 
CAC C1  H11  sing N N 113 
CAC C1  H12  sing N N 114 
CAC C1  H13  sing N N 115 
CAC C2  H21  sing N N 116 
CAC C2  H22  sing N N 117 
CAC C2  H23  sing N N 118 
CYS N   CA   sing N N 119 
CYS N   H    sing N N 120 
CYS N   H2   sing N N 121 
CYS CA  C    sing N N 122 
CYS CA  CB   sing N N 123 
CYS CA  HA   sing N N 124 
CYS C   O    doub N N 125 
CYS C   OXT  sing N N 126 
CYS CB  SG   sing N N 127 
CYS CB  HB2  sing N N 128 
CYS CB  HB3  sing N N 129 
CYS SG  HG   sing N N 130 
CYS OXT HXT  sing N N 131 
GLN N   CA   sing N N 132 
GLN N   H    sing N N 133 
GLN N   H2   sing N N 134 
GLN CA  C    sing N N 135 
GLN CA  CB   sing N N 136 
GLN CA  HA   sing N N 137 
GLN C   O    doub N N 138 
GLN C   OXT  sing N N 139 
GLN CB  CG   sing N N 140 
GLN CB  HB2  sing N N 141 
GLN CB  HB3  sing N N 142 
GLN CG  CD   sing N N 143 
GLN CG  HG2  sing N N 144 
GLN CG  HG3  sing N N 145 
GLN CD  OE1  doub N N 146 
GLN CD  NE2  sing N N 147 
GLN NE2 HE21 sing N N 148 
GLN NE2 HE22 sing N N 149 
GLN OXT HXT  sing N N 150 
GLU N   CA   sing N N 151 
GLU N   H    sing N N 152 
GLU N   H2   sing N N 153 
GLU CA  C    sing N N 154 
GLU CA  CB   sing N N 155 
GLU CA  HA   sing N N 156 
GLU C   O    doub N N 157 
GLU C   OXT  sing N N 158 
GLU CB  CG   sing N N 159 
GLU CB  HB2  sing N N 160 
GLU CB  HB3  sing N N 161 
GLU CG  CD   sing N N 162 
GLU CG  HG2  sing N N 163 
GLU CG  HG3  sing N N 164 
GLU CD  OE1  doub N N 165 
GLU CD  OE2  sing N N 166 
GLU OE2 HE2  sing N N 167 
GLU OXT HXT  sing N N 168 
GLY N   CA   sing N N 169 
GLY N   H    sing N N 170 
GLY N   H2   sing N N 171 
GLY CA  C    sing N N 172 
GLY CA  HA2  sing N N 173 
GLY CA  HA3  sing N N 174 
GLY C   O    doub N N 175 
GLY C   OXT  sing N N 176 
GLY OXT HXT  sing N N 177 
HIS N   CA   sing N N 178 
HIS N   H    sing N N 179 
HIS N   H2   sing N N 180 
HIS CA  C    sing N N 181 
HIS CA  CB   sing N N 182 
HIS CA  HA   sing N N 183 
HIS C   O    doub N N 184 
HIS C   OXT  sing N N 185 
HIS CB  CG   sing N N 186 
HIS CB  HB2  sing N N 187 
HIS CB  HB3  sing N N 188 
HIS CG  ND1  sing Y N 189 
HIS CG  CD2  doub Y N 190 
HIS ND1 CE1  doub Y N 191 
HIS ND1 HD1  sing N N 192 
HIS CD2 NE2  sing Y N 193 
HIS CD2 HD2  sing N N 194 
HIS CE1 NE2  sing Y N 195 
HIS CE1 HE1  sing N N 196 
HIS NE2 HE2  sing N N 197 
HIS OXT HXT  sing N N 198 
HOH O   H1   sing N N 199 
HOH O   H2   sing N N 200 
ILE N   CA   sing N N 201 
ILE N   H    sing N N 202 
ILE N   H2   sing N N 203 
ILE CA  C    sing N N 204 
ILE CA  CB   sing N N 205 
ILE CA  HA   sing N N 206 
ILE C   O    doub N N 207 
ILE C   OXT  sing N N 208 
ILE CB  CG1  sing N N 209 
ILE CB  CG2  sing N N 210 
ILE CB  HB   sing N N 211 
ILE CG1 CD1  sing N N 212 
ILE CG1 HG12 sing N N 213 
ILE CG1 HG13 sing N N 214 
ILE CG2 HG21 sing N N 215 
ILE CG2 HG22 sing N N 216 
ILE CG2 HG23 sing N N 217 
ILE CD1 HD11 sing N N 218 
ILE CD1 HD12 sing N N 219 
ILE CD1 HD13 sing N N 220 
ILE OXT HXT  sing N N 221 
LEU N   CA   sing N N 222 
LEU N   H    sing N N 223 
LEU N   H2   sing N N 224 
LEU CA  C    sing N N 225 
LEU CA  CB   sing N N 226 
LEU CA  HA   sing N N 227 
LEU C   O    doub N N 228 
LEU C   OXT  sing N N 229 
LEU CB  CG   sing N N 230 
LEU CB  HB2  sing N N 231 
LEU CB  HB3  sing N N 232 
LEU CG  CD1  sing N N 233 
LEU CG  CD2  sing N N 234 
LEU CG  HG   sing N N 235 
LEU CD1 HD11 sing N N 236 
LEU CD1 HD12 sing N N 237 
LEU CD1 HD13 sing N N 238 
LEU CD2 HD21 sing N N 239 
LEU CD2 HD22 sing N N 240 
LEU CD2 HD23 sing N N 241 
LEU OXT HXT  sing N N 242 
LYS N   CA   sing N N 243 
LYS N   H    sing N N 244 
LYS N   H2   sing N N 245 
LYS CA  C    sing N N 246 
LYS CA  CB   sing N N 247 
LYS CA  HA   sing N N 248 
LYS C   O    doub N N 249 
LYS C   OXT  sing N N 250 
LYS CB  CG   sing N N 251 
LYS CB  HB2  sing N N 252 
LYS CB  HB3  sing N N 253 
LYS CG  CD   sing N N 254 
LYS CG  HG2  sing N N 255 
LYS CG  HG3  sing N N 256 
LYS CD  CE   sing N N 257 
LYS CD  HD2  sing N N 258 
LYS CD  HD3  sing N N 259 
LYS CE  NZ   sing N N 260 
LYS CE  HE2  sing N N 261 
LYS CE  HE3  sing N N 262 
LYS NZ  HZ1  sing N N 263 
LYS NZ  HZ2  sing N N 264 
LYS NZ  HZ3  sing N N 265 
LYS OXT HXT  sing N N 266 
MET N   CA   sing N N 267 
MET N   H    sing N N 268 
MET N   H2   sing N N 269 
MET CA  C    sing N N 270 
MET CA  CB   sing N N 271 
MET CA  HA   sing N N 272 
MET C   O    doub N N 273 
MET C   OXT  sing N N 274 
MET CB  CG   sing N N 275 
MET CB  HB2  sing N N 276 
MET CB  HB3  sing N N 277 
MET CG  SD   sing N N 278 
MET CG  HG2  sing N N 279 
MET CG  HG3  sing N N 280 
MET SD  CE   sing N N 281 
MET CE  HE1  sing N N 282 
MET CE  HE2  sing N N 283 
MET CE  HE3  sing N N 284 
MET OXT HXT  sing N N 285 
PHE N   CA   sing N N 286 
PHE N   H    sing N N 287 
PHE N   H2   sing N N 288 
PHE CA  C    sing N N 289 
PHE CA  CB   sing N N 290 
PHE CA  HA   sing N N 291 
PHE C   O    doub N N 292 
PHE C   OXT  sing N N 293 
PHE CB  CG   sing N N 294 
PHE CB  HB2  sing N N 295 
PHE CB  HB3  sing N N 296 
PHE CG  CD1  doub Y N 297 
PHE CG  CD2  sing Y N 298 
PHE CD1 CE1  sing Y N 299 
PHE CD1 HD1  sing N N 300 
PHE CD2 CE2  doub Y N 301 
PHE CD2 HD2  sing N N 302 
PHE CE1 CZ   doub Y N 303 
PHE CE1 HE1  sing N N 304 
PHE CE2 CZ   sing Y N 305 
PHE CE2 HE2  sing N N 306 
PHE CZ  HZ   sing N N 307 
PHE OXT HXT  sing N N 308 
SER N   CA   sing N N 309 
SER N   H    sing N N 310 
SER N   H2   sing N N 311 
SER CA  C    sing N N 312 
SER CA  CB   sing N N 313 
SER CA  HA   sing N N 314 
SER C   O    doub N N 315 
SER C   OXT  sing N N 316 
SER CB  OG   sing N N 317 
SER CB  HB2  sing N N 318 
SER CB  HB3  sing N N 319 
SER OG  HG   sing N N 320 
SER OXT HXT  sing N N 321 
THR N   CA   sing N N 322 
THR N   H    sing N N 323 
THR N   H2   sing N N 324 
THR CA  C    sing N N 325 
THR CA  CB   sing N N 326 
THR CA  HA   sing N N 327 
THR C   O    doub N N 328 
THR C   OXT  sing N N 329 
THR CB  OG1  sing N N 330 
THR CB  CG2  sing N N 331 
THR CB  HB   sing N N 332 
THR OG1 HG1  sing N N 333 
THR CG2 HG21 sing N N 334 
THR CG2 HG22 sing N N 335 
THR CG2 HG23 sing N N 336 
THR OXT HXT  sing N N 337 
TYR N   CA   sing N N 338 
TYR N   H    sing N N 339 
TYR N   H2   sing N N 340 
TYR CA  C    sing N N 341 
TYR CA  CB   sing N N 342 
TYR CA  HA   sing N N 343 
TYR C   O    doub N N 344 
TYR C   OXT  sing N N 345 
TYR CB  CG   sing N N 346 
TYR CB  HB2  sing N N 347 
TYR CB  HB3  sing N N 348 
TYR CG  CD1  doub Y N 349 
TYR CG  CD2  sing Y N 350 
TYR CD1 CE1  sing Y N 351 
TYR CD1 HD1  sing N N 352 
TYR CD2 CE2  doub Y N 353 
TYR CD2 HD2  sing N N 354 
TYR CE1 CZ   doub Y N 355 
TYR CE1 HE1  sing N N 356 
TYR CE2 CZ   sing Y N 357 
TYR CE2 HE2  sing N N 358 
TYR CZ  OH   sing N N 359 
TYR OH  HH   sing N N 360 
TYR OXT HXT  sing N N 361 
VAL N   CA   sing N N 362 
VAL N   H    sing N N 363 
VAL N   H2   sing N N 364 
VAL CA  C    sing N N 365 
VAL CA  CB   sing N N 366 
VAL CA  HA   sing N N 367 
VAL C   O    doub N N 368 
VAL C   OXT  sing N N 369 
VAL CB  CG1  sing N N 370 
VAL CB  CG2  sing N N 371 
VAL CB  HB   sing N N 372 
VAL CG1 HG11 sing N N 373 
VAL CG1 HG12 sing N N 374 
VAL CG1 HG13 sing N N 375 
VAL CG2 HG21 sing N N 376 
VAL CG2 HG22 sing N N 377 
VAL CG2 HG23 sing N N 378 
VAL OXT HXT  sing N N 379 
# 
loop_
_pdbx_entity_nonpoly.entity_id 
_pdbx_entity_nonpoly.name 
_pdbx_entity_nonpoly.comp_id 
2 'CALCIUM ION'                                                   CA  
3 '(Z)-2-[2-(4-methylpiperazin-1-yl)benzyl]diazenecarbothioamide' 27A 
4 'CACODYLATE ION'                                                CAC 
5 water                                                           HOH 
# 
_pdbx_initial_refinement_model.id               1 
_pdbx_initial_refinement_model.entity_id_list   ? 
_pdbx_initial_refinement_model.type             'experimental model' 
_pdbx_initial_refinement_model.source_name      PDB 
_pdbx_initial_refinement_model.accession_code   1MHO 
_pdbx_initial_refinement_model.details          'PDB ENTRY 1MHO' 
# 
